data_2CPE
#
_entry.id   2CPE
#
_entity_poly.entity_id   1
_entity_poly.type   'polypeptide(L)'
_entity_poly.pdbx_seq_one_letter_code
;GSSGSSGDPDEDSDNSAIYVQGLNDSVTLDDLADFFKQCGVVKMNKRTGQPMIHIYLDKETGKPKGDATVSYEDPPTAKA
AVEWFDGKDFQGSKLKVSLARKKPPMNSGPSSG
;
_entity_poly.pdbx_strand_id   A
#
# COMPACT_ATOMS: atom_id res chain seq x y z
N GLY A 1 -29.75 -19.72 12.86
CA GLY A 1 -31.07 -19.12 13.01
C GLY A 1 -31.35 -18.67 14.43
N SER A 2 -30.73 -17.57 14.84
CA SER A 2 -30.91 -17.05 16.18
C SER A 2 -31.80 -15.80 16.16
N SER A 3 -32.48 -15.56 17.28
CA SER A 3 -33.37 -14.41 17.40
C SER A 3 -32.61 -13.17 17.84
N GLY A 4 -32.84 -12.05 17.15
CA GLY A 4 -32.17 -10.82 17.49
C GLY A 4 -30.82 -10.68 16.79
N SER A 5 -30.62 -9.55 16.13
CA SER A 5 -29.37 -9.30 15.41
C SER A 5 -28.34 -8.65 16.33
N SER A 6 -27.48 -9.48 16.92
CA SER A 6 -26.46 -8.98 17.82
C SER A 6 -25.12 -8.86 17.10
N GLY A 7 -24.94 -7.73 16.40
CA GLY A 7 -23.70 -7.51 15.67
C GLY A 7 -23.53 -8.46 14.50
N ASP A 8 -23.19 -7.91 13.34
CA ASP A 8 -23.00 -8.70 12.14
C ASP A 8 -21.51 -8.82 11.80
N PRO A 9 -21.13 -9.96 11.22
CA PRO A 9 -19.74 -10.24 10.83
C PRO A 9 -19.30 -9.38 9.65
N ASP A 10 -17.99 -9.14 9.55
CA ASP A 10 -17.45 -8.34 8.46
C ASP A 10 -15.93 -8.41 8.45
N GLU A 11 -15.32 -7.94 7.36
CA GLU A 11 -13.87 -7.94 7.24
C GLU A 11 -13.22 -7.01 8.26
N ASP A 12 -12.50 -7.61 9.20
CA ASP A 12 -11.82 -6.83 10.24
C ASP A 12 -10.35 -6.64 9.91
N SER A 13 -10.06 -6.31 8.66
CA SER A 13 -8.69 -6.11 8.21
C SER A 13 -8.18 -4.73 8.64
N ASP A 14 -7.96 -4.57 9.94
CA ASP A 14 -7.46 -3.30 10.47
C ASP A 14 -6.46 -2.66 9.52
N ASN A 15 -5.63 -3.50 8.91
CA ASN A 15 -4.61 -3.02 7.97
C ASN A 15 -5.19 -1.98 7.01
N SER A 16 -4.75 -0.74 7.15
CA SER A 16 -5.24 0.33 6.30
C SER A 16 -4.16 0.76 5.30
N ALA A 17 -3.15 -0.09 5.13
CA ALA A 17 -2.06 0.19 4.20
C ALA A 17 -2.08 -0.78 3.03
N ILE A 18 -1.42 -0.40 1.94
CA ILE A 18 -1.35 -1.24 0.76
C ILE A 18 0.09 -1.37 0.25
N TYR A 19 0.41 -2.55 -0.27
CA TYR A 19 1.75 -2.80 -0.79
C TYR A 19 1.76 -2.76 -2.32
N VAL A 20 2.41 -1.75 -2.88
CA VAL A 20 2.49 -1.60 -4.33
C VAL A 20 3.80 -2.16 -4.86
N GLN A 21 3.72 -2.84 -6.01
CA GLN A 21 4.90 -3.43 -6.63
C GLN A 21 4.80 -3.38 -8.15
N GLY A 22 5.78 -2.75 -8.78
CA GLY A 22 5.79 -2.65 -10.23
C GLY A 22 6.01 -1.22 -10.70
N LEU A 23 6.51 -0.37 -9.81
CA LEU A 23 6.77 1.03 -10.14
C LEU A 23 8.05 1.17 -10.96
N ASN A 24 8.11 2.22 -11.77
CA ASN A 24 9.28 2.47 -12.60
C ASN A 24 10.43 3.04 -11.77
N ASP A 25 11.55 3.31 -12.43
CA ASP A 25 12.72 3.86 -11.76
C ASP A 25 12.67 5.38 -11.73
N SER A 26 11.57 5.94 -12.23
CA SER A 26 11.41 7.39 -12.27
C SER A 26 10.18 7.81 -11.47
N VAL A 27 9.69 6.91 -10.62
CA VAL A 27 8.52 7.19 -9.80
C VAL A 27 8.91 7.99 -8.55
N THR A 28 8.13 9.03 -8.26
CA THR A 28 8.39 9.87 -7.11
C THR A 28 7.23 9.82 -6.12
N LEU A 29 7.50 10.20 -4.87
CA LEU A 29 6.48 10.20 -3.84
C LEU A 29 5.24 10.99 -4.28
N ASP A 30 5.42 12.29 -4.50
CA ASP A 30 4.33 13.15 -4.93
C ASP A 30 3.54 12.50 -6.06
N ASP A 31 4.26 11.84 -6.97
CA ASP A 31 3.63 11.17 -8.11
C ASP A 31 2.73 10.03 -7.63
N LEU A 32 3.12 9.39 -6.54
CA LEU A 32 2.35 8.28 -5.99
C LEU A 32 1.26 8.79 -5.04
N ALA A 33 1.52 9.94 -4.42
CA ALA A 33 0.57 10.53 -3.50
C ALA A 33 -0.63 11.12 -4.24
N ASP A 34 -0.37 11.74 -5.38
CA ASP A 34 -1.43 12.34 -6.19
C ASP A 34 -2.20 11.27 -6.95
N PHE A 35 -1.58 10.10 -7.12
CA PHE A 35 -2.21 9.00 -7.84
C PHE A 35 -2.97 8.09 -6.87
N PHE A 36 -2.27 7.62 -5.84
CA PHE A 36 -2.87 6.75 -4.86
C PHE A 36 -4.08 7.41 -4.20
N LYS A 37 -4.12 8.73 -4.23
CA LYS A 37 -5.22 9.48 -3.65
C LYS A 37 -6.46 9.40 -4.53
N GLN A 38 -6.29 8.90 -5.75
CA GLN A 38 -7.40 8.76 -6.67
C GLN A 38 -8.59 8.09 -6.01
N CYS A 39 -8.35 6.93 -5.41
CA CYS A 39 -9.41 6.18 -4.74
C CYS A 39 -10.03 7.01 -3.61
N GLY A 40 -9.22 7.29 -2.59
CA GLY A 40 -9.69 8.07 -1.47
C GLY A 40 -8.70 9.11 -1.02
N VAL A 41 -8.33 9.08 0.26
CA VAL A 41 -7.37 10.04 0.81
C VAL A 41 -6.21 9.32 1.48
N VAL A 42 -4.99 9.70 1.11
CA VAL A 42 -3.79 9.10 1.68
C VAL A 42 -3.44 9.74 3.02
N LYS A 43 -3.32 8.89 4.05
CA LYS A 43 -2.99 9.37 5.38
C LYS A 43 -1.84 10.37 5.33
N MET A 44 -2.16 11.64 5.55
CA MET A 44 -1.15 12.70 5.54
C MET A 44 -0.79 13.14 6.95
N ASN A 45 0.51 13.12 7.26
CA ASN A 45 0.97 13.51 8.58
C ASN A 45 0.45 14.89 8.96
N LYS A 46 0.18 15.09 10.25
CA LYS A 46 -0.32 16.36 10.74
C LYS A 46 0.82 17.23 11.26
N ARG A 47 1.99 16.63 11.43
CA ARG A 47 3.16 17.36 11.91
C ARG A 47 4.11 17.67 10.76
N THR A 48 4.31 16.70 9.88
CA THR A 48 5.19 16.86 8.74
C THR A 48 4.42 17.24 7.48
N GLY A 49 3.12 16.97 7.50
CA GLY A 49 2.28 17.29 6.35
C GLY A 49 2.63 16.47 5.13
N GLN A 50 3.35 15.37 5.34
CA GLN A 50 3.74 14.50 4.24
C GLN A 50 2.94 13.21 4.24
N PRO A 51 2.79 12.61 3.05
CA PRO A 51 2.03 11.35 2.89
C PRO A 51 2.75 10.16 3.51
N MET A 52 1.97 9.21 4.02
CA MET A 52 2.53 8.01 4.63
C MET A 52 2.93 6.98 3.57
N ILE A 53 3.52 7.47 2.48
CA ILE A 53 3.93 6.60 1.40
C ILE A 53 5.43 6.31 1.47
N HIS A 54 5.80 5.05 1.24
CA HIS A 54 7.20 4.64 1.28
C HIS A 54 7.65 4.11 -0.08
N ILE A 55 8.90 4.41 -0.44
CA ILE A 55 9.45 3.95 -1.71
C ILE A 55 10.85 3.38 -1.52
N TYR A 56 10.93 2.06 -1.35
CA TYR A 56 12.21 1.39 -1.16
C TYR A 56 13.13 1.62 -2.36
N LEU A 57 14.33 2.13 -2.10
CA LEU A 57 15.29 2.39 -3.16
C LEU A 57 16.46 1.41 -3.09
N ASP A 58 16.84 0.86 -4.24
CA ASP A 58 17.94 -0.08 -4.30
C ASP A 58 19.21 0.51 -3.70
N LYS A 59 19.74 -0.16 -2.68
CA LYS A 59 20.96 0.30 -2.01
C LYS A 59 22.17 0.15 -2.93
N GLU A 60 21.94 -0.37 -4.13
CA GLU A 60 23.01 -0.57 -5.10
C GLU A 60 23.20 0.68 -5.96
N THR A 61 22.08 1.31 -6.33
CA THR A 61 22.13 2.51 -7.15
C THR A 61 21.39 3.66 -6.48
N GLY A 62 20.32 3.35 -5.76
CA GLY A 62 19.55 4.37 -5.07
C GLY A 62 18.22 4.64 -5.74
N LYS A 63 17.97 3.95 -6.85
CA LYS A 63 16.72 4.12 -7.59
C LYS A 63 15.61 3.26 -7.00
N PRO A 64 14.36 3.71 -7.17
CA PRO A 64 13.19 2.99 -6.66
C PRO A 64 12.93 1.68 -7.41
N LYS A 65 13.45 0.59 -6.87
CA LYS A 65 13.27 -0.72 -7.49
C LYS A 65 11.92 -0.82 -8.18
N GLY A 66 10.86 -0.51 -7.45
CA GLY A 66 9.52 -0.57 -8.00
C GLY A 66 8.46 -0.83 -6.95
N ASP A 67 8.89 -1.27 -5.77
CA ASP A 67 7.97 -1.56 -4.68
C ASP A 67 7.72 -0.30 -3.85
N ALA A 68 6.59 -0.29 -3.14
CA ALA A 68 6.23 0.85 -2.30
C ALA A 68 5.03 0.53 -1.42
N THR A 69 4.72 1.42 -0.49
CA THR A 69 3.60 1.24 0.41
C THR A 69 2.83 2.54 0.62
N VAL A 70 1.51 2.43 0.73
CA VAL A 70 0.67 3.60 0.93
C VAL A 70 -0.30 3.39 2.09
N SER A 71 -0.09 4.13 3.18
CA SER A 71 -0.94 4.01 4.35
C SER A 71 -2.15 4.93 4.24
N TYR A 72 -3.34 4.33 4.16
CA TYR A 72 -4.57 5.10 4.04
C TYR A 72 -5.13 5.45 5.42
N GLU A 73 -6.05 6.40 5.45
CA GLU A 73 -6.66 6.84 6.71
C GLU A 73 -7.39 5.68 7.38
N ASP A 74 -8.41 5.16 6.72
CA ASP A 74 -9.19 4.04 7.25
C ASP A 74 -9.06 2.81 6.38
N PRO A 75 -9.28 1.63 6.97
CA PRO A 75 -9.19 0.35 6.26
C PRO A 75 -10.12 0.30 5.06
N PRO A 76 -11.36 0.78 5.24
CA PRO A 76 -12.36 0.79 4.18
C PRO A 76 -11.84 1.39 2.89
N THR A 77 -10.89 2.31 3.01
CA THR A 77 -10.30 2.97 1.84
C THR A 77 -9.14 2.15 1.28
N ALA A 78 -8.34 1.58 2.17
CA ALA A 78 -7.21 0.76 1.76
C ALA A 78 -7.66 -0.45 0.96
N LYS A 79 -8.60 -1.20 1.53
CA LYS A 79 -9.12 -2.40 0.87
C LYS A 79 -9.73 -2.05 -0.48
N ALA A 80 -10.35 -0.88 -0.57
CA ALA A 80 -10.97 -0.44 -1.82
C ALA A 80 -9.91 0.07 -2.80
N ALA A 81 -8.84 0.64 -2.27
CA ALA A 81 -7.76 1.16 -3.09
C ALA A 81 -6.95 0.05 -3.72
N VAL A 82 -6.81 -1.06 -3.00
CA VAL A 82 -6.07 -2.21 -3.50
C VAL A 82 -6.60 -2.67 -4.84
N GLU A 83 -7.87 -3.07 -4.86
CA GLU A 83 -8.50 -3.54 -6.10
C GLU A 83 -8.62 -2.39 -7.11
N TRP A 84 -8.45 -1.17 -6.64
CA TRP A 84 -8.54 0.01 -7.50
C TRP A 84 -7.27 0.17 -8.32
N PHE A 85 -6.12 0.17 -7.65
CA PHE A 85 -4.84 0.32 -8.33
C PHE A 85 -4.28 -1.04 -8.73
N ASP A 86 -4.79 -2.09 -8.12
CA ASP A 86 -4.34 -3.45 -8.41
C ASP A 86 -4.49 -3.77 -9.90
N GLY A 87 -3.39 -3.68 -10.63
CA GLY A 87 -3.41 -3.95 -12.06
C GLY A 87 -3.42 -2.68 -12.90
N LYS A 88 -3.12 -1.55 -12.25
CA LYS A 88 -3.10 -0.27 -12.95
C LYS A 88 -1.90 -0.18 -13.89
N ASP A 89 -1.76 0.97 -14.55
CA ASP A 89 -0.65 1.18 -15.48
C ASP A 89 0.04 2.51 -15.20
N PHE A 90 1.19 2.45 -14.54
CA PHE A 90 1.94 3.66 -14.22
C PHE A 90 3.12 3.83 -15.16
N GLN A 91 3.07 4.88 -15.99
CA GLN A 91 4.13 5.16 -16.94
C GLN A 91 4.33 3.99 -17.90
N GLY A 92 3.26 3.22 -18.12
CA GLY A 92 3.34 2.08 -19.01
C GLY A 92 3.59 0.78 -18.27
N SER A 93 4.04 0.89 -17.02
CA SER A 93 4.32 -0.28 -16.21
C SER A 93 3.10 -0.70 -15.41
N LYS A 94 3.00 -1.99 -15.13
CA LYS A 94 1.88 -2.54 -14.38
C LYS A 94 2.15 -2.48 -12.87
N LEU A 95 1.16 -2.01 -12.12
CA LEU A 95 1.31 -1.91 -10.66
C LEU A 95 0.56 -3.04 -9.96
N LYS A 96 1.13 -3.54 -8.88
CA LYS A 96 0.52 -4.62 -8.12
C LYS A 96 0.27 -4.19 -6.67
N VAL A 97 -0.99 -3.86 -6.37
CA VAL A 97 -1.35 -3.43 -5.03
C VAL A 97 -1.93 -4.59 -4.23
N SER A 98 -1.46 -4.76 -3.00
CA SER A 98 -1.93 -5.83 -2.13
C SER A 98 -1.75 -5.46 -0.67
N LEU A 99 -2.83 -5.60 0.11
CA LEU A 99 -2.79 -5.28 1.53
C LEU A 99 -1.52 -5.81 2.18
N ALA A 100 -0.62 -4.91 2.56
CA ALA A 100 0.63 -5.30 3.19
C ALA A 100 0.44 -6.50 4.10
N ARG A 101 -0.49 -6.38 5.05
CA ARG A 101 -0.77 -7.46 5.99
C ARG A 101 -1.90 -8.34 5.48
N LYS A 102 -1.55 -9.41 4.78
CA LYS A 102 -2.53 -10.33 4.23
C LYS A 102 -2.17 -11.77 4.56
N LYS A 103 -3.12 -12.51 5.11
CA LYS A 103 -2.91 -13.91 5.47
C LYS A 103 -4.23 -14.63 5.68
N PRO A 104 -4.33 -15.86 5.15
CA PRO A 104 -5.54 -16.68 5.28
C PRO A 104 -5.77 -17.16 6.70
N PRO A 105 -7.05 -17.34 7.07
CA PRO A 105 -7.43 -17.81 8.41
C PRO A 105 -7.06 -19.27 8.64
N MET A 106 -7.48 -19.81 9.78
CA MET A 106 -7.18 -21.19 10.12
C MET A 106 -8.33 -22.11 9.70
N ASN A 107 -9.55 -21.72 10.04
CA ASN A 107 -10.73 -22.50 9.69
C ASN A 107 -10.82 -22.72 8.18
N SER A 108 -10.71 -23.97 7.76
CA SER A 108 -10.77 -24.31 6.34
C SER A 108 -9.63 -23.64 5.57
N GLY A 109 -8.52 -23.39 6.26
CA GLY A 109 -7.39 -22.76 5.62
C GLY A 109 -6.67 -23.68 4.67
N PRO A 110 -5.83 -24.58 5.21
CA PRO A 110 -5.07 -25.54 4.40
C PRO A 110 -5.96 -26.61 3.77
N SER A 111 -5.60 -27.04 2.57
CA SER A 111 -6.38 -28.05 1.85
C SER A 111 -5.57 -29.33 1.69
N SER A 112 -4.34 -29.19 1.20
CA SER A 112 -3.47 -30.34 0.98
C SER A 112 -2.01 -29.90 0.92
N GLY A 113 -1.11 -30.87 0.77
CA GLY A 113 0.30 -30.57 0.70
C GLY A 113 0.94 -31.07 -0.58
N GLY A 1 -20.48 -14.44 -3.83
CA GLY A 1 -21.88 -14.78 -3.59
C GLY A 1 -22.83 -13.79 -4.23
N SER A 2 -24.03 -13.67 -3.67
CA SER A 2 -25.04 -12.75 -4.21
C SER A 2 -24.84 -11.35 -3.63
N SER A 3 -24.00 -10.56 -4.29
CA SER A 3 -23.73 -9.20 -3.85
C SER A 3 -24.17 -8.18 -4.90
N GLY A 4 -24.83 -7.13 -4.46
CA GLY A 4 -25.30 -6.10 -5.37
C GLY A 4 -26.57 -5.43 -4.90
N SER A 5 -27.58 -6.25 -4.58
CA SER A 5 -28.86 -5.73 -4.11
C SER A 5 -28.97 -5.84 -2.59
N SER A 6 -28.92 -7.07 -2.09
CA SER A 6 -29.01 -7.31 -0.66
C SER A 6 -27.83 -8.14 -0.16
N GLY A 7 -26.96 -7.52 0.62
CA GLY A 7 -25.80 -8.22 1.15
C GLY A 7 -25.17 -7.50 2.33
N ASP A 8 -24.26 -8.17 3.01
CA ASP A 8 -23.58 -7.60 4.17
C ASP A 8 -22.07 -7.58 3.97
N PRO A 9 -21.42 -6.52 4.45
CA PRO A 9 -19.96 -6.36 4.35
C PRO A 9 -19.20 -7.34 5.22
N ASP A 10 -17.92 -7.53 4.92
CA ASP A 10 -17.09 -8.45 5.69
C ASP A 10 -15.68 -7.87 5.88
N GLU A 11 -14.95 -8.42 6.84
CA GLU A 11 -13.59 -7.97 7.13
C GLU A 11 -12.64 -9.14 7.24
N ASP A 12 -11.42 -8.97 6.73
CA ASP A 12 -10.41 -10.02 6.78
C ASP A 12 -9.37 -9.72 7.86
N SER A 13 -8.91 -8.47 7.90
CA SER A 13 -7.91 -8.06 8.88
C SER A 13 -7.83 -6.54 8.96
N ASP A 14 -7.49 -6.03 10.14
CA ASP A 14 -7.38 -4.59 10.35
C ASP A 14 -6.10 -4.05 9.72
N ASN A 15 -6.19 -3.65 8.46
CA ASN A 15 -5.03 -3.12 7.74
C ASN A 15 -5.43 -1.93 6.87
N SER A 16 -4.88 -0.76 7.20
CA SER A 16 -5.19 0.46 6.45
C SER A 16 -4.00 0.86 5.57
N ALA A 17 -3.37 -0.12 4.96
CA ALA A 17 -2.22 0.13 4.10
C ALA A 17 -2.25 -0.80 2.88
N ILE A 18 -1.59 -0.37 1.80
CA ILE A 18 -1.53 -1.17 0.59
C ILE A 18 -0.09 -1.33 0.11
N TYR A 19 0.22 -2.51 -0.41
CA TYR A 19 1.57 -2.79 -0.91
C TYR A 19 1.60 -2.77 -2.43
N VAL A 20 2.29 -1.77 -2.99
CA VAL A 20 2.40 -1.62 -4.43
C VAL A 20 3.72 -2.21 -4.93
N GLN A 21 3.66 -2.90 -6.07
CA GLN A 21 4.85 -3.51 -6.65
C GLN A 21 4.78 -3.47 -8.18
N GLY A 22 5.76 -2.81 -8.80
CA GLY A 22 5.79 -2.72 -10.24
C GLY A 22 5.99 -1.28 -10.72
N LEU A 23 6.43 -0.42 -9.82
CA LEU A 23 6.66 0.98 -10.16
C LEU A 23 7.92 1.14 -10.99
N ASN A 24 7.98 2.22 -11.77
CA ASN A 24 9.14 2.49 -12.62
C ASN A 24 10.31 2.99 -11.80
N ASP A 25 11.42 3.30 -12.47
CA ASP A 25 12.62 3.79 -11.79
C ASP A 25 12.60 5.31 -11.71
N SER A 26 11.51 5.92 -12.17
CA SER A 26 11.38 7.37 -12.16
C SER A 26 10.16 7.79 -11.35
N VAL A 27 9.64 6.88 -10.54
CA VAL A 27 8.47 7.15 -9.72
C VAL A 27 8.84 8.00 -8.50
N THR A 28 8.05 9.03 -8.23
CA THR A 28 8.30 9.91 -7.10
C THR A 28 7.15 9.88 -6.11
N LEU A 29 7.43 10.20 -4.85
CA LEU A 29 6.42 10.19 -3.81
C LEU A 29 5.20 11.01 -4.24
N ASP A 30 5.40 12.29 -4.46
CA ASP A 30 4.31 13.18 -4.88
C ASP A 30 3.51 12.55 -6.02
N ASP A 31 4.20 11.87 -6.91
CA ASP A 31 3.55 11.21 -8.05
C ASP A 31 2.69 10.04 -7.58
N LEU A 32 3.09 9.42 -6.48
CA LEU A 32 2.36 8.29 -5.92
C LEU A 32 1.26 8.77 -4.99
N ALA A 33 1.47 9.92 -4.37
CA ALA A 33 0.49 10.48 -3.45
C ALA A 33 -0.72 11.03 -4.20
N ASP A 34 -0.46 11.72 -5.29
CA ASP A 34 -1.53 12.31 -6.11
C ASP A 34 -2.24 11.22 -6.92
N PHE A 35 -1.57 10.08 -7.08
CA PHE A 35 -2.14 8.97 -7.83
C PHE A 35 -2.90 8.01 -6.92
N PHE A 36 -2.27 7.65 -5.81
CA PHE A 36 -2.88 6.74 -4.85
C PHE A 36 -4.10 7.38 -4.18
N LYS A 37 -4.09 8.71 -4.13
CA LYS A 37 -5.19 9.45 -3.52
C LYS A 37 -6.44 9.40 -4.40
N GLN A 38 -6.28 8.88 -5.62
CA GLN A 38 -7.38 8.78 -6.55
C GLN A 38 -8.58 8.09 -5.91
N CYS A 39 -8.34 6.92 -5.32
CA CYS A 39 -9.40 6.16 -4.67
C CYS A 39 -10.02 6.96 -3.52
N GLY A 40 -9.21 7.22 -2.49
CA GLY A 40 -9.70 7.97 -1.34
C GLY A 40 -8.72 9.04 -0.89
N VAL A 41 -8.37 9.02 0.38
CA VAL A 41 -7.43 10.00 0.93
C VAL A 41 -6.25 9.31 1.59
N VAL A 42 -5.04 9.73 1.20
CA VAL A 42 -3.82 9.16 1.75
C VAL A 42 -3.46 9.82 3.08
N LYS A 43 -3.33 9.00 4.13
CA LYS A 43 -2.98 9.49 5.45
C LYS A 43 -1.80 10.45 5.38
N MET A 44 -2.06 11.74 5.59
CA MET A 44 -1.02 12.76 5.54
C MET A 44 -0.67 13.22 6.95
N ASN A 45 0.61 13.12 7.31
CA ASN A 45 1.08 13.53 8.62
C ASN A 45 0.61 14.95 8.95
N LYS A 46 0.29 15.19 10.21
CA LYS A 46 -0.18 16.49 10.66
C LYS A 46 0.98 17.33 11.20
N ARG A 47 2.14 16.69 11.35
CA ARG A 47 3.32 17.38 11.85
C ARG A 47 4.28 17.72 10.72
N THR A 48 4.51 16.76 9.84
CA THR A 48 5.41 16.97 8.70
C THR A 48 4.64 17.35 7.45
N GLY A 49 3.35 17.02 7.43
CA GLY A 49 2.52 17.35 6.28
C GLY A 49 2.86 16.52 5.06
N GLN A 50 3.45 15.35 5.29
CA GLN A 50 3.83 14.46 4.21
C GLN A 50 2.99 13.19 4.23
N PRO A 51 2.81 12.58 3.04
CA PRO A 51 2.02 11.35 2.90
C PRO A 51 2.72 10.15 3.53
N MET A 52 1.92 9.19 4.01
CA MET A 52 2.46 8.00 4.63
C MET A 52 2.85 6.96 3.58
N ILE A 53 3.43 7.43 2.47
CA ILE A 53 3.85 6.55 1.40
C ILE A 53 5.33 6.22 1.50
N HIS A 54 5.67 4.96 1.27
CA HIS A 54 7.05 4.51 1.34
C HIS A 54 7.52 4.00 -0.03
N ILE A 55 8.76 4.35 -0.39
CA ILE A 55 9.33 3.93 -1.66
C ILE A 55 10.74 3.38 -1.47
N TYR A 56 10.82 2.06 -1.36
CA TYR A 56 12.12 1.40 -1.18
C TYR A 56 13.03 1.63 -2.38
N LEU A 57 14.23 2.10 -2.12
CA LEU A 57 15.20 2.37 -3.19
C LEU A 57 16.37 1.39 -3.10
N ASP A 58 16.77 0.86 -4.25
CA ASP A 58 17.88 -0.08 -4.32
C ASP A 58 19.15 0.53 -3.72
N LYS A 59 19.69 -0.13 -2.70
CA LYS A 59 20.90 0.34 -2.04
C LYS A 59 22.11 0.20 -2.96
N GLU A 60 21.89 -0.34 -4.15
CA GLU A 60 22.97 -0.51 -5.12
C GLU A 60 23.13 0.72 -5.99
N THR A 61 22.02 1.33 -6.36
CA THR A 61 22.03 2.53 -7.20
C THR A 61 21.31 3.69 -6.52
N GLY A 62 20.26 3.37 -5.78
CA GLY A 62 19.49 4.40 -5.09
C GLY A 62 18.16 4.66 -5.74
N LYS A 63 17.90 4.00 -6.86
CA LYS A 63 16.65 4.17 -7.58
C LYS A 63 15.55 3.29 -6.99
N PRO A 64 14.29 3.73 -7.14
CA PRO A 64 13.13 2.99 -6.63
C PRO A 64 12.88 1.70 -7.39
N LYS A 65 13.40 0.60 -6.86
CA LYS A 65 13.23 -0.71 -7.49
C LYS A 65 11.87 -0.80 -8.19
N GLY A 66 10.81 -0.49 -7.45
CA GLY A 66 9.47 -0.55 -8.01
C GLY A 66 8.42 -0.82 -6.97
N ASP A 67 8.85 -1.27 -5.80
CA ASP A 67 7.92 -1.58 -4.71
C ASP A 67 7.66 -0.33 -3.86
N ALA A 68 6.51 -0.31 -3.21
CA ALA A 68 6.13 0.83 -2.36
C ALA A 68 4.93 0.48 -1.49
N THR A 69 4.62 1.37 -0.55
CA THR A 69 3.49 1.17 0.35
C THR A 69 2.73 2.47 0.59
N VAL A 70 1.41 2.37 0.68
CA VAL A 70 0.57 3.54 0.90
C VAL A 70 -0.38 3.32 2.07
N SER A 71 -0.17 4.07 3.15
CA SER A 71 -1.00 3.95 4.34
C SER A 71 -2.22 4.86 4.23
N TYR A 72 -3.40 4.26 4.16
CA TYR A 72 -4.64 5.01 4.06
C TYR A 72 -5.17 5.39 5.44
N GLU A 73 -6.14 6.29 5.48
CA GLU A 73 -6.73 6.72 6.74
C GLU A 73 -7.48 5.58 7.41
N ASP A 74 -8.51 5.08 6.74
CA ASP A 74 -9.31 3.97 7.27
C ASP A 74 -9.19 2.74 6.39
N PRO A 75 -9.44 1.56 6.98
CA PRO A 75 -9.37 0.28 6.26
C PRO A 75 -10.28 0.25 5.04
N PRO A 76 -11.52 0.75 5.22
CA PRO A 76 -12.51 0.79 4.15
C PRO A 76 -11.96 1.40 2.87
N THR A 77 -10.97 2.28 3.00
CA THR A 77 -10.37 2.93 1.85
C THR A 77 -9.23 2.09 1.28
N ALA A 78 -8.43 1.50 2.17
CA ALA A 78 -7.31 0.67 1.77
C ALA A 78 -7.78 -0.51 0.93
N LYS A 79 -8.71 -1.29 1.47
CA LYS A 79 -9.25 -2.46 0.78
C LYS A 79 -9.81 -2.05 -0.58
N ALA A 80 -10.40 -0.87 -0.65
CA ALA A 80 -10.97 -0.38 -1.90
C ALA A 80 -9.88 0.13 -2.85
N ALA A 81 -8.82 0.68 -2.28
CA ALA A 81 -7.71 1.20 -3.07
C ALA A 81 -6.92 0.06 -3.71
N VAL A 82 -6.86 -1.07 -3.03
CA VAL A 82 -6.14 -2.23 -3.54
C VAL A 82 -6.67 -2.66 -4.90
N GLU A 83 -7.93 -3.09 -4.92
CA GLU A 83 -8.57 -3.53 -6.17
C GLU A 83 -8.70 -2.37 -7.15
N TRP A 84 -8.45 -1.16 -6.67
CA TRP A 84 -8.54 0.03 -7.50
C TRP A 84 -7.29 0.20 -8.35
N PHE A 85 -6.13 0.25 -7.68
CA PHE A 85 -4.86 0.41 -8.38
C PHE A 85 -4.29 -0.94 -8.78
N ASP A 86 -4.78 -2.00 -8.15
CA ASP A 86 -4.31 -3.35 -8.44
C ASP A 86 -4.45 -3.66 -9.93
N GLY A 87 -3.35 -3.48 -10.65
CA GLY A 87 -3.35 -3.75 -12.08
C GLY A 87 -3.35 -2.48 -12.90
N LYS A 88 -3.00 -1.36 -12.28
CA LYS A 88 -2.96 -0.08 -12.96
C LYS A 88 -1.72 0.04 -13.84
N ASP A 89 -1.67 1.09 -14.66
CA ASP A 89 -0.54 1.31 -15.54
C ASP A 89 0.20 2.59 -15.18
N PHE A 90 1.41 2.45 -14.65
CA PHE A 90 2.22 3.59 -14.26
C PHE A 90 3.46 3.72 -15.14
N GLN A 91 3.44 4.71 -16.03
CA GLN A 91 4.56 4.94 -16.93
C GLN A 91 4.77 3.74 -17.85
N GLY A 92 3.70 2.99 -18.09
CA GLY A 92 3.79 1.83 -18.95
C GLY A 92 4.07 0.55 -18.18
N SER A 93 4.30 0.69 -16.88
CA SER A 93 4.58 -0.46 -16.02
C SER A 93 3.37 -0.80 -15.15
N LYS A 94 2.98 -2.07 -15.17
CA LYS A 94 1.83 -2.52 -14.39
C LYS A 94 2.16 -2.53 -12.90
N LEU A 95 1.22 -2.07 -12.08
CA LEU A 95 1.40 -2.02 -10.64
C LEU A 95 0.64 -3.15 -9.95
N LYS A 96 1.16 -3.60 -8.81
CA LYS A 96 0.53 -4.67 -8.05
C LYS A 96 0.23 -4.22 -6.62
N VAL A 97 -1.03 -3.86 -6.37
CA VAL A 97 -1.44 -3.42 -5.05
C VAL A 97 -2.04 -4.57 -4.25
N SER A 98 -1.53 -4.76 -3.03
CA SER A 98 -2.01 -5.83 -2.17
C SER A 98 -1.96 -5.41 -0.71
N LEU A 99 -3.09 -5.51 -0.03
CA LEU A 99 -3.18 -5.13 1.38
C LEU A 99 -1.91 -5.55 2.14
N ALA A 100 -1.04 -4.57 2.39
CA ALA A 100 0.21 -4.84 3.10
C ALA A 100 -0.04 -5.72 4.33
N ARG A 101 0.73 -6.80 4.43
CA ARG A 101 0.59 -7.73 5.54
C ARG A 101 1.89 -7.79 6.35
N LYS A 102 1.80 -7.48 7.63
CA LYS A 102 2.96 -7.50 8.52
C LYS A 102 2.64 -8.22 9.83
N LYS A 103 3.61 -8.23 10.74
CA LYS A 103 3.42 -8.88 12.03
C LYS A 103 3.81 -7.94 13.17
N PRO A 104 3.19 -8.14 14.35
CA PRO A 104 3.46 -7.33 15.53
C PRO A 104 4.85 -7.58 16.11
N PRO A 105 5.44 -6.54 16.72
CA PRO A 105 6.77 -6.63 17.32
C PRO A 105 6.78 -7.50 18.59
N MET A 106 5.60 -7.98 18.97
CA MET A 106 5.48 -8.83 20.16
C MET A 106 4.63 -10.06 19.85
N ASN A 107 4.95 -11.17 20.50
CA ASN A 107 4.22 -12.41 20.31
C ASN A 107 2.77 -12.28 20.80
N SER A 108 1.83 -12.79 20.01
CA SER A 108 0.43 -12.73 20.36
C SER A 108 -0.12 -14.12 20.67
N GLY A 109 0.05 -14.55 21.92
CA GLY A 109 -0.43 -15.86 22.33
C GLY A 109 0.50 -16.54 23.31
N PRO A 110 0.37 -16.18 24.60
CA PRO A 110 1.21 -16.75 25.67
C PRO A 110 0.88 -18.22 25.94
N SER A 111 1.92 -19.03 26.09
CA SER A 111 1.74 -20.45 26.36
C SER A 111 0.54 -20.70 27.26
N SER A 112 -0.29 -21.67 26.89
CA SER A 112 -1.47 -22.00 27.66
C SER A 112 -1.37 -23.40 28.26
N GLY A 113 -2.27 -23.72 29.19
CA GLY A 113 -2.25 -25.02 29.83
C GLY A 113 -2.32 -26.15 28.82
N GLY A 1 19.06 11.93 14.98
CA GLY A 1 19.55 12.20 13.64
C GLY A 1 18.71 11.52 12.58
N SER A 2 17.48 11.97 12.42
CA SER A 2 16.58 11.40 11.42
C SER A 2 15.55 12.43 10.96
N SER A 3 15.26 12.43 9.67
CA SER A 3 14.30 13.37 9.11
C SER A 3 12.94 13.22 9.77
N GLY A 4 12.75 12.10 10.47
CA GLY A 4 11.49 11.85 11.15
C GLY A 4 11.46 10.51 11.85
N SER A 5 12.01 10.47 13.07
CA SER A 5 12.05 9.24 13.85
C SER A 5 10.93 9.21 14.87
N SER A 6 10.01 8.27 14.70
CA SER A 6 8.88 8.13 15.62
C SER A 6 9.34 7.61 16.97
N GLY A 7 10.21 6.60 16.95
CA GLY A 7 10.71 6.04 18.19
C GLY A 7 10.64 4.51 18.20
N ASP A 8 9.43 3.99 17.97
CA ASP A 8 9.23 2.55 17.95
C ASP A 8 8.21 2.15 16.88
N PRO A 9 8.47 1.03 16.20
CA PRO A 9 7.59 0.53 15.14
C PRO A 9 6.27 0.00 15.70
N ASP A 10 5.36 0.92 15.98
CA ASP A 10 4.04 0.55 16.51
C ASP A 10 3.08 0.21 15.38
N GLU A 11 3.01 -1.08 15.03
CA GLU A 11 2.12 -1.53 13.96
C GLU A 11 0.67 -1.12 14.24
N ASP A 12 -0.19 -1.34 13.27
CA ASP A 12 -1.61 -1.00 13.41
C ASP A 12 -2.47 -2.24 13.38
N SER A 13 -3.23 -2.45 14.45
CA SER A 13 -4.10 -3.61 14.57
C SER A 13 -4.83 -3.87 13.25
N ASP A 14 -5.28 -2.80 12.61
CA ASP A 14 -5.99 -2.92 11.34
C ASP A 14 -5.03 -2.70 10.17
N ASN A 15 -5.40 -3.24 9.01
CA ASN A 15 -4.58 -3.12 7.81
C ASN A 15 -5.08 -1.99 6.92
N SER A 16 -4.68 -0.76 7.25
CA SER A 16 -5.10 0.41 6.48
C SER A 16 -4.00 0.84 5.51
N ALA A 17 -3.20 -0.13 5.07
CA ALA A 17 -2.11 0.15 4.14
C ALA A 17 -2.14 -0.81 2.96
N ILE A 18 -1.45 -0.45 1.89
CA ILE A 18 -1.41 -1.28 0.69
C ILE A 18 0.03 -1.42 0.18
N TYR A 19 0.33 -2.60 -0.35
CA TYR A 19 1.68 -2.87 -0.88
C TYR A 19 1.68 -2.79 -2.40
N VAL A 20 2.41 -1.82 -2.93
CA VAL A 20 2.51 -1.64 -4.37
C VAL A 20 3.81 -2.22 -4.91
N GLN A 21 3.71 -2.92 -6.04
CA GLN A 21 4.88 -3.54 -6.66
C GLN A 21 4.79 -3.47 -8.18
N GLY A 22 5.76 -2.82 -8.81
CA GLY A 22 5.77 -2.72 -10.25
C GLY A 22 5.94 -1.29 -10.72
N LEU A 23 6.48 -0.44 -9.85
CA LEU A 23 6.71 0.96 -10.17
C LEU A 23 7.98 1.13 -11.01
N ASN A 24 8.03 2.21 -11.78
CA ASN A 24 9.19 2.49 -12.63
C ASN A 24 10.37 2.98 -11.79
N ASP A 25 11.49 3.23 -12.46
CA ASP A 25 12.68 3.71 -11.79
C ASP A 25 12.73 5.24 -11.77
N SER A 26 11.61 5.86 -12.09
CA SER A 26 11.51 7.31 -12.13
C SER A 26 10.30 7.80 -11.35
N VAL A 27 9.70 6.89 -10.57
CA VAL A 27 8.53 7.24 -9.76
C VAL A 27 8.92 8.06 -8.54
N THR A 28 8.08 9.03 -8.20
CA THR A 28 8.33 9.89 -7.06
C THR A 28 7.20 9.81 -6.05
N LEU A 29 7.47 10.21 -4.81
CA LEU A 29 6.47 10.18 -3.75
C LEU A 29 5.24 10.98 -4.14
N ASP A 30 5.44 12.27 -4.44
CA ASP A 30 4.35 13.13 -4.84
C ASP A 30 3.53 12.50 -5.96
N ASP A 31 4.20 11.83 -6.87
CA ASP A 31 3.53 11.18 -7.99
C ASP A 31 2.66 10.02 -7.50
N LEU A 32 3.05 9.44 -6.38
CA LEU A 32 2.31 8.31 -5.81
C LEU A 32 1.21 8.81 -4.87
N ALA A 33 1.48 9.93 -4.20
CA ALA A 33 0.52 10.52 -3.27
C ALA A 33 -0.65 11.16 -4.01
N ASP A 34 -0.37 11.71 -5.19
CA ASP A 34 -1.39 12.36 -6.00
C ASP A 34 -2.15 11.33 -6.83
N PHE A 35 -1.54 10.16 -7.01
CA PHE A 35 -2.16 9.08 -7.79
C PHE A 35 -2.95 8.14 -6.88
N PHE A 36 -2.31 7.71 -5.80
CA PHE A 36 -2.95 6.80 -4.85
C PHE A 36 -4.16 7.47 -4.18
N LYS A 37 -4.20 8.80 -4.25
CA LYS A 37 -5.31 9.55 -3.66
C LYS A 37 -6.55 9.46 -4.52
N GLN A 38 -6.41 8.86 -5.70
CA GLN A 38 -7.52 8.72 -6.63
C GLN A 38 -8.70 8.03 -5.94
N CYS A 39 -8.47 6.84 -5.42
CA CYS A 39 -9.51 6.09 -4.73
C CYS A 39 -10.13 6.91 -3.59
N GLY A 40 -9.33 7.18 -2.58
CA GLY A 40 -9.80 7.96 -1.44
C GLY A 40 -8.81 9.02 -1.01
N VAL A 41 -8.44 9.01 0.27
CA VAL A 41 -7.51 9.98 0.80
C VAL A 41 -6.34 9.29 1.49
N VAL A 42 -5.13 9.74 1.17
CA VAL A 42 -3.91 9.16 1.75
C VAL A 42 -3.56 9.84 3.07
N LYS A 43 -3.36 9.04 4.11
CA LYS A 43 -3.02 9.55 5.43
C LYS A 43 -1.86 10.55 5.33
N MET A 44 -2.16 11.82 5.53
CA MET A 44 -1.15 12.87 5.48
C MET A 44 -0.79 13.34 6.88
N ASN A 45 0.49 13.25 7.22
CA ASN A 45 0.98 13.67 8.53
C ASN A 45 0.43 15.05 8.90
N LYS A 46 0.12 15.24 10.17
CA LYS A 46 -0.41 16.50 10.66
C LYS A 46 0.71 17.40 11.16
N ARG A 47 1.86 16.80 11.46
CA ARG A 47 3.00 17.54 11.95
C ARG A 47 4.00 17.84 10.83
N THR A 48 4.29 16.82 10.04
CA THR A 48 5.24 16.96 8.93
C THR A 48 4.50 17.37 7.65
N GLY A 49 3.22 17.05 7.58
CA GLY A 49 2.44 17.39 6.41
C GLY A 49 2.84 16.60 5.18
N GLN A 50 3.29 15.37 5.39
CA GLN A 50 3.72 14.51 4.30
C GLN A 50 2.91 13.21 4.27
N PRO A 51 2.80 12.61 3.09
CA PRO A 51 2.05 11.35 2.89
C PRO A 51 2.75 10.17 3.54
N MET A 52 1.96 9.22 4.04
CA MET A 52 2.51 8.04 4.69
C MET A 52 2.90 6.99 3.66
N ILE A 53 3.48 7.44 2.55
CA ILE A 53 3.90 6.54 1.48
C ILE A 53 5.38 6.19 1.61
N HIS A 54 5.72 4.97 1.23
CA HIS A 54 7.11 4.50 1.30
C HIS A 54 7.57 3.97 -0.05
N ILE A 55 8.78 4.35 -0.44
CA ILE A 55 9.34 3.90 -1.71
C ILE A 55 10.76 3.36 -1.53
N TYR A 56 10.87 2.04 -1.37
CA TYR A 56 12.16 1.39 -1.19
C TYR A 56 13.06 1.62 -2.41
N LEU A 57 14.27 2.12 -2.16
CA LEU A 57 15.22 2.37 -3.23
C LEU A 57 16.40 1.42 -3.15
N ASP A 58 16.80 0.87 -4.29
CA ASP A 58 17.93 -0.06 -4.35
C ASP A 58 19.18 0.57 -3.75
N LYS A 59 19.74 -0.09 -2.74
CA LYS A 59 20.94 0.40 -2.08
C LYS A 59 22.16 0.26 -2.99
N GLU A 60 21.94 -0.29 -4.17
CA GLU A 60 23.03 -0.49 -5.13
C GLU A 60 23.17 0.73 -6.04
N THR A 61 22.04 1.34 -6.39
CA THR A 61 22.05 2.51 -7.25
C THR A 61 21.32 3.68 -6.60
N GLY A 62 20.26 3.37 -5.86
CA GLY A 62 19.51 4.41 -5.19
C GLY A 62 18.16 4.65 -5.84
N LYS A 63 17.91 3.96 -6.95
CA LYS A 63 16.65 4.11 -7.67
C LYS A 63 15.56 3.24 -7.06
N PRO A 64 14.29 3.66 -7.22
CA PRO A 64 13.15 2.93 -6.68
C PRO A 64 12.90 1.62 -7.42
N LYS A 65 13.43 0.53 -6.88
CA LYS A 65 13.27 -0.79 -7.48
C LYS A 65 11.91 -0.90 -8.16
N GLY A 66 10.85 -0.55 -7.44
CA GLY A 66 9.51 -0.63 -7.99
C GLY A 66 8.46 -0.89 -6.93
N ASP A 67 8.91 -1.35 -5.77
CA ASP A 67 7.99 -1.64 -4.67
C ASP A 67 7.74 -0.40 -3.83
N ALA A 68 6.60 -0.37 -3.13
CA ALA A 68 6.24 0.76 -2.28
C ALA A 68 5.03 0.43 -1.41
N THR A 69 4.70 1.34 -0.50
CA THR A 69 3.58 1.14 0.40
C THR A 69 2.83 2.45 0.64
N VAL A 70 1.50 2.37 0.72
CA VAL A 70 0.68 3.55 0.96
C VAL A 70 -0.28 3.32 2.11
N SER A 71 -0.13 4.13 3.17
CA SER A 71 -0.98 4.01 4.34
C SER A 71 -2.19 4.95 4.23
N TYR A 72 -3.37 4.37 4.11
CA TYR A 72 -4.60 5.16 3.99
C TYR A 72 -5.16 5.49 5.37
N GLU A 73 -6.06 6.47 5.41
CA GLU A 73 -6.67 6.90 6.67
C GLU A 73 -7.38 5.72 7.34
N ASP A 74 -8.43 5.23 6.70
CA ASP A 74 -9.20 4.12 7.24
C ASP A 74 -9.05 2.88 6.36
N PRO A 75 -9.26 1.69 6.96
CA PRO A 75 -9.16 0.41 6.24
C PRO A 75 -10.10 0.35 5.04
N PRO A 76 -11.34 0.83 5.23
CA PRO A 76 -12.36 0.83 4.17
C PRO A 76 -11.84 1.42 2.87
N THR A 77 -10.88 2.34 2.99
CA THR A 77 -10.30 2.98 1.82
C THR A 77 -9.14 2.16 1.25
N ALA A 78 -8.29 1.66 2.15
CA ALA A 78 -7.15 0.85 1.75
C ALA A 78 -7.58 -0.39 0.97
N LYS A 79 -8.57 -1.10 1.53
CA LYS A 79 -9.08 -2.32 0.90
C LYS A 79 -9.69 -2.00 -0.47
N ALA A 80 -10.39 -0.87 -0.55
CA ALA A 80 -11.01 -0.46 -1.81
C ALA A 80 -9.97 0.07 -2.79
N ALA A 81 -8.92 0.70 -2.26
CA ALA A 81 -7.86 1.24 -3.09
C ALA A 81 -7.03 0.13 -3.72
N VAL A 82 -6.88 -0.98 -3.01
CA VAL A 82 -6.12 -2.11 -3.50
C VAL A 82 -6.64 -2.59 -4.84
N GLU A 83 -7.90 -3.02 -4.87
CA GLU A 83 -8.52 -3.49 -6.10
C GLU A 83 -8.68 -2.37 -7.11
N TRP A 84 -8.51 -1.13 -6.64
CA TRP A 84 -8.63 0.04 -7.50
C TRP A 84 -7.37 0.25 -8.33
N PHE A 85 -6.22 0.27 -7.66
CA PHE A 85 -4.94 0.46 -8.35
C PHE A 85 -4.36 -0.89 -8.78
N ASP A 86 -4.87 -1.97 -8.21
CA ASP A 86 -4.41 -3.30 -8.54
C ASP A 86 -4.62 -3.61 -10.03
N GLY A 87 -3.59 -3.35 -10.83
CA GLY A 87 -3.69 -3.59 -12.25
C GLY A 87 -3.62 -2.33 -13.07
N LYS A 88 -3.15 -1.24 -12.44
CA LYS A 88 -3.04 0.04 -13.12
C LYS A 88 -1.76 0.12 -13.94
N ASP A 89 -1.69 1.09 -14.85
CA ASP A 89 -0.53 1.26 -15.70
C ASP A 89 0.23 2.53 -15.33
N PHE A 90 1.39 2.36 -14.72
CA PHE A 90 2.22 3.50 -14.31
C PHE A 90 3.47 3.61 -15.18
N GLN A 91 3.48 4.63 -16.03
CA GLN A 91 4.62 4.86 -16.92
C GLN A 91 4.81 3.67 -17.86
N GLY A 92 3.72 2.95 -18.14
CA GLY A 92 3.79 1.81 -19.02
C GLY A 92 3.98 0.50 -18.27
N SER A 93 4.34 0.61 -16.99
CA SER A 93 4.56 -0.57 -16.17
C SER A 93 3.35 -0.84 -15.28
N LYS A 94 2.86 -2.08 -15.31
CA LYS A 94 1.71 -2.48 -14.51
C LYS A 94 2.08 -2.52 -13.02
N LEU A 95 1.17 -2.04 -12.19
CA LEU A 95 1.39 -2.03 -10.74
C LEU A 95 0.59 -3.13 -10.06
N LYS A 96 1.07 -3.59 -8.92
CA LYS A 96 0.39 -4.64 -8.16
C LYS A 96 0.16 -4.21 -6.73
N VAL A 97 -1.09 -3.89 -6.40
CA VAL A 97 -1.45 -3.46 -5.05
C VAL A 97 -2.05 -4.61 -4.25
N SER A 98 -1.66 -4.71 -2.99
CA SER A 98 -2.17 -5.77 -2.12
C SER A 98 -1.95 -5.41 -0.64
N LEU A 99 -3.01 -5.53 0.15
CA LEU A 99 -2.95 -5.22 1.57
C LEU A 99 -1.67 -5.78 2.19
N ALA A 100 -0.86 -4.91 2.77
CA ALA A 100 0.38 -5.32 3.40
C ALA A 100 0.13 -6.31 4.53
N ARG A 101 1.15 -7.11 4.85
CA ARG A 101 1.03 -8.11 5.90
C ARG A 101 0.03 -9.20 5.52
N LYS A 102 -0.09 -9.45 4.22
CA LYS A 102 -1.00 -10.46 3.71
C LYS A 102 -0.47 -11.08 2.42
N LYS A 103 -0.90 -12.31 2.15
CA LYS A 103 -0.47 -13.01 0.94
C LYS A 103 -0.60 -12.12 -0.29
N PRO A 104 0.24 -12.38 -1.30
CA PRO A 104 0.24 -11.61 -2.55
C PRO A 104 -1.00 -11.86 -3.39
N PRO A 105 -1.28 -10.95 -4.34
CA PRO A 105 -2.45 -11.06 -5.22
C PRO A 105 -2.31 -12.20 -6.22
N MET A 106 -3.44 -12.81 -6.58
CA MET A 106 -3.45 -13.91 -7.53
C MET A 106 -4.37 -13.60 -8.71
N ASN A 107 -4.15 -14.32 -9.81
CA ASN A 107 -4.96 -14.12 -11.02
C ASN A 107 -6.26 -14.91 -10.94
N SER A 108 -7.35 -14.22 -10.69
CA SER A 108 -8.66 -14.86 -10.59
C SER A 108 -9.75 -13.95 -11.16
N GLY A 109 -10.49 -14.47 -12.14
CA GLY A 109 -11.54 -13.71 -12.77
C GLY A 109 -11.71 -14.04 -14.23
N PRO A 110 -12.33 -13.10 -14.98
CA PRO A 110 -12.56 -13.28 -16.42
C PRO A 110 -11.27 -13.23 -17.23
N SER A 111 -10.15 -13.09 -16.53
CA SER A 111 -8.85 -13.03 -17.19
C SER A 111 -7.83 -13.89 -16.46
N SER A 112 -7.12 -14.73 -17.20
CA SER A 112 -6.11 -15.62 -16.63
C SER A 112 -4.71 -15.11 -16.93
N GLY A 113 -4.15 -14.36 -15.98
CA GLY A 113 -2.81 -13.83 -16.17
C GLY A 113 -2.77 -12.68 -17.15
N GLY A 1 -11.43 -13.18 32.76
CA GLY A 1 -10.40 -13.86 32.00
C GLY A 1 -10.93 -14.52 30.75
N SER A 2 -11.18 -15.83 30.84
CA SER A 2 -11.70 -16.58 29.71
C SER A 2 -13.18 -16.93 29.92
N SER A 3 -14.02 -16.50 28.98
CA SER A 3 -15.45 -16.76 29.05
C SER A 3 -15.88 -17.73 27.96
N GLY A 4 -15.07 -18.76 27.74
CA GLY A 4 -15.39 -19.75 26.73
C GLY A 4 -14.21 -20.05 25.83
N SER A 5 -13.73 -19.04 25.12
CA SER A 5 -12.59 -19.21 24.22
C SER A 5 -11.35 -19.64 24.98
N SER A 6 -10.82 -20.80 24.63
CA SER A 6 -9.62 -21.34 25.29
C SER A 6 -8.36 -20.70 24.71
N GLY A 7 -8.19 -20.85 23.40
CA GLY A 7 -7.02 -20.29 22.73
C GLY A 7 -6.98 -20.59 21.25
N ASP A 8 -7.75 -19.83 20.48
CA ASP A 8 -7.81 -20.03 19.03
C ASP A 8 -7.05 -18.92 18.30
N PRO A 9 -6.67 -19.19 17.05
CA PRO A 9 -5.94 -18.22 16.22
C PRO A 9 -6.80 -17.04 15.81
N ASP A 10 -6.19 -16.08 15.13
CA ASP A 10 -6.91 -14.89 14.67
C ASP A 10 -6.24 -14.29 13.43
N GLU A 11 -7.05 -13.69 12.57
CA GLU A 11 -6.54 -13.08 11.34
C GLU A 11 -6.00 -11.68 11.62
N ASP A 12 -5.29 -11.12 10.64
CA ASP A 12 -4.73 -9.79 10.77
C ASP A 12 -5.79 -8.71 10.57
N SER A 13 -5.79 -7.70 11.44
CA SER A 13 -6.76 -6.62 11.35
C SER A 13 -6.08 -5.27 11.45
N ASP A 14 -6.84 -4.20 11.21
CA ASP A 14 -6.30 -2.85 11.28
C ASP A 14 -5.27 -2.61 10.17
N ASN A 15 -5.54 -3.18 9.00
CA ASN A 15 -4.63 -3.03 7.86
C ASN A 15 -5.07 -1.89 6.95
N SER A 16 -4.82 -0.66 7.39
CA SER A 16 -5.20 0.51 6.62
C SER A 16 -4.08 0.90 5.64
N ALA A 17 -3.32 -0.09 5.20
CA ALA A 17 -2.23 0.15 4.26
C ALA A 17 -2.27 -0.83 3.10
N ILE A 18 -1.51 -0.54 2.05
CA ILE A 18 -1.47 -1.39 0.88
C ILE A 18 -0.05 -1.51 0.32
N TYR A 19 0.28 -2.68 -0.19
CA TYR A 19 1.61 -2.92 -0.74
C TYR A 19 1.58 -2.83 -2.27
N VAL A 20 2.44 -1.97 -2.81
CA VAL A 20 2.52 -1.78 -4.25
C VAL A 20 3.82 -2.37 -4.82
N GLN A 21 3.73 -2.95 -6.01
CA GLN A 21 4.89 -3.55 -6.66
C GLN A 21 4.78 -3.46 -8.17
N GLY A 22 5.75 -2.80 -8.80
CA GLY A 22 5.74 -2.66 -10.24
C GLY A 22 5.94 -1.23 -10.68
N LEU A 23 6.49 -0.41 -9.80
CA LEU A 23 6.74 1.00 -10.09
C LEU A 23 7.99 1.16 -10.95
N ASN A 24 8.05 2.25 -11.71
CA ASN A 24 9.20 2.52 -12.56
C ASN A 24 10.38 3.04 -11.75
N ASP A 25 11.49 3.31 -12.43
CA ASP A 25 12.69 3.81 -11.76
C ASP A 25 12.66 5.33 -11.68
N SER A 26 11.59 5.93 -12.17
CA SER A 26 11.44 7.39 -12.16
C SER A 26 10.21 7.80 -11.35
N VAL A 27 9.73 6.90 -10.51
CA VAL A 27 8.56 7.17 -9.69
C VAL A 27 8.94 7.95 -8.43
N THR A 28 8.19 9.00 -8.14
CA THR A 28 8.45 9.82 -6.96
C THR A 28 7.29 9.75 -5.97
N LEU A 29 7.55 10.17 -4.74
CA LEU A 29 6.53 10.15 -3.69
C LEU A 29 5.29 10.91 -4.14
N ASP A 30 5.46 12.19 -4.44
CA ASP A 30 4.34 13.03 -4.88
C ASP A 30 3.53 12.32 -5.96
N ASP A 31 4.22 11.76 -6.95
CA ASP A 31 3.56 11.05 -8.04
C ASP A 31 2.62 9.98 -7.51
N LEU A 32 3.04 9.31 -6.45
CA LEU A 32 2.25 8.26 -5.84
C LEU A 32 1.20 8.85 -4.89
N ALA A 33 1.53 9.98 -4.29
CA ALA A 33 0.63 10.65 -3.36
C ALA A 33 -0.55 11.28 -4.10
N ASP A 34 -0.33 11.61 -5.37
CA ASP A 34 -1.37 12.22 -6.18
C ASP A 34 -2.16 11.17 -6.95
N PHE A 35 -1.55 9.99 -7.10
CA PHE A 35 -2.19 8.89 -7.82
C PHE A 35 -2.98 7.99 -6.86
N PHE A 36 -2.31 7.54 -5.81
CA PHE A 36 -2.94 6.68 -4.82
C PHE A 36 -4.15 7.37 -4.18
N LYS A 37 -4.14 8.70 -4.21
CA LYS A 37 -5.22 9.48 -3.64
C LYS A 37 -6.48 9.39 -4.50
N GLN A 38 -6.33 8.83 -5.70
CA GLN A 38 -7.46 8.67 -6.60
C GLN A 38 -8.65 8.03 -5.90
N CYS A 39 -8.44 6.85 -5.35
CA CYS A 39 -9.50 6.12 -4.66
C CYS A 39 -10.07 6.97 -3.52
N GLY A 40 -9.28 7.17 -2.47
CA GLY A 40 -9.72 7.96 -1.34
C GLY A 40 -8.71 9.03 -0.95
N VAL A 41 -8.30 9.00 0.32
CA VAL A 41 -7.33 9.97 0.82
C VAL A 41 -6.15 9.27 1.49
N VAL A 42 -4.94 9.68 1.13
CA VAL A 42 -3.73 9.09 1.68
C VAL A 42 -3.37 9.74 3.01
N LYS A 43 -3.26 8.93 4.06
CA LYS A 43 -2.92 9.42 5.39
C LYS A 43 -1.75 10.39 5.33
N MET A 44 -2.03 11.68 5.47
CA MET A 44 -1.00 12.71 5.43
C MET A 44 -0.67 13.19 6.83
N ASN A 45 0.61 13.19 7.17
CA ASN A 45 1.06 13.63 8.49
C ASN A 45 0.55 15.03 8.79
N LYS A 46 0.28 15.29 10.07
CA LYS A 46 -0.22 16.60 10.49
C LYS A 46 0.93 17.49 10.96
N ARG A 47 2.07 16.88 11.22
CA ARG A 47 3.25 17.62 11.66
C ARG A 47 4.17 17.94 10.49
N THR A 48 4.48 16.93 9.69
CA THR A 48 5.36 17.10 8.54
C THR A 48 4.55 17.45 7.29
N GLY A 49 3.27 17.10 7.30
CA GLY A 49 2.42 17.39 6.17
C GLY A 49 2.77 16.54 4.96
N GLN A 50 3.39 15.40 5.19
CA GLN A 50 3.79 14.51 4.11
C GLN A 50 2.97 13.22 4.14
N PRO A 51 2.80 12.59 2.96
CA PRO A 51 2.04 11.35 2.82
C PRO A 51 2.74 10.16 3.48
N MET A 52 1.96 9.22 3.99
CA MET A 52 2.50 8.04 4.64
C MET A 52 2.89 6.99 3.60
N ILE A 53 3.48 7.44 2.50
CA ILE A 53 3.91 6.54 1.44
C ILE A 53 5.39 6.23 1.54
N HIS A 54 5.75 4.97 1.31
CA HIS A 54 7.14 4.54 1.38
C HIS A 54 7.62 4.04 0.02
N ILE A 55 8.86 4.35 -0.32
CA ILE A 55 9.44 3.92 -1.59
C ILE A 55 10.84 3.37 -1.41
N TYR A 56 10.95 2.05 -1.29
CA TYR A 56 12.23 1.38 -1.10
C TYR A 56 13.14 1.63 -2.31
N LEU A 57 14.33 2.15 -2.04
CA LEU A 57 15.30 2.42 -3.09
C LEU A 57 16.49 1.48 -3.00
N ASP A 58 16.91 0.94 -4.15
CA ASP A 58 18.04 0.02 -4.19
C ASP A 58 19.27 0.66 -3.57
N LYS A 59 19.88 -0.03 -2.61
CA LYS A 59 21.07 0.46 -1.94
C LYS A 59 22.30 0.32 -2.83
N GLU A 60 22.09 -0.23 -4.02
CA GLU A 60 23.19 -0.42 -4.98
C GLU A 60 23.28 0.76 -5.94
N THR A 61 22.14 1.39 -6.21
CA THR A 61 22.09 2.53 -7.12
C THR A 61 21.38 3.71 -6.48
N GLY A 62 20.35 3.42 -5.69
CA GLY A 62 19.60 4.47 -5.02
C GLY A 62 18.26 4.72 -5.67
N LYS A 63 18.01 4.05 -6.80
CA LYS A 63 16.76 4.21 -7.52
C LYS A 63 15.67 3.33 -6.93
N PRO A 64 14.40 3.76 -7.09
CA PRO A 64 13.25 3.01 -6.57
C PRO A 64 13.02 1.71 -7.33
N LYS A 65 13.54 0.62 -6.79
CA LYS A 65 13.39 -0.70 -7.42
C LYS A 65 12.04 -0.80 -8.13
N GLY A 66 10.97 -0.48 -7.40
CA GLY A 66 9.64 -0.55 -7.99
C GLY A 66 8.57 -0.83 -6.95
N ASP A 67 9.00 -1.24 -5.76
CA ASP A 67 8.07 -1.55 -4.67
C ASP A 67 7.79 -0.32 -3.82
N ALA A 68 6.67 -0.33 -3.11
CA ALA A 68 6.29 0.79 -2.27
C ALA A 68 5.10 0.42 -1.38
N THR A 69 4.77 1.31 -0.45
CA THR A 69 3.65 1.08 0.46
C THR A 69 2.88 2.37 0.72
N VAL A 70 1.56 2.27 0.71
CA VAL A 70 0.71 3.43 0.95
C VAL A 70 -0.20 3.21 2.15
N SER A 71 -0.18 4.15 3.09
CA SER A 71 -1.00 4.06 4.29
C SER A 71 -2.23 4.96 4.19
N TYR A 72 -3.40 4.34 4.08
CA TYR A 72 -4.65 5.08 3.98
C TYR A 72 -5.21 5.41 5.36
N GLU A 73 -6.05 6.44 5.42
CA GLU A 73 -6.66 6.85 6.67
C GLU A 73 -7.35 5.68 7.37
N ASP A 74 -8.40 5.18 6.74
CA ASP A 74 -9.16 4.06 7.29
C ASP A 74 -9.01 2.82 6.41
N PRO A 75 -9.20 1.63 7.01
CA PRO A 75 -9.10 0.36 6.31
C PRO A 75 -10.03 0.28 5.10
N PRO A 76 -11.28 0.74 5.30
CA PRO A 76 -12.30 0.73 4.25
C PRO A 76 -11.79 1.34 2.95
N THR A 77 -10.83 2.25 3.06
CA THR A 77 -10.26 2.92 1.89
C THR A 77 -9.08 2.13 1.33
N ALA A 78 -8.33 1.49 2.23
CA ALA A 78 -7.17 0.70 1.81
C ALA A 78 -7.59 -0.50 0.97
N LYS A 79 -8.56 -1.27 1.48
CA LYS A 79 -9.05 -2.44 0.78
C LYS A 79 -9.65 -2.05 -0.57
N ALA A 80 -10.37 -0.94 -0.60
CA ALA A 80 -10.99 -0.46 -1.83
C ALA A 80 -9.93 0.03 -2.82
N ALA A 81 -8.87 0.63 -2.30
CA ALA A 81 -7.79 1.14 -3.13
C ALA A 81 -7.03 0.01 -3.80
N VAL A 82 -6.89 -1.11 -3.08
CA VAL A 82 -6.18 -2.27 -3.60
C VAL A 82 -6.75 -2.71 -4.94
N GLU A 83 -8.02 -3.10 -4.94
CA GLU A 83 -8.68 -3.54 -6.16
C GLU A 83 -8.83 -2.39 -7.15
N TRP A 84 -8.60 -1.17 -6.67
CA TRP A 84 -8.70 0.02 -7.52
C TRP A 84 -7.46 0.19 -8.37
N PHE A 85 -6.30 0.22 -7.72
CA PHE A 85 -5.03 0.38 -8.42
C PHE A 85 -4.48 -0.98 -8.87
N ASP A 86 -4.96 -2.04 -8.23
CA ASP A 86 -4.52 -3.39 -8.56
C ASP A 86 -4.71 -3.67 -10.06
N GLY A 87 -3.62 -3.57 -10.82
CA GLY A 87 -3.69 -3.81 -12.24
C GLY A 87 -3.66 -2.53 -13.05
N LYS A 88 -3.34 -1.42 -12.40
CA LYS A 88 -3.27 -0.13 -13.07
C LYS A 88 -2.02 -0.02 -13.93
N ASP A 89 -1.89 1.08 -14.65
CA ASP A 89 -0.74 1.31 -15.51
C ASP A 89 -0.02 2.59 -15.13
N PHE A 90 1.21 2.45 -14.63
CA PHE A 90 2.01 3.59 -14.22
C PHE A 90 3.24 3.74 -15.11
N GLN A 91 3.26 4.81 -15.90
CA GLN A 91 4.38 5.07 -16.80
C GLN A 91 4.56 3.92 -17.78
N GLY A 92 3.45 3.33 -18.22
CA GLY A 92 3.51 2.22 -19.16
C GLY A 92 3.69 0.89 -18.46
N SER A 93 4.09 0.93 -17.19
CA SER A 93 4.29 -0.29 -16.42
C SER A 93 3.02 -0.66 -15.66
N LYS A 94 2.99 -1.90 -15.16
CA LYS A 94 1.85 -2.39 -14.40
C LYS A 94 2.13 -2.39 -12.91
N LEU A 95 1.18 -1.88 -12.12
CA LEU A 95 1.32 -1.83 -10.67
C LEU A 95 0.54 -2.96 -10.01
N LYS A 96 1.09 -3.49 -8.92
CA LYS A 96 0.45 -4.57 -8.19
C LYS A 96 0.18 -4.15 -6.75
N VAL A 97 -1.09 -3.85 -6.45
CA VAL A 97 -1.48 -3.44 -5.11
C VAL A 97 -2.11 -4.60 -4.34
N SER A 98 -1.79 -4.69 -3.05
CA SER A 98 -2.31 -5.76 -2.20
C SER A 98 -2.16 -5.40 -0.73
N LEU A 99 -3.27 -5.45 0.01
CA LEU A 99 -3.27 -5.13 1.43
C LEU A 99 -1.99 -5.63 2.09
N ALA A 100 -1.21 -4.70 2.64
CA ALA A 100 0.04 -5.04 3.31
C ALA A 100 -0.20 -6.04 4.44
N ARG A 101 -0.01 -7.32 4.15
CA ARG A 101 -0.21 -8.37 5.14
C ARG A 101 1.14 -8.92 5.62
N LYS A 102 1.66 -8.34 6.69
CA LYS A 102 2.93 -8.78 7.25
C LYS A 102 2.73 -9.93 8.22
N LYS A 103 3.71 -10.83 8.27
CA LYS A 103 3.64 -11.99 9.16
C LYS A 103 5.01 -12.30 9.76
N PRO A 104 5.04 -12.66 11.05
CA PRO A 104 6.28 -12.99 11.76
C PRO A 104 6.88 -14.30 11.28
N PRO A 105 8.20 -14.46 11.50
CA PRO A 105 8.93 -15.67 11.11
C PRO A 105 8.53 -16.89 11.93
N MET A 106 7.93 -17.87 11.27
CA MET A 106 7.51 -19.09 11.95
C MET A 106 8.23 -20.31 11.39
N ASN A 107 8.29 -20.39 10.06
CA ASN A 107 8.94 -21.50 9.39
C ASN A 107 8.35 -22.83 9.83
N SER A 108 7.03 -22.86 9.98
CA SER A 108 6.33 -24.07 10.40
C SER A 108 6.06 -24.99 9.21
N GLY A 109 6.92 -25.99 9.06
CA GLY A 109 6.76 -26.94 7.96
C GLY A 109 7.46 -28.25 8.21
N PRO A 110 6.79 -29.16 8.93
CA PRO A 110 7.32 -30.48 9.26
C PRO A 110 7.43 -31.39 8.04
N SER A 111 7.09 -30.84 6.88
CA SER A 111 7.14 -31.61 5.64
C SER A 111 8.34 -31.19 4.79
N SER A 112 8.57 -29.89 4.71
CA SER A 112 9.67 -29.35 3.92
C SER A 112 11.00 -29.60 4.64
N GLY A 113 12.03 -29.94 3.87
CA GLY A 113 13.34 -30.21 4.43
C GLY A 113 14.45 -29.59 3.62
N GLY A 1 -20.01 -2.74 -2.45
CA GLY A 1 -20.76 -3.87 -2.98
C GLY A 1 -20.33 -5.19 -2.38
N SER A 2 -20.75 -6.28 -3.00
CA SER A 2 -20.40 -7.62 -2.52
C SER A 2 -18.92 -7.71 -2.20
N SER A 3 -18.61 -8.06 -0.94
CA SER A 3 -17.22 -8.17 -0.51
C SER A 3 -16.52 -9.32 -1.23
N GLY A 4 -17.20 -10.46 -1.31
CA GLY A 4 -16.62 -11.62 -1.97
C GLY A 4 -16.00 -12.60 -0.99
N SER A 5 -16.58 -13.79 -0.92
CA SER A 5 -16.08 -14.83 -0.02
C SER A 5 -14.64 -15.19 -0.35
N SER A 6 -13.78 -15.17 0.67
CA SER A 6 -12.37 -15.50 0.48
C SER A 6 -11.76 -16.01 1.78
N GLY A 7 -10.65 -16.74 1.66
CA GLY A 7 -9.99 -17.27 2.84
C GLY A 7 -8.79 -16.45 3.25
N ASP A 8 -8.84 -15.88 4.45
CA ASP A 8 -7.75 -15.06 4.96
C ASP A 8 -6.94 -15.82 6.01
N PRO A 9 -5.63 -15.54 6.07
CA PRO A 9 -4.73 -16.19 7.02
C PRO A 9 -4.98 -15.74 8.46
N ASP A 10 -5.96 -14.87 8.63
CA ASP A 10 -6.31 -14.36 9.96
C ASP A 10 -7.78 -13.96 10.02
N GLU A 11 -8.36 -14.07 11.21
CA GLU A 11 -9.77 -13.73 11.39
C GLU A 11 -10.06 -12.32 10.89
N ASP A 12 -9.05 -11.45 10.97
CA ASP A 12 -9.20 -10.07 10.52
C ASP A 12 -7.89 -9.56 9.92
N SER A 13 -7.99 -8.88 8.79
CA SER A 13 -6.83 -8.34 8.11
C SER A 13 -6.68 -6.85 8.37
N ASP A 14 -6.89 -6.46 9.63
CA ASP A 14 -6.79 -5.06 10.02
C ASP A 14 -5.53 -4.42 9.44
N ASN A 15 -5.70 -3.73 8.31
CA ASN A 15 -4.57 -3.07 7.65
C ASN A 15 -5.06 -1.92 6.77
N SER A 16 -4.81 -0.69 7.23
CA SER A 16 -5.22 0.49 6.49
C SER A 16 -4.13 0.93 5.51
N ALA A 17 -3.36 -0.04 5.02
CA ALA A 17 -2.29 0.25 4.08
C ALA A 17 -2.30 -0.74 2.91
N ILE A 18 -1.57 -0.41 1.85
CA ILE A 18 -1.50 -1.27 0.68
C ILE A 18 -0.06 -1.39 0.18
N TYR A 19 0.27 -2.58 -0.35
CA TYR A 19 1.61 -2.82 -0.85
C TYR A 19 1.63 -2.79 -2.38
N VAL A 20 2.30 -1.79 -2.94
CA VAL A 20 2.39 -1.64 -4.39
C VAL A 20 3.69 -2.23 -4.92
N GLN A 21 3.62 -2.86 -6.09
CA GLN A 21 4.80 -3.48 -6.70
C GLN A 21 4.70 -3.42 -8.22
N GLY A 22 5.70 -2.81 -8.85
CA GLY A 22 5.71 -2.71 -10.29
C GLY A 22 5.96 -1.29 -10.77
N LEU A 23 6.46 -0.44 -9.87
CA LEU A 23 6.75 0.95 -10.21
C LEU A 23 8.02 1.06 -11.04
N ASN A 24 8.12 2.15 -11.81
CA ASN A 24 9.29 2.38 -12.64
C ASN A 24 10.46 2.92 -11.83
N ASP A 25 11.54 3.26 -12.51
CA ASP A 25 12.72 3.80 -11.84
C ASP A 25 12.69 5.32 -11.83
N SER A 26 11.63 5.90 -12.37
CA SER A 26 11.48 7.35 -12.43
C SER A 26 10.25 7.79 -11.65
N VAL A 27 9.78 6.95 -10.74
CA VAL A 27 8.61 7.25 -9.93
C VAL A 27 9.00 8.02 -8.68
N THR A 28 8.21 9.05 -8.34
CA THR A 28 8.47 9.86 -7.16
C THR A 28 7.30 9.82 -6.20
N LEU A 29 7.54 10.23 -4.96
CA LEU A 29 6.51 10.24 -3.93
C LEU A 29 5.31 11.08 -4.37
N ASP A 30 5.54 12.38 -4.56
CA ASP A 30 4.50 13.29 -4.98
C ASP A 30 3.67 12.69 -6.12
N ASP A 31 4.32 11.86 -6.93
CA ASP A 31 3.65 11.21 -8.06
C ASP A 31 2.73 10.09 -7.57
N LEU A 32 3.14 9.42 -6.51
CA LEU A 32 2.36 8.32 -5.95
C LEU A 32 1.32 8.85 -4.96
N ALA A 33 1.59 10.03 -4.40
CA ALA A 33 0.67 10.64 -3.45
C ALA A 33 -0.55 11.23 -4.15
N ASP A 34 -0.34 11.71 -5.37
CA ASP A 34 -1.42 12.31 -6.14
C ASP A 34 -2.17 11.24 -6.94
N PHE A 35 -1.53 10.09 -7.11
CA PHE A 35 -2.12 8.98 -7.86
C PHE A 35 -2.89 8.04 -6.93
N PHE A 36 -2.24 7.62 -5.86
CA PHE A 36 -2.85 6.72 -4.88
C PHE A 36 -4.06 7.38 -4.23
N LYS A 37 -4.10 8.70 -4.26
CA LYS A 37 -5.19 9.46 -3.67
C LYS A 37 -6.45 9.38 -4.55
N GLN A 38 -6.27 8.87 -5.77
CA GLN A 38 -7.38 8.75 -6.71
C GLN A 38 -8.56 8.04 -6.06
N CYS A 39 -8.32 6.86 -5.50
CA CYS A 39 -9.37 6.09 -4.85
C CYS A 39 -9.99 6.88 -3.71
N GLY A 40 -9.21 7.15 -2.67
CA GLY A 40 -9.71 7.89 -1.53
C GLY A 40 -8.75 8.99 -1.10
N VAL A 41 -8.36 8.97 0.18
CA VAL A 41 -7.45 9.96 0.71
C VAL A 41 -6.25 9.31 1.39
N VAL A 42 -5.05 9.76 1.04
CA VAL A 42 -3.82 9.22 1.61
C VAL A 42 -3.53 9.85 2.96
N LYS A 43 -3.27 9.01 3.96
CA LYS A 43 -2.97 9.48 5.30
C LYS A 43 -1.80 10.47 5.29
N MET A 44 -2.11 11.74 5.51
CA MET A 44 -1.08 12.78 5.52
C MET A 44 -0.77 13.20 6.95
N ASN A 45 0.51 13.08 7.32
CA ASN A 45 0.95 13.45 8.66
C ASN A 45 0.44 14.83 9.05
N LYS A 46 0.19 15.03 10.34
CA LYS A 46 -0.30 16.30 10.83
C LYS A 46 0.85 17.19 11.31
N ARG A 47 2.00 16.57 11.57
CA ARG A 47 3.17 17.30 12.03
C ARG A 47 4.11 17.59 10.87
N THR A 48 4.38 16.58 10.06
CA THR A 48 5.27 16.73 8.91
C THR A 48 4.49 17.13 7.66
N GLY A 49 3.19 16.89 7.68
CA GLY A 49 2.35 17.23 6.55
C GLY A 49 2.73 16.46 5.29
N GLN A 50 3.30 15.28 5.48
CA GLN A 50 3.72 14.45 4.35
C GLN A 50 2.91 13.16 4.30
N PRO A 51 2.78 12.59 3.09
CA PRO A 51 2.03 11.36 2.88
C PRO A 51 2.72 10.14 3.48
N MET A 52 1.93 9.19 3.97
CA MET A 52 2.48 7.98 4.57
C MET A 52 2.87 6.97 3.49
N ILE A 53 3.48 7.45 2.42
CA ILE A 53 3.91 6.59 1.32
C ILE A 53 5.39 6.27 1.42
N HIS A 54 5.74 5.01 1.21
CA HIS A 54 7.13 4.57 1.28
C HIS A 54 7.61 4.07 -0.08
N ILE A 55 8.85 4.37 -0.42
CA ILE A 55 9.43 3.95 -1.68
C ILE A 55 10.82 3.36 -1.49
N TYR A 56 10.89 2.05 -1.35
CA TYR A 56 12.16 1.36 -1.16
C TYR A 56 13.09 1.59 -2.35
N LEU A 57 14.29 2.10 -2.06
CA LEU A 57 15.26 2.37 -3.11
C LEU A 57 16.43 1.39 -3.03
N ASP A 58 16.85 0.88 -4.19
CA ASP A 58 17.96 -0.07 -4.25
C ASP A 58 19.20 0.51 -3.58
N LYS A 59 19.76 -0.25 -2.64
CA LYS A 59 20.96 0.18 -1.92
C LYS A 59 22.20 0.09 -2.81
N GLU A 60 22.00 -0.39 -4.04
CA GLU A 60 23.10 -0.53 -5.00
C GLU A 60 23.17 0.68 -5.93
N THR A 61 22.00 1.22 -6.28
CA THR A 61 21.93 2.37 -7.17
C THR A 61 21.23 3.54 -6.49
N GLY A 62 20.24 3.23 -5.66
CA GLY A 62 19.52 4.28 -4.96
C GLY A 62 18.19 4.61 -5.63
N LYS A 63 17.90 3.93 -6.74
CA LYS A 63 16.66 4.15 -7.47
C LYS A 63 15.53 3.28 -6.90
N PRO A 64 14.29 3.72 -7.12
CA PRO A 64 13.10 3.00 -6.65
C PRO A 64 12.88 1.69 -7.40
N LYS A 65 13.44 0.61 -6.88
CA LYS A 65 13.31 -0.71 -7.50
C LYS A 65 11.96 -0.83 -8.21
N GLY A 66 10.88 -0.54 -7.49
CA GLY A 66 9.55 -0.64 -8.06
C GLY A 66 8.48 -0.88 -7.02
N ASP A 67 8.90 -1.29 -5.82
CA ASP A 67 7.97 -1.57 -4.73
C ASP A 67 7.69 -0.30 -3.93
N ALA A 68 6.55 -0.29 -3.24
CA ALA A 68 6.16 0.87 -2.44
C ALA A 68 4.96 0.53 -1.56
N THR A 69 4.67 1.41 -0.60
CA THR A 69 3.56 1.21 0.31
C THR A 69 2.77 2.50 0.52
N VAL A 70 1.45 2.39 0.57
CA VAL A 70 0.59 3.55 0.77
C VAL A 70 -0.36 3.34 1.94
N SER A 71 -0.16 4.10 3.01
CA SER A 71 -1.01 3.99 4.20
C SER A 71 -2.20 4.92 4.10
N TYR A 72 -3.39 4.34 4.01
CA TYR A 72 -4.62 5.12 3.90
C TYR A 72 -5.18 5.44 5.29
N GLU A 73 -6.10 6.40 5.33
CA GLU A 73 -6.71 6.81 6.60
C GLU A 73 -7.36 5.62 7.30
N ASP A 74 -8.45 5.12 6.71
CA ASP A 74 -9.16 3.98 7.27
C ASP A 74 -9.03 2.76 6.37
N PRO A 75 -9.21 1.57 6.96
CA PRO A 75 -9.12 0.30 6.24
C PRO A 75 -10.10 0.23 5.07
N PRO A 76 -11.34 0.69 5.30
CA PRO A 76 -12.38 0.70 4.27
C PRO A 76 -11.92 1.32 2.97
N THR A 77 -10.94 2.22 3.07
CA THR A 77 -10.39 2.89 1.89
C THR A 77 -9.23 2.12 1.30
N ALA A 78 -8.38 1.58 2.17
CA ALA A 78 -7.22 0.81 1.73
C ALA A 78 -7.65 -0.40 0.91
N LYS A 79 -8.58 -1.19 1.45
CA LYS A 79 -9.07 -2.38 0.77
C LYS A 79 -9.64 -2.02 -0.59
N ALA A 80 -10.35 -0.90 -0.66
CA ALA A 80 -10.95 -0.44 -1.90
C ALA A 80 -9.89 0.04 -2.88
N ALA A 81 -8.82 0.64 -2.34
CA ALA A 81 -7.74 1.14 -3.17
C ALA A 81 -6.98 0.01 -3.84
N VAL A 82 -6.90 -1.13 -3.15
CA VAL A 82 -6.20 -2.29 -3.67
C VAL A 82 -6.75 -2.71 -5.03
N GLU A 83 -8.02 -3.12 -5.05
CA GLU A 83 -8.67 -3.54 -6.28
C GLU A 83 -8.76 -2.39 -7.27
N TRP A 84 -8.48 -1.18 -6.79
CA TRP A 84 -8.53 0.01 -7.64
C TRP A 84 -7.26 0.16 -8.44
N PHE A 85 -6.12 0.18 -7.75
CA PHE A 85 -4.83 0.33 -8.40
C PHE A 85 -4.27 -1.03 -8.80
N ASP A 86 -4.86 -2.09 -8.26
CA ASP A 86 -4.42 -3.45 -8.55
C ASP A 86 -4.50 -3.74 -10.05
N GLY A 87 -3.38 -3.57 -10.75
CA GLY A 87 -3.34 -3.81 -12.18
C GLY A 87 -3.14 -2.54 -12.97
N LYS A 88 -3.33 -1.39 -12.32
CA LYS A 88 -3.16 -0.10 -12.98
C LYS A 88 -1.82 -0.04 -13.70
N ASP A 89 -1.68 0.96 -14.57
CA ASP A 89 -0.45 1.14 -15.33
C ASP A 89 0.16 2.52 -15.07
N PHE A 90 1.29 2.54 -14.37
CA PHE A 90 1.96 3.80 -14.06
C PHE A 90 3.10 4.07 -15.04
N GLN A 91 2.86 5.01 -15.95
CA GLN A 91 3.86 5.36 -16.96
C GLN A 91 4.17 4.18 -17.86
N GLY A 92 3.15 3.37 -18.13
CA GLY A 92 3.32 2.22 -18.99
C GLY A 92 3.87 1.01 -18.24
N SER A 93 3.71 1.03 -16.91
CA SER A 93 4.19 -0.06 -16.08
C SER A 93 3.07 -0.61 -15.21
N LYS A 94 2.89 -1.93 -15.24
CA LYS A 94 1.85 -2.58 -14.46
C LYS A 94 2.21 -2.58 -12.98
N LEU A 95 1.24 -2.21 -12.15
CA LEU A 95 1.45 -2.16 -10.71
C LEU A 95 0.72 -3.31 -10.00
N LYS A 96 1.15 -3.62 -8.79
CA LYS A 96 0.53 -4.69 -8.01
C LYS A 96 0.24 -4.24 -6.59
N VAL A 97 -1.02 -3.90 -6.31
CA VAL A 97 -1.41 -3.45 -4.99
C VAL A 97 -2.04 -4.59 -4.19
N SER A 98 -1.59 -4.75 -2.95
CA SER A 98 -2.11 -5.81 -2.09
C SER A 98 -1.97 -5.42 -0.62
N LEU A 99 -3.07 -5.53 0.12
CA LEU A 99 -3.08 -5.19 1.54
C LEU A 99 -1.77 -5.61 2.21
N ALA A 100 -1.23 -4.73 3.05
CA ALA A 100 0.01 -5.02 3.75
C ALA A 100 -0.24 -5.86 4.99
N ARG A 101 0.81 -6.48 5.51
CA ARG A 101 0.70 -7.33 6.69
C ARG A 101 2.08 -7.74 7.20
N LYS A 102 2.15 -8.12 8.47
CA LYS A 102 3.41 -8.53 9.08
C LYS A 102 3.20 -9.75 9.97
N LYS A 103 3.82 -10.87 9.60
CA LYS A 103 3.70 -12.10 10.37
C LYS A 103 5.05 -12.79 10.51
N PRO A 104 5.27 -13.47 11.63
CA PRO A 104 6.51 -14.19 11.91
C PRO A 104 6.69 -15.41 11.02
N PRO A 105 7.94 -15.88 10.87
CA PRO A 105 8.26 -17.05 10.05
C PRO A 105 7.75 -18.35 10.66
N MET A 106 7.59 -19.37 9.83
CA MET A 106 7.10 -20.67 10.29
C MET A 106 8.26 -21.54 10.76
N ASN A 107 7.94 -22.55 11.55
CA ASN A 107 8.95 -23.47 12.09
C ASN A 107 8.31 -24.62 12.84
N SER A 108 8.81 -25.83 12.62
CA SER A 108 8.29 -27.01 13.29
C SER A 108 9.13 -27.37 14.50
N GLY A 109 8.69 -28.39 15.25
CA GLY A 109 9.42 -28.82 16.42
C GLY A 109 9.16 -27.93 17.62
N PRO A 110 8.06 -28.21 18.34
CA PRO A 110 7.69 -27.44 19.53
C PRO A 110 8.63 -27.66 20.71
N SER A 111 9.34 -26.61 21.10
CA SER A 111 10.27 -26.70 22.21
C SER A 111 10.44 -25.33 22.88
N SER A 112 10.65 -25.36 24.20
CA SER A 112 10.81 -24.13 24.97
C SER A 112 12.22 -23.57 24.79
N GLY A 113 12.38 -22.68 23.82
CA GLY A 113 13.68 -22.08 23.56
C GLY A 113 13.72 -21.35 22.23
N GLY A 1 -25.81 1.28 -5.13
CA GLY A 1 -26.05 -0.14 -5.30
C GLY A 1 -26.15 -0.54 -6.76
N SER A 2 -25.02 -0.82 -7.39
CA SER A 2 -24.99 -1.21 -8.79
C SER A 2 -25.36 -2.68 -8.94
N SER A 3 -25.87 -3.03 -10.12
CA SER A 3 -26.26 -4.40 -10.41
C SER A 3 -25.08 -5.22 -10.90
N GLY A 4 -24.80 -6.33 -10.24
CA GLY A 4 -23.70 -7.18 -10.64
C GLY A 4 -22.47 -6.39 -11.04
N SER A 5 -21.62 -6.09 -10.06
CA SER A 5 -20.40 -5.32 -10.32
C SER A 5 -19.26 -5.83 -9.45
N SER A 6 -18.25 -6.41 -10.11
CA SER A 6 -17.09 -6.95 -9.40
C SER A 6 -16.21 -5.82 -8.88
N GLY A 7 -15.76 -5.96 -7.63
CA GLY A 7 -14.91 -4.95 -7.03
C GLY A 7 -15.13 -4.82 -5.54
N ASP A 8 -15.26 -5.96 -4.86
CA ASP A 8 -15.47 -5.98 -3.42
C ASP A 8 -14.33 -6.72 -2.70
N PRO A 9 -13.91 -6.19 -1.55
CA PRO A 9 -12.84 -6.79 -0.75
C PRO A 9 -13.26 -8.10 -0.10
N ASP A 10 -12.38 -8.67 0.72
CA ASP A 10 -12.66 -9.92 1.39
C ASP A 10 -12.31 -9.83 2.87
N GLU A 11 -12.69 -10.86 3.64
CA GLU A 11 -12.40 -10.89 5.06
C GLU A 11 -10.93 -10.63 5.34
N ASP A 12 -10.64 -9.52 6.01
CA ASP A 12 -9.26 -9.16 6.34
C ASP A 12 -9.19 -8.46 7.70
N SER A 13 -8.04 -8.56 8.34
CA SER A 13 -7.84 -7.95 9.65
C SER A 13 -7.57 -6.46 9.52
N ASP A 14 -7.67 -5.74 10.63
CA ASP A 14 -7.44 -4.30 10.63
C ASP A 14 -6.21 -3.94 9.80
N ASN A 15 -6.42 -3.15 8.76
CA ASN A 15 -5.33 -2.74 7.88
C ASN A 15 -5.72 -1.50 7.08
N SER A 16 -4.93 -0.44 7.19
CA SER A 16 -5.19 0.79 6.48
C SER A 16 -4.02 1.16 5.57
N ALA A 17 -3.42 0.14 4.96
CA ALA A 17 -2.29 0.35 4.06
C ALA A 17 -2.32 -0.63 2.90
N ILE A 18 -1.50 -0.38 1.88
CA ILE A 18 -1.44 -1.24 0.71
C ILE A 18 -0.01 -1.36 0.19
N TYR A 19 0.34 -2.55 -0.27
CA TYR A 19 1.68 -2.80 -0.79
C TYR A 19 1.68 -2.77 -2.32
N VAL A 20 2.37 -1.80 -2.89
CA VAL A 20 2.46 -1.65 -4.34
C VAL A 20 3.75 -2.27 -4.87
N GLN A 21 3.66 -2.90 -6.03
CA GLN A 21 4.82 -3.54 -6.65
C GLN A 21 4.72 -3.48 -8.17
N GLY A 22 5.70 -2.84 -8.80
CA GLY A 22 5.70 -2.73 -10.25
C GLY A 22 5.90 -1.30 -10.73
N LEU A 23 6.44 -0.46 -9.86
CA LEU A 23 6.68 0.94 -10.19
C LEU A 23 7.95 1.09 -11.03
N ASN A 24 8.00 2.16 -11.82
CA ASN A 24 9.16 2.42 -12.67
C ASN A 24 10.34 2.91 -11.85
N ASP A 25 11.44 3.21 -12.52
CA ASP A 25 12.65 3.70 -11.85
C ASP A 25 12.65 5.22 -11.77
N SER A 26 11.58 5.84 -12.28
CA SER A 26 11.47 7.29 -12.27
C SER A 26 10.24 7.73 -11.47
N VAL A 27 9.71 6.82 -10.67
CA VAL A 27 8.54 7.10 -9.85
C VAL A 27 8.90 7.95 -8.63
N THR A 28 8.10 8.97 -8.37
CA THR A 28 8.34 9.86 -7.24
C THR A 28 7.20 9.79 -6.23
N LEU A 29 7.48 10.19 -4.99
CA LEU A 29 6.47 10.17 -3.94
C LEU A 29 5.25 11.00 -4.34
N ASP A 30 5.47 12.29 -4.58
CA ASP A 30 4.40 13.19 -4.97
C ASP A 30 3.56 12.57 -6.09
N ASP A 31 4.21 11.92 -7.03
CA ASP A 31 3.53 11.28 -8.15
C ASP A 31 2.66 10.12 -7.67
N LEU A 32 3.09 9.50 -6.58
CA LEU A 32 2.34 8.37 -6.01
C LEU A 32 1.25 8.85 -5.07
N ALA A 33 1.49 9.98 -4.41
CA ALA A 33 0.52 10.54 -3.48
C ALA A 33 -0.66 11.14 -4.24
N ASP A 34 -0.41 11.70 -5.41
CA ASP A 34 -1.44 12.30 -6.23
C ASP A 34 -2.20 11.25 -7.01
N PHE A 35 -1.59 10.08 -7.18
CA PHE A 35 -2.19 8.99 -7.93
C PHE A 35 -2.95 8.06 -6.99
N PHE A 36 -2.33 7.69 -5.88
CA PHE A 36 -2.94 6.81 -4.90
C PHE A 36 -4.14 7.47 -4.25
N LYS A 37 -4.20 8.80 -4.34
CA LYS A 37 -5.31 9.56 -3.76
C LYS A 37 -6.55 9.49 -4.64
N GLN A 38 -6.40 8.84 -5.80
CA GLN A 38 -7.51 8.70 -6.74
C GLN A 38 -8.71 8.03 -6.07
N CYS A 39 -8.46 6.86 -5.49
CA CYS A 39 -9.52 6.12 -4.81
C CYS A 39 -10.13 6.94 -3.68
N GLY A 40 -9.33 7.20 -2.66
CA GLY A 40 -9.82 7.98 -1.52
C GLY A 40 -8.83 9.05 -1.10
N VAL A 41 -8.47 9.04 0.19
CA VAL A 41 -7.53 10.03 0.72
C VAL A 41 -6.33 9.34 1.37
N VAL A 42 -5.14 9.86 1.10
CA VAL A 42 -3.91 9.32 1.67
C VAL A 42 -3.60 9.94 3.03
N LYS A 43 -3.30 9.09 4.01
CA LYS A 43 -2.98 9.56 5.35
C LYS A 43 -1.81 10.53 5.32
N MET A 44 -2.10 11.81 5.53
CA MET A 44 -1.07 12.84 5.52
C MET A 44 -0.73 13.26 6.95
N ASN A 45 0.54 13.10 7.32
CA ASN A 45 1.00 13.46 8.65
C ASN A 45 0.48 14.84 9.05
N LYS A 46 0.29 15.04 10.35
CA LYS A 46 -0.21 16.31 10.86
C LYS A 46 0.96 17.21 11.30
N ARG A 47 2.09 16.59 11.61
CA ARG A 47 3.28 17.33 12.04
C ARG A 47 4.21 17.57 10.86
N THR A 48 4.47 16.54 10.08
CA THR A 48 5.36 16.64 8.93
C THR A 48 4.59 17.03 7.67
N GLY A 49 3.26 16.88 7.73
CA GLY A 49 2.43 17.22 6.59
C GLY A 49 2.80 16.44 5.35
N GLN A 50 3.43 15.28 5.54
CA GLN A 50 3.83 14.44 4.42
C GLN A 50 3.01 13.16 4.36
N PRO A 51 2.87 12.58 3.16
CA PRO A 51 2.11 11.36 2.95
C PRO A 51 2.80 10.14 3.55
N MET A 52 2.00 9.19 4.03
CA MET A 52 2.54 7.97 4.64
C MET A 52 2.91 6.96 3.56
N ILE A 53 3.51 7.44 2.48
CA ILE A 53 3.93 6.57 1.39
C ILE A 53 5.41 6.24 1.48
N HIS A 54 5.75 4.97 1.26
CA HIS A 54 7.13 4.53 1.31
C HIS A 54 7.60 4.02 -0.05
N ILE A 55 8.83 4.33 -0.40
CA ILE A 55 9.40 3.91 -1.67
C ILE A 55 10.81 3.34 -1.49
N TYR A 56 10.91 2.03 -1.35
CA TYR A 56 12.20 1.36 -1.17
C TYR A 56 13.10 1.61 -2.37
N LEU A 57 14.29 2.14 -2.10
CA LEU A 57 15.26 2.42 -3.16
C LEU A 57 16.44 1.47 -3.08
N ASP A 58 16.85 0.94 -4.23
CA ASP A 58 17.98 0.01 -4.29
C ASP A 58 19.23 0.65 -3.67
N LYS A 59 19.79 -0.03 -2.68
CA LYS A 59 20.98 0.45 -2.00
C LYS A 59 22.20 0.36 -2.91
N GLU A 60 22.00 -0.18 -4.11
CA GLU A 60 23.08 -0.33 -5.08
C GLU A 60 23.21 0.92 -5.95
N THR A 61 22.07 1.49 -6.32
CA THR A 61 22.06 2.68 -7.16
C THR A 61 21.30 3.82 -6.48
N GLY A 62 20.26 3.48 -5.74
CA GLY A 62 19.48 4.48 -5.05
C GLY A 62 18.15 4.73 -5.72
N LYS A 63 17.89 4.05 -6.83
CA LYS A 63 16.65 4.21 -7.56
C LYS A 63 15.56 3.32 -6.98
N PRO A 64 14.30 3.75 -7.16
CA PRO A 64 13.14 3.01 -6.65
C PRO A 64 12.90 1.70 -7.41
N LYS A 65 13.44 0.62 -6.89
CA LYS A 65 13.30 -0.69 -7.52
C LYS A 65 11.94 -0.81 -8.21
N GLY A 66 10.88 -0.47 -7.49
CA GLY A 66 9.55 -0.54 -8.06
C GLY A 66 8.49 -0.83 -7.01
N ASP A 67 8.93 -1.25 -5.83
CA ASP A 67 8.01 -1.56 -4.74
C ASP A 67 7.75 -0.32 -3.87
N ALA A 68 6.62 -0.32 -3.20
CA ALA A 68 6.24 0.80 -2.33
C ALA A 68 5.06 0.45 -1.46
N THR A 69 4.75 1.32 -0.50
CA THR A 69 3.63 1.10 0.41
C THR A 69 2.88 2.39 0.68
N VAL A 70 1.55 2.34 0.59
CA VAL A 70 0.72 3.51 0.83
C VAL A 70 -0.22 3.28 2.01
N SER A 71 -0.13 4.16 3.01
CA SER A 71 -0.96 4.06 4.20
C SER A 71 -2.17 5.00 4.10
N TYR A 72 -3.35 4.42 4.01
CA TYR A 72 -4.58 5.20 3.90
C TYR A 72 -5.11 5.56 5.28
N GLU A 73 -6.10 6.44 5.32
CA GLU A 73 -6.69 6.88 6.58
C GLU A 73 -7.37 5.71 7.29
N ASP A 74 -8.43 5.18 6.69
CA ASP A 74 -9.17 4.07 7.27
C ASP A 74 -9.05 2.82 6.39
N PRO A 75 -9.23 1.64 7.00
CA PRO A 75 -9.14 0.37 6.29
C PRO A 75 -10.12 0.29 5.12
N PRO A 76 -11.36 0.76 5.35
CA PRO A 76 -12.41 0.75 4.33
C PRO A 76 -11.94 1.36 3.01
N THR A 77 -10.97 2.27 3.09
CA THR A 77 -10.43 2.92 1.91
C THR A 77 -9.25 2.14 1.33
N ALA A 78 -8.39 1.64 2.21
CA ALA A 78 -7.23 0.87 1.79
C ALA A 78 -7.64 -0.36 1.00
N LYS A 79 -8.58 -1.13 1.54
CA LYS A 79 -9.06 -2.33 0.88
C LYS A 79 -9.65 -2.01 -0.49
N ALA A 80 -10.38 -0.90 -0.56
CA ALA A 80 -11.00 -0.47 -1.81
C ALA A 80 -9.94 0.02 -2.80
N ALA A 81 -8.89 0.64 -2.28
CA ALA A 81 -7.82 1.16 -3.12
C ALA A 81 -7.03 0.03 -3.75
N VAL A 82 -6.89 -1.08 -3.03
CA VAL A 82 -6.15 -2.23 -3.53
C VAL A 82 -6.70 -2.70 -4.86
N GLU A 83 -7.98 -3.09 -4.87
CA GLU A 83 -8.63 -3.56 -6.10
C GLU A 83 -8.76 -2.42 -7.10
N TRP A 84 -8.54 -1.20 -6.65
CA TRP A 84 -8.64 -0.03 -7.51
C TRP A 84 -7.38 0.14 -8.35
N PHE A 85 -6.23 0.21 -7.68
CA PHE A 85 -4.96 0.36 -8.36
C PHE A 85 -4.39 -0.98 -8.78
N ASP A 86 -4.90 -2.04 -8.17
CA ASP A 86 -4.44 -3.40 -8.48
C ASP A 86 -4.53 -3.67 -9.97
N GLY A 87 -3.43 -3.46 -10.68
CA GLY A 87 -3.40 -3.70 -12.11
C GLY A 87 -3.43 -2.41 -12.91
N LYS A 88 -3.05 -1.31 -12.26
CA LYS A 88 -3.03 -0.01 -12.92
C LYS A 88 -1.79 0.13 -13.81
N ASP A 89 -1.77 1.19 -14.61
CA ASP A 89 -0.65 1.43 -15.50
C ASP A 89 0.11 2.71 -15.10
N PHE A 90 1.34 2.54 -14.65
CA PHE A 90 2.16 3.67 -14.22
C PHE A 90 3.45 3.75 -15.04
N GLN A 91 3.49 4.70 -15.97
CA GLN A 91 4.68 4.87 -16.82
C GLN A 91 4.92 3.64 -17.68
N GLY A 92 3.84 3.02 -18.15
CA GLY A 92 3.95 1.84 -18.97
C GLY A 92 4.33 0.61 -18.17
N SER A 93 4.03 0.64 -16.88
CA SER A 93 4.35 -0.48 -16.00
C SER A 93 3.15 -0.85 -15.13
N LYS A 94 2.82 -2.14 -15.09
CA LYS A 94 1.70 -2.61 -14.30
C LYS A 94 2.02 -2.58 -12.81
N LEU A 95 1.07 -2.10 -12.02
CA LEU A 95 1.26 -2.01 -10.57
C LEU A 95 0.49 -3.12 -9.85
N LYS A 96 1.08 -3.64 -8.78
CA LYS A 96 0.46 -4.70 -8.01
C LYS A 96 0.17 -4.24 -6.58
N VAL A 97 -1.09 -3.95 -6.29
CA VAL A 97 -1.50 -3.50 -4.97
C VAL A 97 -2.12 -4.63 -4.16
N SER A 98 -1.70 -4.77 -2.92
CA SER A 98 -2.21 -5.82 -2.05
C SER A 98 -2.05 -5.44 -0.57
N LEU A 99 -3.13 -5.60 0.19
CA LEU A 99 -3.11 -5.26 1.62
C LEU A 99 -1.79 -5.70 2.25
N ALA A 100 -1.06 -4.73 2.81
CA ALA A 100 0.21 -5.00 3.45
C ALA A 100 0.04 -5.99 4.61
N ARG A 101 0.32 -7.26 4.35
CA ARG A 101 0.20 -8.29 5.38
C ARG A 101 1.42 -9.20 5.39
N LYS A 102 2.03 -9.35 6.56
CA LYS A 102 3.21 -10.18 6.71
C LYS A 102 2.84 -11.56 7.23
N LYS A 103 3.54 -12.58 6.73
CA LYS A 103 3.27 -13.96 7.15
C LYS A 103 4.43 -14.50 7.99
N PRO A 104 4.09 -15.17 9.10
CA PRO A 104 5.10 -15.76 10.00
C PRO A 104 5.81 -16.94 9.38
N PRO A 105 6.97 -17.32 9.96
CA PRO A 105 7.77 -18.45 9.48
C PRO A 105 7.10 -19.79 9.74
N MET A 106 6.39 -19.88 10.86
CA MET A 106 5.70 -21.11 11.23
C MET A 106 4.44 -21.30 10.39
N ASN A 107 4.09 -22.56 10.13
CA ASN A 107 2.91 -22.87 9.33
C ASN A 107 2.21 -24.12 9.87
N SER A 108 1.01 -23.92 10.41
CA SER A 108 0.23 -25.02 10.97
C SER A 108 1.14 -26.01 11.69
N GLY A 109 2.18 -25.49 12.33
CA GLY A 109 3.12 -26.35 13.04
C GLY A 109 2.42 -27.21 14.09
N PRO A 110 3.17 -28.18 14.65
CA PRO A 110 2.63 -29.09 15.67
C PRO A 110 2.37 -28.39 17.00
N SER A 111 1.16 -27.86 17.15
CA SER A 111 0.79 -27.16 18.37
C SER A 111 -0.07 -28.05 19.27
N SER A 112 0.52 -28.54 20.36
CA SER A 112 -0.18 -29.40 21.29
C SER A 112 -1.38 -28.68 21.90
N GLY A 113 -2.55 -28.91 21.31
CA GLY A 113 -3.76 -28.29 21.80
C GLY A 113 -4.04 -26.96 21.12
N GLY A 1 -4.88 23.89 32.91
CA GLY A 1 -6.16 23.23 32.70
C GLY A 1 -6.22 21.86 33.35
N SER A 2 -7.32 21.59 34.05
CA SER A 2 -7.50 20.32 34.73
C SER A 2 -7.91 19.23 33.74
N SER A 3 -7.35 18.03 33.92
CA SER A 3 -7.66 16.90 33.05
C SER A 3 -8.15 15.70 33.85
N GLY A 4 -8.56 14.65 33.16
CA GLY A 4 -9.05 13.45 33.83
C GLY A 4 -8.77 12.20 33.03
N SER A 5 -9.65 11.91 32.06
CA SER A 5 -9.50 10.72 31.23
C SER A 5 -8.39 10.91 30.21
N SER A 6 -7.17 10.51 30.57
CA SER A 6 -6.02 10.64 29.68
C SER A 6 -5.56 9.28 29.18
N GLY A 7 -5.42 9.16 27.87
CA GLY A 7 -4.99 7.90 27.28
C GLY A 7 -5.11 7.89 25.77
N ASP A 8 -5.64 6.80 25.23
CA ASP A 8 -5.81 6.67 23.79
C ASP A 8 -7.13 5.98 23.45
N PRO A 9 -7.79 6.46 22.39
CA PRO A 9 -9.07 5.91 21.94
C PRO A 9 -8.93 4.50 21.35
N ASP A 10 -10.05 3.81 21.21
CA ASP A 10 -10.05 2.46 20.65
C ASP A 10 -9.69 2.49 19.17
N GLU A 11 -8.40 2.61 18.88
CA GLU A 11 -7.95 2.65 17.49
C GLU A 11 -8.18 1.31 16.81
N ASP A 12 -8.57 1.36 15.54
CA ASP A 12 -8.83 0.16 14.76
C ASP A 12 -7.55 -0.66 14.58
N SER A 13 -7.67 -1.98 14.76
CA SER A 13 -6.52 -2.87 14.63
C SER A 13 -6.54 -3.58 13.28
N ASP A 14 -6.82 -2.81 12.23
CA ASP A 14 -6.86 -3.37 10.87
C ASP A 14 -5.70 -2.85 10.04
N ASN A 15 -5.61 -3.33 8.80
CA ASN A 15 -4.53 -2.92 7.90
C ASN A 15 -5.00 -1.81 6.97
N SER A 16 -4.74 -0.56 7.37
CA SER A 16 -5.14 0.59 6.58
C SER A 16 -4.03 1.01 5.62
N ALA A 17 -3.33 0.01 5.08
CA ALA A 17 -2.24 0.27 4.14
C ALA A 17 -2.29 -0.69 2.97
N ILE A 18 -1.54 -0.39 1.92
CA ILE A 18 -1.50 -1.23 0.72
C ILE A 18 -0.07 -1.38 0.21
N TYR A 19 0.25 -2.58 -0.27
CA TYR A 19 1.58 -2.86 -0.80
C TYR A 19 1.59 -2.80 -2.33
N VAL A 20 2.37 -1.87 -2.88
CA VAL A 20 2.46 -1.72 -4.32
C VAL A 20 3.74 -2.34 -4.86
N GLN A 21 3.66 -2.92 -6.04
CA GLN A 21 4.81 -3.55 -6.67
C GLN A 21 4.72 -3.49 -8.19
N GLY A 22 5.69 -2.81 -8.81
CA GLY A 22 5.69 -2.68 -10.26
C GLY A 22 5.88 -1.24 -10.71
N LEU A 23 6.47 -0.42 -9.84
CA LEU A 23 6.70 0.98 -10.15
C LEU A 23 7.96 1.15 -11.00
N ASN A 24 8.03 2.24 -11.74
CA ASN A 24 9.17 2.52 -12.60
C ASN A 24 10.34 3.08 -11.79
N ASP A 25 11.44 3.38 -12.46
CA ASP A 25 12.62 3.93 -11.80
C ASP A 25 12.55 5.45 -11.74
N SER A 26 11.45 6.01 -12.26
CA SER A 26 11.26 7.45 -12.26
C SER A 26 10.05 7.84 -11.42
N VAL A 27 9.60 6.92 -10.59
CA VAL A 27 8.45 7.16 -9.72
C VAL A 27 8.82 8.03 -8.53
N THR A 28 7.98 9.00 -8.21
CA THR A 28 8.23 9.90 -7.10
C THR A 28 7.07 9.87 -6.10
N LEU A 29 7.37 10.23 -4.85
CA LEU A 29 6.36 10.25 -3.80
C LEU A 29 5.13 11.06 -4.23
N ASP A 30 5.33 12.36 -4.42
CA ASP A 30 4.25 13.24 -4.84
C ASP A 30 3.47 12.63 -6.00
N ASP A 31 4.18 11.96 -6.89
CA ASP A 31 3.54 11.32 -8.05
C ASP A 31 2.68 10.14 -7.62
N LEU A 32 3.10 9.47 -6.54
CA LEU A 32 2.36 8.33 -6.02
C LEU A 32 1.23 8.76 -5.10
N ALA A 33 1.42 9.91 -4.45
CA ALA A 33 0.42 10.44 -3.54
C ALA A 33 -0.77 11.01 -4.31
N ASP A 34 -0.49 11.69 -5.41
CA ASP A 34 -1.53 12.29 -6.23
C ASP A 34 -2.29 11.21 -7.01
N PHE A 35 -1.66 10.07 -7.18
CA PHE A 35 -2.27 8.95 -7.92
C PHE A 35 -3.00 8.02 -6.95
N PHE A 36 -2.32 7.61 -5.89
CA PHE A 36 -2.91 6.73 -4.90
C PHE A 36 -4.12 7.37 -4.23
N LYS A 37 -4.17 8.69 -4.26
CA LYS A 37 -5.27 9.43 -3.66
C LYS A 37 -6.53 9.32 -4.51
N GLN A 38 -6.36 8.84 -5.74
CA GLN A 38 -7.49 8.68 -6.65
C GLN A 38 -8.66 7.99 -5.97
N CYS A 39 -8.40 6.80 -5.44
CA CYS A 39 -9.43 6.03 -4.74
C CYS A 39 -10.06 6.84 -3.63
N GLY A 40 -9.30 7.09 -2.57
CA GLY A 40 -9.81 7.85 -1.44
C GLY A 40 -8.84 8.93 -1.01
N VAL A 41 -8.45 8.89 0.27
CA VAL A 41 -7.52 9.88 0.82
C VAL A 41 -6.33 9.21 1.47
N VAL A 42 -5.14 9.71 1.16
CA VAL A 42 -3.91 9.16 1.72
C VAL A 42 -3.57 9.80 3.06
N LYS A 43 -3.27 8.98 4.05
CA LYS A 43 -2.94 9.46 5.38
C LYS A 43 -1.77 10.46 5.31
N MET A 44 -2.08 11.73 5.56
CA MET A 44 -1.07 12.78 5.53
C MET A 44 -0.69 13.21 6.94
N ASN A 45 0.59 13.11 7.27
CA ASN A 45 1.09 13.49 8.58
C ASN A 45 0.59 14.88 8.97
N LYS A 46 0.33 15.08 10.25
CA LYS A 46 -0.15 16.36 10.75
C LYS A 46 1.02 17.21 11.27
N ARG A 47 2.19 16.60 11.35
CA ARG A 47 3.38 17.30 11.82
C ARG A 47 4.28 17.68 10.65
N THR A 48 4.57 16.72 9.79
CA THR A 48 5.42 16.95 8.63
C THR A 48 4.60 17.29 7.40
N GLY A 49 3.30 17.02 7.47
CA GLY A 49 2.42 17.32 6.35
C GLY A 49 2.78 16.51 5.11
N GLN A 50 3.32 15.33 5.32
CA GLN A 50 3.70 14.46 4.21
C GLN A 50 2.90 13.18 4.20
N PRO A 51 2.73 12.58 3.02
CA PRO A 51 1.97 11.33 2.86
C PRO A 51 2.69 10.13 3.46
N MET A 52 1.92 9.18 3.97
CA MET A 52 2.48 7.99 4.59
C MET A 52 2.87 6.96 3.52
N ILE A 53 3.46 7.44 2.43
CA ILE A 53 3.88 6.57 1.34
C ILE A 53 5.37 6.24 1.45
N HIS A 54 5.70 4.97 1.24
CA HIS A 54 7.08 4.53 1.31
C HIS A 54 7.55 4.01 -0.04
N ILE A 55 8.79 4.34 -0.40
CA ILE A 55 9.36 3.91 -1.68
C ILE A 55 10.77 3.34 -1.49
N TYR A 56 10.85 2.02 -1.33
CA TYR A 56 12.14 1.36 -1.15
C TYR A 56 13.06 1.61 -2.33
N LEU A 57 14.28 2.04 -2.03
CA LEU A 57 15.27 2.31 -3.08
C LEU A 57 16.43 1.34 -3.00
N ASP A 58 16.87 0.85 -4.16
CA ASP A 58 17.98 -0.09 -4.22
C ASP A 58 19.23 0.49 -3.53
N LYS A 59 19.80 -0.30 -2.63
CA LYS A 59 20.99 0.13 -1.90
C LYS A 59 22.23 0.05 -2.78
N GLU A 60 22.05 -0.42 -4.02
CA GLU A 60 23.15 -0.55 -4.96
C GLU A 60 23.21 0.65 -5.90
N THR A 61 22.04 1.24 -6.18
CA THR A 61 21.95 2.39 -7.06
C THR A 61 21.27 3.57 -6.38
N GLY A 62 20.28 3.26 -5.55
CA GLY A 62 19.56 4.31 -4.83
C GLY A 62 18.26 4.68 -5.52
N LYS A 63 17.89 3.92 -6.55
CA LYS A 63 16.66 4.18 -7.29
C LYS A 63 15.52 3.31 -6.77
N PRO A 64 14.28 3.78 -7.00
CA PRO A 64 13.07 3.07 -6.57
C PRO A 64 12.86 1.77 -7.35
N LYS A 65 13.44 0.68 -6.86
CA LYS A 65 13.29 -0.62 -7.50
C LYS A 65 11.95 -0.73 -8.21
N GLY A 66 10.87 -0.51 -7.46
CA GLY A 66 9.53 -0.60 -8.04
C GLY A 66 8.47 -0.86 -7.00
N ASP A 67 8.90 -1.30 -5.81
CA ASP A 67 7.97 -1.60 -4.73
C ASP A 67 7.71 -0.35 -3.88
N ALA A 68 6.59 -0.35 -3.17
CA ALA A 68 6.23 0.78 -2.33
C ALA A 68 5.02 0.44 -1.45
N THR A 69 4.68 1.35 -0.54
CA THR A 69 3.56 1.15 0.36
C THR A 69 2.80 2.45 0.59
N VAL A 70 1.47 2.37 0.57
CA VAL A 70 0.63 3.55 0.79
C VAL A 70 -0.33 3.34 1.96
N SER A 71 -0.10 4.07 3.04
CA SER A 71 -0.94 3.96 4.23
C SER A 71 -2.15 4.90 4.13
N TYR A 72 -3.33 4.31 4.05
CA TYR A 72 -4.56 5.09 3.95
C TYR A 72 -5.10 5.44 5.33
N GLU A 73 -6.05 6.37 5.37
CA GLU A 73 -6.64 6.79 6.63
C GLU A 73 -7.33 5.63 7.33
N ASP A 74 -8.39 5.12 6.72
CA ASP A 74 -9.14 4.01 7.29
C ASP A 74 -8.96 2.74 6.46
N PRO A 75 -9.16 1.58 7.07
CA PRO A 75 -9.02 0.28 6.41
C PRO A 75 -9.92 0.17 5.19
N PRO A 76 -11.18 0.63 5.32
CA PRO A 76 -12.16 0.58 4.24
C PRO A 76 -11.61 1.17 2.94
N THR A 77 -10.97 2.33 3.04
CA THR A 77 -10.41 3.01 1.88
C THR A 77 -9.23 2.23 1.31
N ALA A 78 -8.41 1.68 2.21
CA ALA A 78 -7.25 0.90 1.80
C ALA A 78 -7.66 -0.33 0.98
N LYS A 79 -8.63 -1.07 1.50
CA LYS A 79 -9.12 -2.27 0.82
C LYS A 79 -9.71 -1.92 -0.55
N ALA A 80 -10.41 -0.79 -0.62
CA ALA A 80 -11.01 -0.35 -1.87
C ALA A 80 -9.95 0.12 -2.85
N ALA A 81 -8.89 0.73 -2.34
CA ALA A 81 -7.80 1.22 -3.17
C ALA A 81 -7.04 0.08 -3.80
N VAL A 82 -6.93 -1.03 -3.08
CA VAL A 82 -6.21 -2.21 -3.58
C VAL A 82 -6.77 -2.65 -4.93
N GLU A 83 -8.04 -3.05 -4.93
CA GLU A 83 -8.69 -3.50 -6.16
C GLU A 83 -8.83 -2.35 -7.16
N TRP A 84 -8.57 -1.14 -6.69
CA TRP A 84 -8.67 0.04 -7.54
C TRP A 84 -7.40 0.21 -8.38
N PHE A 85 -6.26 0.28 -7.71
CA PHE A 85 -4.98 0.44 -8.40
C PHE A 85 -4.42 -0.90 -8.83
N ASP A 86 -4.88 -1.97 -8.18
CA ASP A 86 -4.43 -3.32 -8.50
C ASP A 86 -4.57 -3.60 -9.99
N GLY A 87 -3.49 -3.45 -10.73
CA GLY A 87 -3.51 -3.69 -12.16
C GLY A 87 -3.54 -2.40 -12.97
N LYS A 88 -3.10 -1.31 -12.35
CA LYS A 88 -3.06 -0.01 -13.02
C LYS A 88 -1.83 0.11 -13.90
N ASP A 89 -1.74 1.23 -14.62
CA ASP A 89 -0.61 1.47 -15.51
C ASP A 89 0.13 2.75 -15.11
N PHE A 90 1.38 2.58 -14.67
CA PHE A 90 2.20 3.72 -14.25
C PHE A 90 3.47 3.80 -15.08
N GLN A 91 3.51 4.75 -16.01
CA GLN A 91 4.67 4.93 -16.87
C GLN A 91 4.92 3.69 -17.72
N GLY A 92 3.85 3.10 -18.23
CA GLY A 92 3.97 1.91 -19.06
C GLY A 92 4.36 0.69 -18.26
N SER A 93 4.03 0.69 -16.97
CA SER A 93 4.35 -0.43 -16.09
C SER A 93 3.17 -0.79 -15.22
N LYS A 94 2.80 -2.07 -15.23
CA LYS A 94 1.67 -2.56 -14.44
C LYS A 94 2.00 -2.51 -12.95
N LEU A 95 1.03 -2.06 -12.16
CA LEU A 95 1.22 -1.96 -10.71
C LEU A 95 0.43 -3.05 -9.99
N LYS A 96 1.04 -3.63 -8.96
CA LYS A 96 0.39 -4.68 -8.18
C LYS A 96 0.16 -4.23 -6.75
N VAL A 97 -1.09 -3.94 -6.41
CA VAL A 97 -1.46 -3.50 -5.07
C VAL A 97 -2.05 -4.65 -4.26
N SER A 98 -1.61 -4.77 -3.01
CA SER A 98 -2.09 -5.82 -2.13
C SER A 98 -1.92 -5.42 -0.66
N LEU A 99 -3.01 -5.52 0.10
CA LEU A 99 -2.99 -5.17 1.51
C LEU A 99 -1.69 -5.63 2.17
N ALA A 100 -0.86 -4.67 2.58
CA ALA A 100 0.41 -4.97 3.21
C ALA A 100 0.22 -5.97 4.35
N ARG A 101 1.06 -7.01 4.37
CA ARG A 101 0.98 -8.03 5.41
C ARG A 101 1.54 -7.50 6.73
N LYS A 102 0.91 -7.90 7.83
CA LYS A 102 1.35 -7.48 9.15
C LYS A 102 0.56 -8.21 10.24
N LYS A 103 1.28 -8.69 11.26
CA LYS A 103 0.64 -9.40 12.36
C LYS A 103 1.38 -9.13 13.68
N PRO A 104 0.63 -9.18 14.80
CA PRO A 104 1.19 -8.95 16.12
C PRO A 104 2.11 -10.08 16.58
N PRO A 105 3.04 -9.77 17.49
CA PRO A 105 4.00 -10.74 18.02
C PRO A 105 3.33 -11.78 18.91
N MET A 106 3.99 -12.92 19.09
CA MET A 106 3.46 -13.99 19.92
C MET A 106 4.13 -14.00 21.29
N ASN A 107 3.32 -13.80 22.33
CA ASN A 107 3.84 -13.78 23.69
C ASN A 107 3.10 -14.78 24.57
N SER A 108 3.85 -15.60 25.31
CA SER A 108 3.26 -16.60 26.18
C SER A 108 4.29 -17.11 27.19
N GLY A 109 4.04 -16.87 28.47
CA GLY A 109 4.94 -17.31 29.50
C GLY A 109 4.31 -18.33 30.43
N PRO A 110 5.13 -18.93 31.31
CA PRO A 110 4.67 -19.96 32.26
C PRO A 110 3.79 -19.36 33.35
N SER A 111 3.36 -20.20 34.27
CA SER A 111 2.50 -19.77 35.37
C SER A 111 3.13 -18.61 36.13
N SER A 112 2.31 -17.72 36.66
CA SER A 112 2.80 -16.56 37.40
C SER A 112 2.32 -16.63 38.85
N GLY A 113 1.02 -16.86 39.04
CA GLY A 113 0.46 -16.93 40.38
C GLY A 113 0.42 -15.57 41.06
N GLY A 1 -10.51 -23.90 -5.46
CA GLY A 1 -10.31 -25.03 -4.57
C GLY A 1 -9.82 -24.60 -3.20
N SER A 2 -10.69 -23.95 -2.44
CA SER A 2 -10.32 -23.48 -1.10
C SER A 2 -10.79 -24.47 -0.03
N SER A 3 -9.91 -24.74 0.93
CA SER A 3 -10.24 -25.67 2.00
C SER A 3 -10.60 -24.91 3.29
N GLY A 4 -11.10 -25.65 4.27
CA GLY A 4 -11.49 -25.03 5.53
C GLY A 4 -12.60 -24.03 5.36
N SER A 5 -13.79 -24.38 5.82
CA SER A 5 -14.96 -23.51 5.72
C SER A 5 -15.41 -23.04 7.10
N SER A 6 -14.45 -22.72 7.96
CA SER A 6 -14.74 -22.27 9.31
C SER A 6 -13.98 -20.98 9.63
N GLY A 7 -14.38 -20.33 10.72
CA GLY A 7 -13.73 -19.08 11.11
C GLY A 7 -14.44 -17.86 10.58
N ASP A 8 -14.50 -16.81 11.39
CA ASP A 8 -15.16 -15.57 10.99
C ASP A 8 -14.14 -14.57 10.46
N PRO A 9 -14.62 -13.60 9.66
CA PRO A 9 -13.77 -12.56 9.08
C PRO A 9 -13.26 -11.57 10.12
N ASP A 10 -13.76 -11.70 11.34
CA ASP A 10 -13.35 -10.82 12.44
C ASP A 10 -11.87 -10.48 12.33
N GLU A 11 -11.57 -9.20 12.18
CA GLU A 11 -10.19 -8.75 12.07
C GLU A 11 -9.71 -8.15 13.39
N ASP A 12 -8.44 -8.38 13.70
CA ASP A 12 -7.84 -7.86 14.93
C ASP A 12 -6.96 -6.65 14.65
N SER A 13 -6.04 -6.81 13.72
CA SER A 13 -5.12 -5.72 13.35
C SER A 13 -5.51 -5.12 12.01
N ASP A 14 -6.33 -4.08 12.05
CA ASP A 14 -6.77 -3.40 10.84
C ASP A 14 -5.58 -2.95 10.00
N ASN A 15 -5.62 -3.28 8.71
CA ASN A 15 -4.54 -2.92 7.80
C ASN A 15 -5.03 -1.91 6.75
N SER A 16 -4.93 -0.63 7.08
CA SER A 16 -5.37 0.43 6.19
C SER A 16 -4.26 0.81 5.21
N ALA A 17 -3.31 -0.11 5.02
CA ALA A 17 -2.19 0.12 4.12
C ALA A 17 -2.22 -0.84 2.93
N ILE A 18 -1.48 -0.52 1.89
CA ILE A 18 -1.44 -1.35 0.69
C ILE A 18 0.00 -1.49 0.18
N TYR A 19 0.34 -2.68 -0.30
CA TYR A 19 1.67 -2.94 -0.82
C TYR A 19 1.68 -2.90 -2.35
N VAL A 20 2.38 -1.93 -2.91
CA VAL A 20 2.47 -1.78 -4.36
C VAL A 20 3.78 -2.33 -4.89
N GLN A 21 3.74 -2.97 -6.05
CA GLN A 21 4.92 -3.54 -6.67
C GLN A 21 4.83 -3.49 -8.18
N GLY A 22 5.82 -2.85 -8.81
CA GLY A 22 5.83 -2.74 -10.26
C GLY A 22 6.04 -1.32 -10.73
N LEU A 23 6.47 -0.45 -9.82
CA LEU A 23 6.70 0.95 -10.14
C LEU A 23 7.96 1.11 -10.98
N ASN A 24 8.00 2.16 -11.80
CA ASN A 24 9.15 2.43 -12.64
C ASN A 24 10.34 2.93 -11.82
N ASP A 25 11.43 3.28 -12.51
CA ASP A 25 12.62 3.78 -11.84
C ASP A 25 12.60 5.30 -11.76
N SER A 26 11.55 5.91 -12.30
CA SER A 26 11.42 7.36 -12.30
C SER A 26 10.20 7.79 -11.49
N VAL A 27 9.70 6.89 -10.65
CA VAL A 27 8.54 7.18 -9.81
C VAL A 27 8.94 8.01 -8.59
N THR A 28 8.09 8.98 -8.25
CA THR A 28 8.34 9.84 -7.11
C THR A 28 7.20 9.78 -6.10
N LEU A 29 7.48 10.19 -4.87
CA LEU A 29 6.47 10.19 -3.82
C LEU A 29 5.25 11.00 -4.22
N ASP A 30 5.47 12.29 -4.48
CA ASP A 30 4.39 13.18 -4.88
C ASP A 30 3.55 12.56 -5.99
N ASP A 31 4.21 11.84 -6.89
CA ASP A 31 3.54 11.20 -8.01
C ASP A 31 2.68 10.04 -7.52
N LEU A 32 3.09 9.41 -6.42
CA LEU A 32 2.35 8.29 -5.86
C LEU A 32 1.25 8.78 -4.92
N ALA A 33 1.49 9.92 -4.27
CA ALA A 33 0.52 10.50 -3.36
C ALA A 33 -0.66 11.11 -4.11
N ASP A 34 -0.37 11.67 -5.28
CA ASP A 34 -1.41 12.29 -6.10
C ASP A 34 -2.17 11.23 -6.89
N PHE A 35 -1.55 10.06 -7.07
CA PHE A 35 -2.17 8.97 -7.80
C PHE A 35 -2.93 8.03 -6.87
N PHE A 36 -2.26 7.59 -5.82
CA PHE A 36 -2.87 6.69 -4.85
C PHE A 36 -4.07 7.35 -4.17
N LYS A 37 -4.10 8.68 -4.21
CA LYS A 37 -5.20 9.43 -3.62
C LYS A 37 -6.45 9.37 -4.48
N GLN A 38 -6.29 8.90 -5.72
CA GLN A 38 -7.40 8.78 -6.64
C GLN A 38 -8.60 8.11 -5.98
N CYS A 39 -8.38 6.94 -5.42
CA CYS A 39 -9.43 6.19 -4.74
C CYS A 39 -10.05 7.02 -3.63
N GLY A 40 -9.29 7.23 -2.56
CA GLY A 40 -9.78 8.00 -1.43
C GLY A 40 -8.79 9.06 -0.98
N VAL A 41 -8.42 9.01 0.30
CA VAL A 41 -7.49 9.97 0.86
C VAL A 41 -6.31 9.26 1.52
N VAL A 42 -5.11 9.77 1.28
CA VAL A 42 -3.90 9.18 1.84
C VAL A 42 -3.54 9.85 3.16
N LYS A 43 -3.30 9.03 4.19
CA LYS A 43 -2.95 9.52 5.51
C LYS A 43 -1.80 10.52 5.42
N MET A 44 -2.09 11.79 5.60
CA MET A 44 -1.07 12.84 5.55
C MET A 44 -0.71 13.31 6.95
N ASN A 45 0.58 13.25 7.28
CA ASN A 45 1.06 13.68 8.59
C ASN A 45 0.47 15.03 8.96
N LYS A 46 0.21 15.22 10.25
CA LYS A 46 -0.34 16.48 10.75
C LYS A 46 0.76 17.41 11.23
N ARG A 47 1.94 16.85 11.49
CA ARG A 47 3.08 17.63 11.96
C ARG A 47 4.03 17.93 10.81
N THR A 48 4.33 16.92 10.00
CA THR A 48 5.22 17.08 8.87
C THR A 48 4.46 17.45 7.60
N GLY A 49 3.19 17.08 7.56
CA GLY A 49 2.36 17.38 6.41
C GLY A 49 2.78 16.58 5.18
N GLN A 50 3.33 15.39 5.41
CA GLN A 50 3.78 14.53 4.32
C GLN A 50 2.97 13.24 4.28
N PRO A 51 2.86 12.65 3.08
CA PRO A 51 2.12 11.40 2.89
C PRO A 51 2.81 10.20 3.53
N MET A 52 2.02 9.27 4.04
CA MET A 52 2.56 8.07 4.69
C MET A 52 2.94 7.03 3.64
N ILE A 53 3.53 7.48 2.54
CA ILE A 53 3.95 6.58 1.47
C ILE A 53 5.44 6.23 1.59
N HIS A 54 5.77 4.99 1.27
CA HIS A 54 7.15 4.54 1.33
C HIS A 54 7.61 4.01 -0.02
N ILE A 55 8.86 4.33 -0.38
CA ILE A 55 9.42 3.89 -1.65
C ILE A 55 10.82 3.32 -1.46
N TYR A 56 10.91 2.01 -1.32
CA TYR A 56 12.20 1.34 -1.13
C TYR A 56 13.10 1.57 -2.34
N LEU A 57 14.28 2.14 -2.08
CA LEU A 57 15.24 2.41 -3.14
C LEU A 57 16.42 1.45 -3.07
N ASP A 58 16.81 0.91 -4.22
CA ASP A 58 17.93 -0.02 -4.28
C ASP A 58 19.18 0.58 -3.67
N LYS A 59 19.73 -0.08 -2.65
CA LYS A 59 20.92 0.40 -1.97
C LYS A 59 22.15 0.28 -2.89
N GLU A 60 21.94 -0.25 -4.08
CA GLU A 60 23.01 -0.43 -5.05
C GLU A 60 23.18 0.81 -5.91
N THR A 61 22.06 1.43 -6.27
CA THR A 61 22.07 2.63 -7.10
C THR A 61 21.33 3.77 -6.44
N GLY A 62 20.25 3.44 -5.72
CA GLY A 62 19.46 4.46 -5.04
C GLY A 62 18.14 4.72 -5.73
N LYS A 63 17.88 3.98 -6.81
CA LYS A 63 16.63 4.13 -7.55
C LYS A 63 15.53 3.28 -6.97
N PRO A 64 14.27 3.71 -7.15
CA PRO A 64 13.09 2.98 -6.65
C PRO A 64 12.86 1.68 -7.40
N LYS A 65 13.40 0.59 -6.87
CA LYS A 65 13.26 -0.73 -7.48
C LYS A 65 11.89 -0.84 -8.18
N GLY A 66 10.83 -0.55 -7.43
CA GLY A 66 9.50 -0.63 -7.99
C GLY A 66 8.44 -0.90 -6.93
N ASP A 67 8.88 -1.33 -5.76
CA ASP A 67 7.97 -1.62 -4.66
C ASP A 67 7.70 -0.37 -3.83
N ALA A 68 6.56 -0.34 -3.14
CA ALA A 68 6.19 0.80 -2.32
C ALA A 68 4.99 0.47 -1.44
N THR A 69 4.72 1.34 -0.47
CA THR A 69 3.60 1.13 0.44
C THR A 69 2.83 2.43 0.66
N VAL A 70 1.50 2.33 0.71
CA VAL A 70 0.65 3.50 0.91
C VAL A 70 -0.27 3.30 2.11
N SER A 71 -0.10 4.14 3.12
CA SER A 71 -0.92 4.05 4.33
C SER A 71 -2.14 4.95 4.23
N TYR A 72 -3.31 4.34 4.11
CA TYR A 72 -4.56 5.09 4.00
C TYR A 72 -5.11 5.43 5.38
N GLU A 73 -6.02 6.41 5.41
CA GLU A 73 -6.63 6.84 6.67
C GLU A 73 -7.33 5.67 7.37
N ASP A 74 -8.35 5.14 6.71
CA ASP A 74 -9.11 4.02 7.26
C ASP A 74 -9.02 2.80 6.35
N PRO A 75 -9.25 1.61 6.92
CA PRO A 75 -9.20 0.35 6.17
C PRO A 75 -10.17 0.33 5.00
N PRO A 76 -11.40 0.83 5.24
CA PRO A 76 -12.43 0.88 4.20
C PRO A 76 -11.93 1.49 2.90
N THR A 77 -10.92 2.35 3.01
CA THR A 77 -10.35 3.00 1.83
C THR A 77 -9.20 2.20 1.26
N ALA A 78 -8.36 1.65 2.15
CA ALA A 78 -7.21 0.86 1.72
C ALA A 78 -7.66 -0.35 0.90
N LYS A 79 -8.62 -1.11 1.43
CA LYS A 79 -9.13 -2.28 0.75
C LYS A 79 -9.70 -1.92 -0.62
N ALA A 80 -10.38 -0.78 -0.68
CA ALA A 80 -10.97 -0.30 -1.93
C ALA A 80 -9.91 0.19 -2.89
N ALA A 81 -8.83 0.75 -2.34
CA ALA A 81 -7.74 1.26 -3.16
C ALA A 81 -6.96 0.12 -3.80
N VAL A 82 -6.84 -1.00 -3.10
CA VAL A 82 -6.12 -2.15 -3.60
C VAL A 82 -6.66 -2.58 -4.96
N GLU A 83 -7.93 -2.97 -4.99
CA GLU A 83 -8.57 -3.41 -6.22
C GLU A 83 -8.68 -2.25 -7.21
N TRP A 84 -8.45 -1.03 -6.73
CA TRP A 84 -8.52 0.15 -7.57
C TRP A 84 -7.25 0.33 -8.39
N PHE A 85 -6.11 0.28 -7.69
CA PHE A 85 -4.82 0.43 -8.35
C PHE A 85 -4.24 -0.92 -8.74
N ASP A 86 -4.82 -1.99 -8.20
CA ASP A 86 -4.37 -3.35 -8.49
C ASP A 86 -4.46 -3.64 -9.98
N GLY A 87 -3.35 -3.39 -10.69
CA GLY A 87 -3.33 -3.64 -12.12
C GLY A 87 -3.16 -2.37 -12.93
N LYS A 88 -3.35 -1.22 -12.27
CA LYS A 88 -3.22 0.07 -12.93
C LYS A 88 -1.96 0.11 -13.79
N ASP A 89 -1.87 1.12 -14.65
CA ASP A 89 -0.72 1.28 -15.53
C ASP A 89 0.05 2.55 -15.19
N PHE A 90 1.26 2.39 -14.69
CA PHE A 90 2.11 3.52 -14.32
C PHE A 90 3.31 3.62 -15.24
N GLN A 91 3.31 4.63 -16.11
CA GLN A 91 4.40 4.84 -17.04
C GLN A 91 4.55 3.65 -17.99
N GLY A 92 3.42 3.00 -18.28
CA GLY A 92 3.45 1.84 -19.17
C GLY A 92 3.64 0.54 -18.42
N SER A 93 4.05 0.63 -17.16
CA SER A 93 4.27 -0.55 -16.34
C SER A 93 3.01 -0.90 -15.56
N LYS A 94 2.92 -2.16 -15.13
CA LYS A 94 1.76 -2.62 -14.36
C LYS A 94 2.05 -2.57 -12.86
N LEU A 95 1.08 -2.04 -12.10
CA LEU A 95 1.23 -1.93 -10.66
C LEU A 95 0.50 -3.06 -9.95
N LYS A 96 1.11 -3.59 -8.90
CA LYS A 96 0.50 -4.68 -8.14
C LYS A 96 0.24 -4.25 -6.69
N VAL A 97 -1.01 -3.90 -6.40
CA VAL A 97 -1.40 -3.48 -5.06
C VAL A 97 -2.02 -4.62 -4.28
N SER A 98 -1.56 -4.78 -3.04
CA SER A 98 -2.06 -5.85 -2.17
C SER A 98 -1.86 -5.50 -0.71
N LEU A 99 -2.93 -5.60 0.07
CA LEU A 99 -2.87 -5.30 1.51
C LEU A 99 -1.58 -5.81 2.12
N ALA A 100 -0.89 -4.95 2.86
CA ALA A 100 0.36 -5.32 3.50
C ALA A 100 0.13 -6.35 4.60
N ARG A 101 1.10 -7.22 4.81
CA ARG A 101 1.00 -8.26 5.83
C ARG A 101 -0.14 -9.21 5.53
N LYS A 102 -0.45 -9.37 4.24
CA LYS A 102 -1.53 -10.25 3.82
C LYS A 102 -1.09 -11.10 2.63
N LYS A 103 -1.90 -12.11 2.30
CA LYS A 103 -1.60 -13.00 1.18
C LYS A 103 -2.08 -12.40 -0.14
N PRO A 104 -1.26 -12.55 -1.19
CA PRO A 104 -1.58 -12.03 -2.52
C PRO A 104 -2.73 -12.79 -3.17
N PRO A 105 -3.37 -12.15 -4.17
CA PRO A 105 -4.50 -12.75 -4.90
C PRO A 105 -4.06 -13.91 -5.79
N MET A 106 -4.66 -15.08 -5.57
CA MET A 106 -4.34 -16.27 -6.35
C MET A 106 -4.70 -16.06 -7.82
N ASN A 107 -4.38 -17.05 -8.64
CA ASN A 107 -4.67 -16.98 -10.08
C ASN A 107 -6.16 -16.76 -10.32
N SER A 108 -6.98 -17.65 -9.75
CA SER A 108 -8.42 -17.57 -9.91
C SER A 108 -9.14 -18.36 -8.82
N GLY A 109 -10.38 -17.98 -8.55
CA GLY A 109 -11.15 -18.66 -7.52
C GLY A 109 -12.65 -18.63 -7.79
N PRO A 110 -13.12 -19.54 -8.65
CA PRO A 110 -14.53 -19.63 -9.03
C PRO A 110 -15.40 -20.13 -7.87
N SER A 111 -14.76 -20.64 -6.83
CA SER A 111 -15.46 -21.16 -5.67
C SER A 111 -15.36 -20.18 -4.50
N SER A 112 -16.33 -19.28 -4.39
CA SER A 112 -16.35 -18.30 -3.31
C SER A 112 -16.32 -18.98 -1.95
N GLY A 113 -17.24 -19.93 -1.75
CA GLY A 113 -17.30 -20.64 -0.48
C GLY A 113 -18.44 -21.64 -0.44
N GLY A 1 -11.65 5.04 26.57
CA GLY A 1 -10.60 5.37 27.51
C GLY A 1 -9.62 4.22 27.70
N SER A 2 -8.51 4.50 28.36
CA SER A 2 -7.48 3.49 28.61
C SER A 2 -7.56 2.97 30.04
N SER A 3 -6.71 2.00 30.36
CA SER A 3 -6.69 1.42 31.69
C SER A 3 -5.26 1.36 32.22
N GLY A 4 -4.37 0.75 31.45
CA GLY A 4 -2.98 0.64 31.86
C GLY A 4 -2.39 -0.73 31.56
N SER A 5 -1.40 -1.13 32.33
CA SER A 5 -0.75 -2.43 32.13
C SER A 5 -1.59 -3.56 32.70
N SER A 6 -2.45 -4.12 31.85
CA SER A 6 -3.32 -5.22 32.27
C SER A 6 -2.93 -6.51 31.58
N GLY A 7 -2.09 -7.31 32.25
CA GLY A 7 -1.66 -8.57 31.68
C GLY A 7 -1.06 -8.41 30.30
N ASP A 8 -1.90 -8.49 29.28
CA ASP A 8 -1.44 -8.36 27.90
C ASP A 8 -1.49 -6.90 27.45
N PRO A 9 -0.63 -6.55 26.48
CA PRO A 9 -0.56 -5.19 25.94
C PRO A 9 -1.78 -4.82 25.12
N ASP A 10 -2.05 -3.53 25.00
CA ASP A 10 -3.20 -3.05 24.23
C ASP A 10 -2.83 -2.87 22.77
N GLU A 11 -2.11 -3.84 22.21
CA GLU A 11 -1.68 -3.78 20.82
C GLU A 11 -2.88 -3.92 19.89
N ASP A 12 -3.36 -2.80 19.37
CA ASP A 12 -4.50 -2.79 18.47
C ASP A 12 -4.20 -1.96 17.21
N SER A 13 -4.40 -2.57 16.05
CA SER A 13 -4.14 -1.89 14.79
C SER A 13 -4.91 -2.56 13.64
N ASP A 14 -5.28 -1.77 12.65
CA ASP A 14 -6.01 -2.30 11.50
C ASP A 14 -5.19 -2.14 10.22
N ASN A 15 -5.44 -3.02 9.25
CA ASN A 15 -4.73 -2.98 7.99
C ASN A 15 -5.23 -1.84 7.10
N SER A 16 -4.76 -0.63 7.39
CA SER A 16 -5.16 0.54 6.62
C SER A 16 -4.06 0.97 5.67
N ALA A 17 -3.36 0.00 5.10
CA ALA A 17 -2.29 0.28 4.16
C ALA A 17 -2.31 -0.68 2.98
N ILE A 18 -1.55 -0.38 1.94
CA ILE A 18 -1.49 -1.21 0.75
C ILE A 18 -0.06 -1.35 0.25
N TYR A 19 0.28 -2.52 -0.26
CA TYR A 19 1.62 -2.79 -0.78
C TYR A 19 1.63 -2.74 -2.30
N VAL A 20 2.33 -1.77 -2.86
CA VAL A 20 2.42 -1.61 -4.31
C VAL A 20 3.72 -2.22 -4.84
N GLN A 21 3.63 -2.87 -6.00
CA GLN A 21 4.79 -3.50 -6.61
C GLN A 21 4.69 -3.45 -8.14
N GLY A 22 5.67 -2.83 -8.77
CA GLY A 22 5.68 -2.72 -10.22
C GLY A 22 5.90 -1.29 -10.70
N LEU A 23 6.47 -0.47 -9.83
CA LEU A 23 6.73 0.93 -10.17
C LEU A 23 8.01 1.06 -10.98
N ASN A 24 8.09 2.11 -11.79
CA ASN A 24 9.27 2.35 -12.62
C ASN A 24 10.42 2.89 -11.79
N ASP A 25 11.53 3.20 -12.44
CA ASP A 25 12.70 3.74 -11.76
C ASP A 25 12.67 5.26 -11.72
N SER A 26 11.55 5.83 -12.16
CA SER A 26 11.39 7.28 -12.19
C SER A 26 10.17 7.71 -11.39
N VAL A 27 9.64 6.79 -10.59
CA VAL A 27 8.47 7.06 -9.76
C VAL A 27 8.85 7.93 -8.56
N THR A 28 8.05 8.97 -8.32
CA THR A 28 8.29 9.88 -7.20
C THR A 28 7.17 9.80 -6.17
N LEU A 29 7.45 10.23 -4.96
CA LEU A 29 6.46 10.20 -3.89
C LEU A 29 5.24 11.04 -4.26
N ASP A 30 5.45 12.33 -4.48
CA ASP A 30 4.37 13.23 -4.85
C ASP A 30 3.53 12.64 -5.98
N ASP A 31 4.18 11.89 -6.87
CA ASP A 31 3.51 11.26 -8.00
C ASP A 31 2.62 10.12 -7.53
N LEU A 32 3.04 9.45 -6.46
CA LEU A 32 2.29 8.33 -5.91
C LEU A 32 1.21 8.82 -4.94
N ALA A 33 1.48 9.93 -4.28
CA ALA A 33 0.54 10.50 -3.32
C ALA A 33 -0.66 11.13 -4.04
N ASP A 34 -0.40 11.68 -5.23
CA ASP A 34 -1.46 12.31 -6.02
C ASP A 34 -2.24 11.26 -6.81
N PHE A 35 -1.62 10.11 -7.02
CA PHE A 35 -2.26 9.03 -7.77
C PHE A 35 -3.01 8.08 -6.83
N PHE A 36 -2.32 7.64 -5.78
CA PHE A 36 -2.91 6.73 -4.81
C PHE A 36 -4.15 7.36 -4.16
N LYS A 37 -4.18 8.68 -4.12
CA LYS A 37 -5.30 9.40 -3.53
C LYS A 37 -6.50 9.39 -4.46
N GLN A 38 -6.32 8.84 -5.64
CA GLN A 38 -7.40 8.76 -6.63
C GLN A 38 -8.63 8.07 -6.04
N CYS A 39 -8.40 6.92 -5.42
CA CYS A 39 -9.50 6.16 -4.81
C CYS A 39 -10.14 6.94 -3.67
N GLY A 40 -9.33 7.31 -2.69
CA GLY A 40 -9.85 8.05 -1.55
C GLY A 40 -8.86 9.10 -1.06
N VAL A 41 -8.50 9.02 0.22
CA VAL A 41 -7.57 9.98 0.80
C VAL A 41 -6.38 9.25 1.44
N VAL A 42 -5.18 9.78 1.20
CA VAL A 42 -3.97 9.19 1.76
C VAL A 42 -3.61 9.82 3.09
N LYS A 43 -3.39 8.98 4.10
CA LYS A 43 -3.04 9.46 5.44
C LYS A 43 -1.84 10.40 5.37
N MET A 44 -2.09 11.69 5.61
CA MET A 44 -1.02 12.68 5.58
C MET A 44 -0.67 13.13 6.99
N ASN A 45 0.61 13.07 7.33
CA ASN A 45 1.08 13.48 8.65
C ASN A 45 0.54 14.86 9.01
N LYS A 46 0.28 15.06 10.30
CA LYS A 46 -0.24 16.33 10.79
C LYS A 46 0.89 17.22 11.29
N ARG A 47 2.07 16.63 11.47
CA ARG A 47 3.23 17.38 11.94
C ARG A 47 4.16 17.73 10.78
N THR A 48 4.46 16.74 9.94
CA THR A 48 5.33 16.95 8.79
C THR A 48 4.53 17.31 7.54
N GLY A 49 3.24 16.97 7.57
CA GLY A 49 2.38 17.27 6.43
C GLY A 49 2.76 16.47 5.20
N GLN A 50 3.37 15.30 5.42
CA GLN A 50 3.78 14.45 4.31
C GLN A 50 2.97 13.17 4.29
N PRO A 51 2.83 12.57 3.09
CA PRO A 51 2.08 11.32 2.90
C PRO A 51 2.78 10.13 3.53
N MET A 52 1.98 9.18 4.03
CA MET A 52 2.53 7.98 4.65
C MET A 52 2.92 6.94 3.60
N ILE A 53 3.52 7.42 2.51
CA ILE A 53 3.94 6.54 1.43
C ILE A 53 5.43 6.21 1.54
N HIS A 54 5.77 4.95 1.29
CA HIS A 54 7.16 4.50 1.36
C HIS A 54 7.62 3.99 0.00
N ILE A 55 8.85 4.38 -0.37
CA ILE A 55 9.42 3.96 -1.65
C ILE A 55 10.83 3.40 -1.46
N TYR A 56 10.92 2.08 -1.35
CA TYR A 56 12.21 1.42 -1.17
C TYR A 56 13.11 1.65 -2.39
N LEU A 57 14.32 2.15 -2.13
CA LEU A 57 15.28 2.42 -3.19
C LEU A 57 16.46 1.46 -3.12
N ASP A 58 16.86 0.92 -4.26
CA ASP A 58 17.98 -0.02 -4.32
C ASP A 58 19.24 0.61 -3.73
N LYS A 59 19.79 -0.03 -2.71
CA LYS A 59 21.00 0.46 -2.06
C LYS A 59 22.21 0.31 -2.98
N GLU A 60 21.98 -0.25 -4.16
CA GLU A 60 23.06 -0.45 -5.12
C GLU A 60 23.22 0.78 -6.03
N THR A 61 22.10 1.40 -6.38
CA THR A 61 22.11 2.57 -7.24
C THR A 61 21.39 3.74 -6.57
N GLY A 62 20.33 3.44 -5.83
CA GLY A 62 19.58 4.49 -5.16
C GLY A 62 18.24 4.73 -5.81
N LYS A 63 17.97 4.04 -6.90
CA LYS A 63 16.71 4.20 -7.62
C LYS A 63 15.63 3.32 -7.02
N PRO A 64 14.36 3.75 -7.16
CA PRO A 64 13.20 3.01 -6.65
C PRO A 64 12.97 1.70 -7.39
N LYS A 65 13.48 0.61 -6.86
CA LYS A 65 13.32 -0.70 -7.47
C LYS A 65 11.97 -0.81 -8.17
N GLY A 66 10.91 -0.50 -7.44
CA GLY A 66 9.57 -0.56 -8.01
C GLY A 66 8.51 -0.85 -6.97
N ASP A 67 8.95 -1.25 -5.78
CA ASP A 67 8.03 -1.56 -4.69
C ASP A 67 7.77 -0.32 -3.83
N ALA A 68 6.60 -0.27 -3.20
CA ALA A 68 6.24 0.86 -2.35
C ALA A 68 5.03 0.52 -1.48
N THR A 69 4.72 1.40 -0.54
CA THR A 69 3.59 1.19 0.36
C THR A 69 2.84 2.50 0.61
N VAL A 70 1.52 2.41 0.68
CA VAL A 70 0.68 3.58 0.92
C VAL A 70 -0.28 3.35 2.07
N SER A 71 -0.13 4.13 3.13
CA SER A 71 -0.99 4.01 4.30
C SER A 71 -2.20 4.92 4.19
N TYR A 72 -3.39 4.32 4.12
CA TYR A 72 -4.62 5.09 4.00
C TYR A 72 -5.17 5.45 5.38
N GLU A 73 -6.09 6.41 5.41
CA GLU A 73 -6.69 6.84 6.66
C GLU A 73 -7.45 5.70 7.32
N ASP A 74 -8.50 5.23 6.66
CA ASP A 74 -9.30 4.13 7.19
C ASP A 74 -9.20 2.90 6.29
N PRO A 75 -9.47 1.73 6.87
CA PRO A 75 -9.41 0.45 6.14
C PRO A 75 -10.34 0.43 4.93
N PRO A 76 -11.56 0.96 5.12
CA PRO A 76 -12.58 1.01 4.05
C PRO A 76 -12.01 1.59 2.76
N THR A 77 -10.98 2.43 2.88
CA THR A 77 -10.36 3.05 1.73
C THR A 77 -9.19 2.23 1.22
N ALA A 78 -8.40 1.69 2.15
CA ALA A 78 -7.24 0.88 1.79
C ALA A 78 -7.67 -0.34 0.99
N LYS A 79 -8.70 -1.04 1.46
CA LYS A 79 -9.20 -2.23 0.79
C LYS A 79 -9.74 -1.88 -0.59
N ALA A 80 -10.38 -0.72 -0.70
CA ALA A 80 -10.94 -0.26 -1.97
C ALA A 80 -9.85 0.21 -2.91
N ALA A 81 -8.79 0.78 -2.34
CA ALA A 81 -7.67 1.30 -3.13
C ALA A 81 -6.89 0.16 -3.77
N VAL A 82 -6.81 -0.97 -3.06
CA VAL A 82 -6.10 -2.13 -3.56
C VAL A 82 -6.63 -2.57 -4.92
N GLU A 83 -7.88 -2.99 -4.95
CA GLU A 83 -8.51 -3.44 -6.19
C GLU A 83 -8.60 -2.29 -7.20
N TRP A 84 -8.39 -1.07 -6.71
CA TRP A 84 -8.45 0.11 -7.56
C TRP A 84 -7.17 0.27 -8.37
N PHE A 85 -6.04 0.29 -7.67
CA PHE A 85 -4.74 0.43 -8.33
C PHE A 85 -4.16 -0.93 -8.68
N ASP A 86 -4.75 -1.98 -8.15
CA ASP A 86 -4.29 -3.34 -8.40
C ASP A 86 -4.38 -3.68 -9.89
N GLY A 87 -3.25 -3.55 -10.59
CA GLY A 87 -3.22 -3.85 -12.00
C GLY A 87 -3.12 -2.60 -12.85
N LYS A 88 -3.25 -1.44 -12.20
CA LYS A 88 -3.17 -0.16 -12.91
C LYS A 88 -1.89 -0.07 -13.73
N ASP A 89 -1.84 0.91 -14.63
CA ASP A 89 -0.67 1.10 -15.48
C ASP A 89 0.03 2.41 -15.14
N PHE A 90 1.27 2.31 -14.66
CA PHE A 90 2.05 3.48 -14.29
C PHE A 90 3.25 3.65 -15.23
N GLN A 91 3.20 4.67 -16.07
CA GLN A 91 4.28 4.94 -17.01
C GLN A 91 4.48 3.76 -17.96
N GLY A 92 3.40 3.04 -18.22
CA GLY A 92 3.48 1.90 -19.12
C GLY A 92 3.71 0.60 -18.38
N SER A 93 4.10 0.69 -17.12
CA SER A 93 4.36 -0.48 -16.30
C SER A 93 3.11 -0.90 -15.53
N LYS A 94 3.08 -2.15 -15.08
CA LYS A 94 1.95 -2.67 -14.33
C LYS A 94 2.20 -2.60 -12.83
N LEU A 95 1.21 -2.13 -12.08
CA LEU A 95 1.34 -2.01 -10.63
C LEU A 95 0.59 -3.15 -9.93
N LYS A 96 1.13 -3.61 -8.81
CA LYS A 96 0.52 -4.68 -8.05
C LYS A 96 0.24 -4.25 -6.61
N VAL A 97 -1.00 -3.86 -6.34
CA VAL A 97 -1.39 -3.43 -5.00
C VAL A 97 -2.00 -4.56 -4.21
N SER A 98 -1.53 -4.74 -2.98
CA SER A 98 -2.04 -5.80 -2.11
C SER A 98 -1.91 -5.42 -0.64
N LEU A 99 -3.00 -5.55 0.10
CA LEU A 99 -3.01 -5.21 1.52
C LEU A 99 -1.77 -5.75 2.22
N ALA A 100 -0.90 -4.84 2.67
CA ALA A 100 0.32 -5.24 3.35
C ALA A 100 0.04 -6.23 4.47
N ARG A 101 0.36 -7.50 4.22
CA ARG A 101 0.13 -8.54 5.20
C ARG A 101 1.45 -9.01 5.82
N LYS A 102 1.38 -9.50 7.05
CA LYS A 102 2.57 -9.99 7.75
C LYS A 102 2.38 -11.43 8.20
N LYS A 103 3.50 -12.11 8.44
CA LYS A 103 3.46 -13.50 8.88
C LYS A 103 3.09 -13.59 10.36
N PRO A 104 2.24 -14.59 10.69
CA PRO A 104 1.79 -14.81 12.07
C PRO A 104 2.91 -15.32 12.97
N PRO A 105 3.13 -14.62 14.09
CA PRO A 105 4.18 -14.99 15.06
C PRO A 105 3.84 -16.26 15.81
N MET A 106 2.55 -16.45 16.12
CA MET A 106 2.11 -17.63 16.84
C MET A 106 2.85 -18.87 16.36
N ASN A 107 3.00 -19.84 17.26
CA ASN A 107 3.69 -21.08 16.93
C ASN A 107 2.81 -22.29 17.21
N SER A 108 2.58 -23.10 16.18
CA SER A 108 1.74 -24.29 16.31
C SER A 108 2.38 -25.30 17.26
N GLY A 109 2.12 -25.13 18.56
CA GLY A 109 2.69 -26.03 19.54
C GLY A 109 4.19 -25.87 19.69
N PRO A 110 4.70 -26.10 20.91
CA PRO A 110 6.13 -25.98 21.21
C PRO A 110 6.94 -27.10 20.56
N SER A 111 6.26 -27.95 19.81
CA SER A 111 6.92 -29.07 19.13
C SER A 111 8.32 -28.68 18.69
N SER A 112 9.29 -29.56 18.96
CA SER A 112 10.69 -29.31 18.59
C SER A 112 10.76 -28.65 17.21
N GLY A 113 11.85 -27.92 16.98
CA GLY A 113 12.04 -27.26 15.70
C GLY A 113 12.90 -28.06 14.74
N GLY A 1 -3.20 -23.32 -10.26
CA GLY A 1 -3.91 -22.84 -11.41
C GLY A 1 -3.18 -21.72 -12.13
N SER A 2 -3.54 -21.51 -13.39
CA SER A 2 -2.90 -20.47 -14.20
C SER A 2 -3.88 -19.35 -14.52
N SER A 3 -3.40 -18.10 -14.48
CA SER A 3 -4.24 -16.95 -14.77
C SER A 3 -5.56 -17.03 -13.99
N GLY A 4 -5.47 -17.41 -12.72
CA GLY A 4 -6.65 -17.52 -11.90
C GLY A 4 -6.62 -16.57 -10.72
N SER A 5 -6.81 -15.28 -10.99
CA SER A 5 -6.79 -14.27 -9.94
C SER A 5 -7.43 -14.81 -8.66
N SER A 6 -8.63 -15.38 -8.80
CA SER A 6 -9.33 -15.93 -7.65
C SER A 6 -8.40 -16.75 -6.77
N GLY A 7 -8.25 -16.31 -5.52
CA GLY A 7 -7.38 -17.01 -4.59
C GLY A 7 -8.02 -17.20 -3.23
N ASP A 8 -7.81 -16.24 -2.34
CA ASP A 8 -8.37 -16.31 -0.99
C ASP A 8 -8.89 -14.94 -0.55
N PRO A 9 -9.88 -14.95 0.35
CA PRO A 9 -10.48 -13.72 0.88
C PRO A 9 -9.52 -12.94 1.78
N ASP A 10 -9.84 -11.68 2.03
CA ASP A 10 -9.00 -10.83 2.87
C ASP A 10 -9.71 -10.53 4.19
N GLU A 11 -9.37 -11.28 5.23
CA GLU A 11 -9.96 -11.10 6.54
C GLU A 11 -9.17 -10.08 7.36
N ASP A 12 -8.71 -9.02 6.70
CA ASP A 12 -7.94 -7.97 7.36
C ASP A 12 -8.86 -6.92 7.99
N SER A 13 -8.42 -6.33 9.08
CA SER A 13 -9.21 -5.32 9.77
C SER A 13 -8.34 -4.12 10.14
N ASP A 14 -7.25 -4.38 10.84
CA ASP A 14 -6.33 -3.32 11.26
C ASP A 14 -5.22 -3.12 10.23
N ASN A 15 -5.61 -3.07 8.95
CA ASN A 15 -4.65 -2.88 7.88
C ASN A 15 -5.09 -1.77 6.93
N SER A 16 -4.81 -0.53 7.32
CA SER A 16 -5.18 0.62 6.52
C SER A 16 -4.04 1.04 5.59
N ALA A 17 -3.39 0.05 4.98
CA ALA A 17 -2.28 0.30 4.08
C ALA A 17 -2.32 -0.65 2.87
N ILE A 18 -1.55 -0.32 1.85
CA ILE A 18 -1.50 -1.15 0.64
C ILE A 18 -0.06 -1.30 0.15
N TYR A 19 0.28 -2.51 -0.29
CA TYR A 19 1.62 -2.78 -0.79
C TYR A 19 1.64 -2.76 -2.32
N VAL A 20 2.35 -1.78 -2.88
CA VAL A 20 2.45 -1.65 -4.32
C VAL A 20 3.74 -2.28 -4.84
N GLN A 21 3.67 -2.90 -6.02
CA GLN A 21 4.82 -3.54 -6.62
C GLN A 21 4.73 -3.51 -8.15
N GLY A 22 5.72 -2.89 -8.78
CA GLY A 22 5.73 -2.80 -10.23
C GLY A 22 5.96 -1.38 -10.72
N LEU A 23 6.52 -0.54 -9.86
CA LEU A 23 6.80 0.85 -10.21
C LEU A 23 8.12 0.97 -10.96
N ASN A 24 8.25 2.04 -11.76
CA ASN A 24 9.46 2.26 -12.52
C ASN A 24 10.56 2.84 -11.64
N ASP A 25 11.69 3.17 -12.26
CA ASP A 25 12.83 3.74 -11.53
C ASP A 25 12.77 5.25 -11.52
N SER A 26 11.64 5.80 -11.97
CA SER A 26 11.45 7.25 -12.02
C SER A 26 10.23 7.66 -11.22
N VAL A 27 9.67 6.72 -10.46
CA VAL A 27 8.50 6.99 -9.64
C VAL A 27 8.85 7.83 -8.42
N THR A 28 8.11 8.92 -8.22
CA THR A 28 8.36 9.80 -7.09
C THR A 28 7.22 9.73 -6.07
N LEU A 29 7.48 10.20 -4.87
CA LEU A 29 6.46 10.19 -3.81
C LEU A 29 5.23 10.98 -4.23
N ASP A 30 5.40 12.28 -4.45
CA ASP A 30 4.30 13.15 -4.85
C ASP A 30 3.51 12.51 -5.99
N ASP A 31 4.20 11.85 -6.90
CA ASP A 31 3.57 11.19 -8.03
C ASP A 31 2.72 10.01 -7.57
N LEU A 32 3.12 9.39 -6.47
CA LEU A 32 2.39 8.26 -5.92
C LEU A 32 1.28 8.72 -4.98
N ALA A 33 1.51 9.86 -4.33
CA ALA A 33 0.53 10.41 -3.40
C ALA A 33 -0.67 10.99 -4.15
N ASP A 34 -0.41 11.68 -5.25
CA ASP A 34 -1.46 12.28 -6.06
C ASP A 34 -2.19 11.21 -6.88
N PHE A 35 -1.54 10.06 -7.06
CA PHE A 35 -2.12 8.97 -7.83
C PHE A 35 -2.88 8.01 -6.92
N PHE A 36 -2.25 7.65 -5.80
CA PHE A 36 -2.86 6.73 -4.85
C PHE A 36 -4.08 7.38 -4.18
N LYS A 37 -4.15 8.70 -4.25
CA LYS A 37 -5.27 9.43 -3.65
C LYS A 37 -6.51 9.34 -4.53
N GLN A 38 -6.35 8.74 -5.70
CA GLN A 38 -7.47 8.59 -6.63
C GLN A 38 -8.66 7.93 -5.95
N CYS A 39 -8.42 6.78 -5.33
CA CYS A 39 -9.47 6.04 -4.64
C CYS A 39 -10.10 6.89 -3.54
N GLY A 40 -9.31 7.16 -2.50
CA GLY A 40 -9.81 7.95 -1.39
C GLY A 40 -8.84 9.03 -0.97
N VAL A 41 -8.43 9.01 0.30
CA VAL A 41 -7.49 9.99 0.83
C VAL A 41 -6.30 9.31 1.50
N VAL A 42 -5.11 9.81 1.21
CA VAL A 42 -3.89 9.25 1.79
C VAL A 42 -3.57 9.90 3.13
N LYS A 43 -3.30 9.07 4.13
CA LYS A 43 -2.98 9.57 5.46
C LYS A 43 -1.81 10.54 5.41
N MET A 44 -2.11 11.84 5.54
CA MET A 44 -1.09 12.87 5.52
C MET A 44 -0.76 13.34 6.93
N ASN A 45 0.49 13.17 7.34
CA ASN A 45 0.93 13.58 8.66
C ASN A 45 0.46 14.99 8.98
N LYS A 46 0.24 15.26 10.26
CA LYS A 46 -0.22 16.58 10.70
C LYS A 46 0.96 17.45 11.12
N ARG A 47 2.06 16.81 11.49
CA ARG A 47 3.26 17.52 11.93
C ARG A 47 4.21 17.73 10.76
N THR A 48 4.45 16.67 9.99
CA THR A 48 5.34 16.73 8.84
C THR A 48 4.59 17.09 7.57
N GLY A 49 3.26 17.01 7.63
CA GLY A 49 2.44 17.33 6.49
C GLY A 49 2.83 16.53 5.25
N GLN A 50 3.32 15.31 5.47
CA GLN A 50 3.73 14.45 4.37
C GLN A 50 2.91 13.16 4.36
N PRO A 51 2.77 12.56 3.16
CA PRO A 51 2.01 11.32 2.99
C PRO A 51 2.71 10.12 3.62
N MET A 52 1.92 9.17 4.09
CA MET A 52 2.46 7.97 4.72
C MET A 52 2.87 6.95 3.67
N ILE A 53 3.46 7.42 2.58
CA ILE A 53 3.90 6.55 1.50
C ILE A 53 5.38 6.21 1.64
N HIS A 54 5.73 4.97 1.29
CA HIS A 54 7.12 4.52 1.37
C HIS A 54 7.60 4.01 0.01
N ILE A 55 8.83 4.37 -0.34
CA ILE A 55 9.42 3.95 -1.61
C ILE A 55 10.82 3.39 -1.41
N TYR A 56 10.91 2.06 -1.31
CA TYR A 56 12.19 1.39 -1.13
C TYR A 56 13.11 1.62 -2.33
N LEU A 57 14.29 2.15 -2.07
CA LEU A 57 15.27 2.42 -3.11
C LEU A 57 16.45 1.45 -3.03
N ASP A 58 16.87 0.93 -4.17
CA ASP A 58 18.00 0.00 -4.22
C ASP A 58 19.24 0.62 -3.60
N LYS A 59 19.93 -0.13 -2.77
CA LYS A 59 21.14 0.34 -2.10
C LYS A 59 22.34 0.26 -3.05
N GLU A 60 22.12 -0.31 -4.22
CA GLU A 60 23.18 -0.44 -5.21
C GLU A 60 23.11 0.68 -6.25
N THR A 61 21.90 1.21 -6.44
CA THR A 61 21.69 2.28 -7.40
C THR A 61 21.07 3.51 -6.73
N GLY A 62 20.20 3.27 -5.76
CA GLY A 62 19.55 4.36 -5.06
C GLY A 62 18.20 4.71 -5.65
N LYS A 63 17.87 4.09 -6.77
CA LYS A 63 16.59 4.34 -7.44
C LYS A 63 15.50 3.44 -6.88
N PRO A 64 14.23 3.85 -7.07
CA PRO A 64 13.07 3.09 -6.59
C PRO A 64 12.88 1.79 -7.36
N LYS A 65 13.45 0.72 -6.84
CA LYS A 65 13.34 -0.60 -7.47
C LYS A 65 12.00 -0.75 -8.19
N GLY A 66 10.92 -0.48 -7.46
CA GLY A 66 9.59 -0.58 -8.03
C GLY A 66 8.53 -0.86 -6.99
N ASP A 67 8.96 -1.25 -5.79
CA ASP A 67 8.04 -1.54 -4.71
C ASP A 67 7.75 -0.29 -3.88
N ALA A 68 6.61 -0.30 -3.18
CA ALA A 68 6.23 0.84 -2.35
C ALA A 68 5.03 0.50 -1.48
N THR A 69 4.72 1.37 -0.53
CA THR A 69 3.59 1.16 0.36
C THR A 69 2.84 2.47 0.62
N VAL A 70 1.51 2.39 0.64
CA VAL A 70 0.67 3.56 0.88
C VAL A 70 -0.29 3.32 2.04
N SER A 71 -0.19 4.17 3.06
CA SER A 71 -1.05 4.04 4.24
C SER A 71 -2.25 4.98 4.12
N TYR A 72 -3.44 4.38 4.06
CA TYR A 72 -4.68 5.15 3.94
C TYR A 72 -5.22 5.51 5.31
N GLU A 73 -6.14 6.47 5.35
CA GLU A 73 -6.73 6.92 6.61
C GLU A 73 -7.43 5.75 7.31
N ASP A 74 -8.50 5.26 6.70
CA ASP A 74 -9.25 4.14 7.27
C ASP A 74 -9.10 2.89 6.41
N PRO A 75 -9.31 1.72 7.04
CA PRO A 75 -9.20 0.42 6.35
C PRO A 75 -10.13 0.32 5.14
N PRO A 76 -11.37 0.80 5.31
CA PRO A 76 -12.38 0.77 4.25
C PRO A 76 -11.86 1.35 2.94
N THR A 77 -10.97 2.34 3.05
CA THR A 77 -10.39 2.98 1.88
C THR A 77 -9.23 2.16 1.32
N ALA A 78 -8.44 1.57 2.20
CA ALA A 78 -7.31 0.76 1.79
C ALA A 78 -7.76 -0.46 0.99
N LYS A 79 -8.72 -1.20 1.55
CA LYS A 79 -9.25 -2.38 0.89
C LYS A 79 -9.83 -2.04 -0.49
N ALA A 80 -10.44 -0.86 -0.59
CA ALA A 80 -11.02 -0.40 -1.84
C ALA A 80 -9.96 0.08 -2.81
N ALA A 81 -8.87 0.63 -2.27
CA ALA A 81 -7.78 1.14 -3.08
C ALA A 81 -7.01 -0.02 -3.72
N VAL A 82 -6.92 -1.13 -3.01
CA VAL A 82 -6.21 -2.31 -3.52
C VAL A 82 -6.76 -2.74 -4.87
N GLU A 83 -8.03 -3.14 -4.88
CA GLU A 83 -8.67 -3.59 -6.12
C GLU A 83 -8.79 -2.43 -7.11
N TRP A 84 -8.51 -1.23 -6.65
CA TRP A 84 -8.59 -0.04 -7.50
C TRP A 84 -7.31 0.14 -8.31
N PHE A 85 -6.18 0.17 -7.62
CA PHE A 85 -4.88 0.35 -8.27
C PHE A 85 -4.32 -1.01 -8.69
N ASP A 86 -4.83 -2.07 -8.09
CA ASP A 86 -4.37 -3.42 -8.40
C ASP A 86 -4.49 -3.71 -9.89
N GLY A 87 -3.39 -3.58 -10.61
CA GLY A 87 -3.39 -3.83 -12.04
C GLY A 87 -3.37 -2.54 -12.86
N LYS A 88 -3.09 -1.43 -12.19
CA LYS A 88 -3.05 -0.13 -12.85
C LYS A 88 -1.82 -0.03 -13.75
N ASP A 89 -1.72 1.07 -14.48
CA ASP A 89 -0.59 1.29 -15.38
C ASP A 89 0.14 2.58 -15.02
N PHE A 90 1.46 2.48 -14.85
CA PHE A 90 2.26 3.64 -14.50
C PHE A 90 3.40 3.84 -15.51
N GLN A 91 3.20 4.78 -16.43
CA GLN A 91 4.19 5.07 -17.45
C GLN A 91 4.42 3.85 -18.34
N GLY A 92 3.36 3.10 -18.62
CA GLY A 92 3.47 1.93 -19.45
C GLY A 92 3.68 0.66 -18.65
N SER A 93 4.16 0.82 -17.42
CA SER A 93 4.41 -0.32 -16.54
C SER A 93 3.15 -0.71 -15.78
N LYS A 94 3.18 -1.90 -15.17
CA LYS A 94 2.03 -2.38 -14.41
C LYS A 94 2.35 -2.45 -12.92
N LEU A 95 1.40 -2.01 -12.10
CA LEU A 95 1.58 -2.01 -10.65
C LEU A 95 0.72 -3.08 -10.00
N LYS A 96 1.18 -3.59 -8.87
CA LYS A 96 0.44 -4.62 -8.13
C LYS A 96 0.20 -4.20 -6.69
N VAL A 97 -1.05 -3.85 -6.38
CA VAL A 97 -1.41 -3.42 -5.04
C VAL A 97 -2.00 -4.58 -4.24
N SER A 98 -1.62 -4.67 -2.97
CA SER A 98 -2.11 -5.73 -2.10
C SER A 98 -2.00 -5.33 -0.63
N LEU A 99 -3.12 -5.41 0.09
CA LEU A 99 -3.14 -5.05 1.50
C LEU A 99 -1.86 -5.51 2.20
N ALA A 100 -0.99 -4.55 2.51
CA ALA A 100 0.26 -4.86 3.19
C ALA A 100 0.07 -5.97 4.23
N ARG A 101 0.46 -7.19 3.86
CA ARG A 101 0.34 -8.33 4.75
C ARG A 101 1.32 -8.22 5.91
N LYS A 102 2.54 -7.77 5.60
CA LYS A 102 3.57 -7.63 6.62
C LYS A 102 3.03 -6.90 7.84
N LYS A 103 3.59 -7.19 9.01
CA LYS A 103 3.18 -6.56 10.26
C LYS A 103 4.37 -6.00 11.01
N PRO A 104 4.19 -4.80 11.59
CA PRO A 104 5.24 -4.12 12.36
C PRO A 104 5.55 -4.83 13.67
N PRO A 105 6.70 -4.49 14.28
CA PRO A 105 7.12 -5.08 15.55
C PRO A 105 6.25 -4.62 16.72
N MET A 106 5.24 -3.82 16.42
CA MET A 106 4.33 -3.32 17.45
C MET A 106 3.91 -4.43 18.40
N ASN A 107 4.68 -4.62 19.46
CA ASN A 107 4.38 -5.66 20.45
C ASN A 107 5.30 -5.54 21.66
N SER A 108 4.87 -6.12 22.78
CA SER A 108 5.65 -6.08 24.00
C SER A 108 5.01 -6.93 25.10
N GLY A 109 5.77 -7.20 26.15
CA GLY A 109 5.25 -8.01 27.24
C GLY A 109 5.98 -7.75 28.54
N PRO A 110 5.65 -8.54 29.58
CA PRO A 110 6.26 -8.41 30.91
C PRO A 110 7.71 -8.85 30.91
N SER A 111 8.61 -7.94 31.29
CA SER A 111 10.04 -8.23 31.33
C SER A 111 10.43 -8.82 32.67
N SER A 112 10.10 -8.11 33.74
CA SER A 112 10.42 -8.55 35.09
C SER A 112 9.76 -9.91 35.39
N GLY A 113 10.57 -10.89 35.76
CA GLY A 113 10.05 -12.20 36.06
C GLY A 113 9.85 -13.04 34.82
N GLY A 1 -18.83 8.28 -7.84
CA GLY A 1 -18.64 7.10 -7.01
C GLY A 1 -18.31 5.86 -7.83
N SER A 2 -18.56 4.69 -7.25
CA SER A 2 -18.29 3.43 -7.94
C SER A 2 -19.24 2.34 -7.46
N SER A 3 -20.14 1.93 -8.35
CA SER A 3 -21.11 0.89 -8.03
C SER A 3 -20.48 -0.20 -7.17
N GLY A 4 -19.21 -0.49 -7.44
CA GLY A 4 -18.51 -1.51 -6.68
C GLY A 4 -17.63 -0.94 -5.60
N SER A 5 -16.53 -1.62 -5.30
CA SER A 5 -15.61 -1.17 -4.27
C SER A 5 -16.36 -0.58 -3.08
N SER A 6 -17.45 -1.23 -2.70
CA SER A 6 -18.27 -0.76 -1.58
C SER A 6 -18.93 -1.93 -0.87
N GLY A 7 -19.10 -1.80 0.45
CA GLY A 7 -19.73 -2.85 1.22
C GLY A 7 -18.78 -3.99 1.52
N ASP A 8 -18.17 -3.97 2.70
CA ASP A 8 -17.23 -5.00 3.11
C ASP A 8 -17.58 -5.53 4.49
N PRO A 9 -17.36 -6.84 4.69
CA PRO A 9 -17.65 -7.50 5.97
C PRO A 9 -16.67 -7.08 7.07
N ASP A 10 -16.79 -7.70 8.24
CA ASP A 10 -15.92 -7.39 9.36
C ASP A 10 -14.58 -8.12 9.23
N GLU A 11 -13.51 -7.34 9.10
CA GLU A 11 -12.18 -7.90 8.97
C GLU A 11 -11.44 -7.89 10.30
N ASP A 12 -10.24 -8.49 10.32
CA ASP A 12 -9.44 -8.54 11.54
C ASP A 12 -8.08 -7.89 11.31
N SER A 13 -7.44 -8.21 10.20
CA SER A 13 -6.13 -7.66 9.87
C SER A 13 -6.08 -6.17 10.22
N ASP A 14 -7.10 -5.44 9.81
CA ASP A 14 -7.17 -4.00 10.08
C ASP A 14 -5.98 -3.28 9.45
N ASN A 15 -5.55 -3.75 8.28
CA ASN A 15 -4.42 -3.15 7.59
C ASN A 15 -4.88 -2.01 6.69
N SER A 16 -4.71 -0.78 7.16
CA SER A 16 -5.11 0.40 6.40
C SER A 16 -4.00 0.81 5.43
N ALA A 17 -3.15 -0.14 5.07
CA ALA A 17 -2.06 0.13 4.14
C ALA A 17 -2.08 -0.84 2.97
N ILE A 18 -1.43 -0.45 1.88
CA ILE A 18 -1.37 -1.29 0.69
C ILE A 18 0.05 -1.42 0.17
N TYR A 19 0.40 -2.60 -0.33
CA TYR A 19 1.74 -2.86 -0.85
C TYR A 19 1.74 -2.83 -2.37
N VAL A 20 2.37 -1.81 -2.94
CA VAL A 20 2.45 -1.66 -4.39
C VAL A 20 3.75 -2.25 -4.93
N GLN A 21 3.66 -2.88 -6.10
CA GLN A 21 4.83 -3.49 -6.73
C GLN A 21 4.74 -3.41 -8.25
N GLY A 22 5.73 -2.77 -8.86
CA GLY A 22 5.74 -2.62 -10.29
C GLY A 22 5.97 -1.19 -10.74
N LEU A 23 6.41 -0.36 -9.82
CA LEU A 23 6.66 1.05 -10.12
C LEU A 23 7.93 1.21 -10.94
N ASN A 24 8.00 2.30 -11.71
CA ASN A 24 9.16 2.57 -12.55
C ASN A 24 10.32 3.09 -11.72
N ASP A 25 11.45 3.34 -12.38
CA ASP A 25 12.64 3.85 -11.70
C ASP A 25 12.64 5.37 -11.65
N SER A 26 11.54 5.97 -12.09
CA SER A 26 11.41 7.42 -12.10
C SER A 26 10.20 7.86 -11.27
N VAL A 27 9.66 6.94 -10.49
CA VAL A 27 8.50 7.23 -9.65
C VAL A 27 8.89 8.08 -8.45
N THR A 28 8.06 9.07 -8.14
CA THR A 28 8.32 9.96 -7.01
C THR A 28 7.17 9.93 -6.01
N LEU A 29 7.45 10.33 -4.78
CA LEU A 29 6.45 10.35 -3.73
C LEU A 29 5.24 11.17 -4.16
N ASP A 30 5.45 12.45 -4.44
CA ASP A 30 4.38 13.34 -4.86
C ASP A 30 3.59 12.73 -6.01
N ASP A 31 4.27 11.91 -6.82
CA ASP A 31 3.63 11.27 -7.95
C ASP A 31 2.75 10.11 -7.50
N LEU A 32 3.18 9.42 -6.44
CA LEU A 32 2.43 8.30 -5.90
C LEU A 32 1.31 8.77 -4.98
N ALA A 33 1.51 9.93 -4.36
CA ALA A 33 0.53 10.50 -3.45
C ALA A 33 -0.67 11.08 -4.23
N ASP A 34 -0.38 11.69 -5.37
CA ASP A 34 -1.42 12.28 -6.21
C ASP A 34 -2.18 11.20 -6.97
N PHE A 35 -1.56 10.04 -7.13
CA PHE A 35 -2.18 8.92 -7.83
C PHE A 35 -2.92 8.01 -6.86
N PHE A 36 -2.24 7.62 -5.79
CA PHE A 36 -2.83 6.74 -4.78
C PHE A 36 -4.01 7.42 -4.10
N LYS A 37 -4.16 8.71 -4.34
CA LYS A 37 -5.25 9.48 -3.74
C LYS A 37 -6.49 9.44 -4.64
N GLN A 38 -6.34 8.84 -5.81
CA GLN A 38 -7.45 8.72 -6.75
C GLN A 38 -8.67 8.08 -6.10
N CYS A 39 -8.47 6.91 -5.52
CA CYS A 39 -9.55 6.18 -4.85
C CYS A 39 -10.13 7.01 -3.71
N GLY A 40 -9.32 7.21 -2.66
CA GLY A 40 -9.77 7.97 -1.52
C GLY A 40 -8.78 9.04 -1.11
N VAL A 41 -8.41 9.04 0.17
CA VAL A 41 -7.46 10.02 0.69
C VAL A 41 -6.30 9.33 1.39
N VAL A 42 -5.07 9.74 1.04
CA VAL A 42 -3.88 9.16 1.64
C VAL A 42 -3.57 9.80 2.99
N LYS A 43 -3.38 8.97 4.01
CA LYS A 43 -3.07 9.45 5.35
C LYS A 43 -1.94 10.47 5.32
N MET A 44 -2.28 11.74 5.48
CA MET A 44 -1.29 12.81 5.47
C MET A 44 -0.94 13.24 6.90
N ASN A 45 0.35 13.18 7.23
CA ASN A 45 0.81 13.57 8.56
C ASN A 45 0.26 14.94 8.96
N LYS A 46 -0.05 15.10 10.24
CA LYS A 46 -0.58 16.36 10.75
C LYS A 46 0.54 17.25 11.29
N ARG A 47 1.68 16.64 11.58
CA ARG A 47 2.83 17.36 12.11
C ARG A 47 3.84 17.65 11.00
N THR A 48 4.11 16.65 10.17
CA THR A 48 5.06 16.80 9.07
C THR A 48 4.35 17.22 7.79
N GLY A 49 3.06 16.96 7.72
CA GLY A 49 2.29 17.32 6.54
C GLY A 49 2.71 16.55 5.30
N GLN A 50 3.19 15.33 5.51
CA GLN A 50 3.64 14.49 4.41
C GLN A 50 2.84 13.19 4.35
N PRO A 51 2.73 12.61 3.15
CA PRO A 51 1.99 11.37 2.93
C PRO A 51 2.69 10.16 3.55
N MET A 52 1.90 9.21 4.05
CA MET A 52 2.44 8.01 4.67
C MET A 52 2.84 6.99 3.61
N ILE A 53 3.45 7.46 2.53
CA ILE A 53 3.88 6.59 1.45
C ILE A 53 5.37 6.27 1.57
N HIS A 54 5.73 5.03 1.27
CA HIS A 54 7.12 4.60 1.33
C HIS A 54 7.60 4.08 -0.02
N ILE A 55 8.83 4.42 -0.38
CA ILE A 55 9.41 3.99 -1.64
C ILE A 55 10.81 3.42 -1.45
N TYR A 56 10.90 2.09 -1.43
CA TYR A 56 12.18 1.42 -1.25
C TYR A 56 13.08 1.62 -2.46
N LEU A 57 14.33 2.01 -2.20
CA LEU A 57 15.29 2.24 -3.28
C LEU A 57 16.45 1.24 -3.20
N ASP A 58 16.86 0.74 -4.36
CA ASP A 58 17.96 -0.22 -4.42
C ASP A 58 19.24 0.38 -3.84
N LYS A 59 19.80 -0.30 -2.86
CA LYS A 59 21.04 0.16 -2.23
C LYS A 59 22.23 0.01 -3.17
N GLU A 60 21.97 -0.53 -4.36
CA GLU A 60 23.02 -0.72 -5.35
C GLU A 60 23.17 0.51 -6.24
N THR A 61 22.04 1.11 -6.60
CA THR A 61 22.05 2.29 -7.45
C THR A 61 21.36 3.47 -6.76
N GLY A 62 20.35 3.17 -5.96
CA GLY A 62 19.63 4.21 -5.25
C GLY A 62 18.28 4.50 -5.87
N LYS A 63 17.99 3.86 -6.99
CA LYS A 63 16.73 4.05 -7.70
C LYS A 63 15.63 3.19 -7.07
N PRO A 64 14.37 3.65 -7.21
CA PRO A 64 13.20 2.94 -6.67
C PRO A 64 12.92 1.65 -7.43
N LYS A 65 13.42 0.54 -6.91
CA LYS A 65 13.22 -0.77 -7.53
C LYS A 65 11.86 -0.83 -8.22
N GLY A 66 10.81 -0.54 -7.47
CA GLY A 66 9.46 -0.56 -8.03
C GLY A 66 8.40 -0.82 -6.97
N ASP A 67 8.83 -1.26 -5.80
CA ASP A 67 7.91 -1.53 -4.71
C ASP A 67 7.65 -0.28 -3.88
N ALA A 68 6.52 -0.26 -3.18
CA ALA A 68 6.15 0.87 -2.35
C ALA A 68 4.96 0.54 -1.46
N THR A 69 4.67 1.43 -0.51
CA THR A 69 3.56 1.23 0.40
C THR A 69 2.79 2.53 0.63
N VAL A 70 1.47 2.43 0.68
CA VAL A 70 0.61 3.59 0.89
C VAL A 70 -0.35 3.37 2.05
N SER A 71 -0.18 4.15 3.12
CA SER A 71 -1.03 4.04 4.30
C SER A 71 -2.23 4.97 4.19
N TYR A 72 -3.41 4.38 4.06
CA TYR A 72 -4.65 5.16 3.94
C TYR A 72 -5.21 5.50 5.33
N GLU A 73 -6.07 6.50 5.37
CA GLU A 73 -6.68 6.92 6.62
C GLU A 73 -7.38 5.75 7.31
N ASP A 74 -8.45 5.26 6.71
CA ASP A 74 -9.20 4.15 7.25
C ASP A 74 -8.97 2.87 6.44
N PRO A 75 -9.17 1.71 7.08
CA PRO A 75 -8.99 0.41 6.43
C PRO A 75 -9.85 0.25 5.19
N PRO A 76 -11.11 0.69 5.28
CA PRO A 76 -12.06 0.60 4.16
C PRO A 76 -11.48 1.17 2.88
N THR A 77 -10.88 2.35 2.96
CA THR A 77 -10.27 2.99 1.80
C THR A 77 -9.12 2.17 1.24
N ALA A 78 -8.28 1.67 2.13
CA ALA A 78 -7.13 0.87 1.73
C ALA A 78 -7.58 -0.37 0.95
N LYS A 79 -8.59 -1.06 1.47
CA LYS A 79 -9.12 -2.25 0.82
C LYS A 79 -9.71 -1.92 -0.54
N ALA A 80 -10.33 -0.74 -0.64
CA ALA A 80 -10.94 -0.31 -1.88
C ALA A 80 -9.90 0.19 -2.88
N ALA A 81 -8.84 0.79 -2.35
CA ALA A 81 -7.76 1.30 -3.18
C ALA A 81 -6.97 0.16 -3.82
N VAL A 82 -6.84 -0.94 -3.09
CA VAL A 82 -6.11 -2.11 -3.60
C VAL A 82 -6.65 -2.55 -4.95
N GLU A 83 -7.92 -2.94 -4.97
CA GLU A 83 -8.57 -3.40 -6.20
C GLU A 83 -8.68 -2.26 -7.20
N TRP A 84 -8.50 -1.03 -6.72
CA TRP A 84 -8.60 0.15 -7.57
C TRP A 84 -7.32 0.32 -8.40
N PHE A 85 -6.18 0.32 -7.72
CA PHE A 85 -4.90 0.48 -8.38
C PHE A 85 -4.33 -0.87 -8.81
N ASP A 86 -4.88 -1.94 -8.24
CA ASP A 86 -4.43 -3.29 -8.57
C ASP A 86 -4.63 -3.59 -10.06
N GLY A 87 -3.56 -3.42 -10.83
CA GLY A 87 -3.63 -3.66 -12.26
C GLY A 87 -3.50 -2.40 -13.08
N LYS A 88 -3.32 -1.28 -12.40
CA LYS A 88 -3.18 0.02 -13.06
C LYS A 88 -1.88 0.07 -13.87
N ASP A 89 -1.76 1.09 -14.71
CA ASP A 89 -0.57 1.26 -15.53
C ASP A 89 0.18 2.54 -15.15
N PHE A 90 1.36 2.38 -14.57
CA PHE A 90 2.17 3.53 -14.15
C PHE A 90 3.43 3.65 -15.02
N GLN A 91 3.43 4.63 -15.90
CA GLN A 91 4.57 4.85 -16.78
C GLN A 91 4.81 3.63 -17.69
N GLY A 92 3.72 3.02 -18.14
CA GLY A 92 3.83 1.85 -18.99
C GLY A 92 4.25 0.62 -18.23
N SER A 93 4.00 0.60 -16.93
CA SER A 93 4.36 -0.53 -16.09
C SER A 93 3.19 -0.95 -15.20
N LYS A 94 2.86 -2.23 -15.22
CA LYS A 94 1.77 -2.76 -14.42
C LYS A 94 2.12 -2.73 -12.94
N LEU A 95 1.18 -2.25 -12.13
CA LEU A 95 1.39 -2.16 -10.69
C LEU A 95 0.69 -3.31 -9.97
N LYS A 96 1.17 -3.63 -8.76
CA LYS A 96 0.59 -4.71 -7.97
C LYS A 96 0.28 -4.24 -6.55
N VAL A 97 -0.98 -3.92 -6.29
CA VAL A 97 -1.40 -3.47 -4.97
C VAL A 97 -2.04 -4.59 -4.18
N SER A 98 -1.61 -4.75 -2.93
CA SER A 98 -2.15 -5.80 -2.06
C SER A 98 -1.93 -5.45 -0.59
N LEU A 99 -3.03 -5.42 0.17
CA LEU A 99 -2.96 -5.10 1.60
C LEU A 99 -1.67 -5.65 2.22
N ALA A 100 -0.95 -4.78 2.90
CA ALA A 100 0.30 -5.17 3.55
C ALA A 100 0.04 -6.11 4.72
N ARG A 101 0.87 -7.15 4.84
CA ARG A 101 0.72 -8.13 5.91
C ARG A 101 1.60 -7.75 7.11
N LYS A 102 1.12 -8.07 8.30
CA LYS A 102 1.85 -7.77 9.53
C LYS A 102 2.71 -8.96 9.96
N LYS A 103 3.56 -8.73 10.95
CA LYS A 103 4.43 -9.79 11.46
C LYS A 103 4.14 -10.08 12.93
N PRO A 104 4.13 -11.37 13.29
CA PRO A 104 3.87 -11.81 14.66
C PRO A 104 5.01 -11.45 15.61
N PRO A 105 4.72 -11.47 16.92
CA PRO A 105 5.70 -11.15 17.95
C PRO A 105 6.78 -12.21 18.08
N MET A 106 6.38 -13.48 17.92
CA MET A 106 7.32 -14.59 18.01
C MET A 106 8.63 -14.27 17.30
N ASN A 107 9.66 -15.04 17.59
CA ASN A 107 10.97 -14.83 16.97
C ASN A 107 10.93 -15.16 15.49
N SER A 108 11.89 -14.63 14.73
CA SER A 108 11.95 -14.87 13.29
C SER A 108 12.98 -15.95 12.97
N GLY A 109 12.51 -17.07 12.44
CA GLY A 109 13.40 -18.16 12.09
C GLY A 109 14.70 -17.67 11.46
N PRO A 110 15.81 -18.32 11.83
CA PRO A 110 17.14 -17.96 11.33
C PRO A 110 17.30 -18.32 9.85
N SER A 111 17.66 -17.32 9.04
CA SER A 111 17.86 -17.53 7.61
C SER A 111 19.30 -17.27 7.21
N SER A 112 19.68 -17.75 6.04
CA SER A 112 21.03 -17.59 5.54
C SER A 112 21.32 -16.12 5.22
N GLY A 113 21.69 -15.36 6.25
CA GLY A 113 21.99 -13.95 6.06
C GLY A 113 20.74 -13.13 5.86
N GLY A 1 -24.80 -11.29 11.36
CA GLY A 1 -24.80 -11.73 9.98
C GLY A 1 -25.27 -13.17 9.84
N SER A 2 -26.58 -13.37 9.90
CA SER A 2 -27.16 -14.70 9.78
C SER A 2 -27.85 -14.87 8.42
N SER A 3 -28.85 -14.03 8.17
CA SER A 3 -29.59 -14.09 6.92
C SER A 3 -28.80 -13.48 5.78
N GLY A 4 -28.37 -12.23 5.96
CA GLY A 4 -27.60 -11.55 4.93
C GLY A 4 -26.25 -12.20 4.71
N SER A 5 -25.86 -12.31 3.44
CA SER A 5 -24.57 -12.91 3.09
C SER A 5 -23.54 -11.84 2.76
N SER A 6 -23.50 -10.79 3.58
CA SER A 6 -22.56 -9.70 3.37
C SER A 6 -21.48 -9.70 4.45
N GLY A 7 -20.29 -9.25 4.08
CA GLY A 7 -19.19 -9.21 5.02
C GLY A 7 -18.62 -10.59 5.31
N ASP A 8 -17.66 -10.64 6.24
CA ASP A 8 -17.03 -11.90 6.61
C ASP A 8 -17.16 -12.16 8.10
N PRO A 9 -17.42 -13.42 8.48
CA PRO A 9 -17.57 -13.82 9.88
C PRO A 9 -16.25 -13.78 10.63
N ASP A 10 -15.19 -13.35 9.95
CA ASP A 10 -13.87 -13.27 10.55
C ASP A 10 -13.60 -11.85 11.06
N GLU A 11 -12.38 -11.63 11.57
CA GLU A 11 -12.01 -10.32 12.08
C GLU A 11 -10.90 -9.70 11.23
N ASP A 12 -11.30 -8.84 10.30
CA ASP A 12 -10.36 -8.16 9.42
C ASP A 12 -9.43 -7.24 10.21
N SER A 13 -8.12 -7.49 10.11
CA SER A 13 -7.14 -6.68 10.82
C SER A 13 -7.22 -5.22 10.39
N ASP A 14 -6.62 -4.34 11.18
CA ASP A 14 -6.62 -2.91 10.88
C ASP A 14 -5.50 -2.57 9.91
N ASN A 15 -5.51 -3.22 8.75
CA ASN A 15 -4.50 -2.98 7.73
C ASN A 15 -4.89 -1.80 6.84
N SER A 16 -4.64 -0.59 7.34
CA SER A 16 -4.96 0.62 6.58
C SER A 16 -3.82 1.00 5.65
N ALA A 17 -3.20 0.01 5.03
CA ALA A 17 -2.10 0.23 4.10
C ALA A 17 -2.15 -0.73 2.93
N ILE A 18 -1.45 -0.39 1.86
CA ILE A 18 -1.42 -1.23 0.66
C ILE A 18 0.01 -1.36 0.12
N TYR A 19 0.34 -2.56 -0.34
CA TYR A 19 1.68 -2.82 -0.88
C TYR A 19 1.65 -2.79 -2.41
N VAL A 20 2.47 -1.91 -2.98
CA VAL A 20 2.55 -1.78 -4.42
C VAL A 20 3.85 -2.35 -4.96
N GLN A 21 3.77 -3.00 -6.12
CA GLN A 21 4.96 -3.60 -6.74
C GLN A 21 4.88 -3.52 -8.26
N GLY A 22 5.90 -2.91 -8.87
CA GLY A 22 5.91 -2.78 -10.31
C GLY A 22 6.11 -1.34 -10.76
N LEU A 23 6.57 -0.50 -9.83
CA LEU A 23 6.79 0.91 -10.14
C LEU A 23 8.04 1.09 -10.99
N ASN A 24 8.08 2.16 -11.78
CA ASN A 24 9.22 2.44 -12.63
C ASN A 24 10.40 2.95 -11.83
N ASP A 25 11.48 3.30 -12.51
CA ASP A 25 12.68 3.81 -11.85
C ASP A 25 12.68 5.34 -11.81
N SER A 26 11.59 5.93 -12.30
CA SER A 26 11.47 7.39 -12.32
C SER A 26 10.26 7.84 -11.52
N VAL A 27 9.75 6.95 -10.67
CA VAL A 27 8.59 7.26 -9.85
C VAL A 27 8.99 8.10 -8.63
N THR A 28 8.10 9.04 -8.26
CA THR A 28 8.36 9.90 -7.12
C THR A 28 7.20 9.87 -6.14
N LEU A 29 7.49 10.18 -4.88
CA LEU A 29 6.47 10.19 -3.83
C LEU A 29 5.24 10.98 -4.27
N ASP A 30 5.44 12.27 -4.53
CA ASP A 30 4.34 13.14 -4.97
C ASP A 30 3.57 12.49 -6.10
N ASP A 31 4.28 11.82 -7.00
CA ASP A 31 3.66 11.16 -8.14
C ASP A 31 2.77 10.00 -7.69
N LEU A 32 3.11 9.42 -6.54
CA LEU A 32 2.35 8.31 -5.99
C LEU A 32 1.25 8.81 -5.06
N ALA A 33 1.50 9.94 -4.41
CA ALA A 33 0.53 10.52 -3.49
C ALA A 33 -0.65 11.13 -4.25
N ASP A 34 -0.36 11.73 -5.40
CA ASP A 34 -1.40 12.35 -6.22
C ASP A 34 -2.16 11.30 -7.02
N PHE A 35 -1.55 10.13 -7.17
CA PHE A 35 -2.18 9.04 -7.91
C PHE A 35 -2.96 8.12 -6.97
N PHE A 36 -2.30 7.67 -5.91
CA PHE A 36 -2.93 6.78 -4.94
C PHE A 36 -4.14 7.46 -4.30
N LYS A 37 -4.13 8.78 -4.29
CA LYS A 37 -5.23 9.55 -3.71
C LYS A 37 -6.49 9.45 -4.56
N GLN A 38 -6.33 8.90 -5.76
CA GLN A 38 -7.45 8.75 -6.69
C GLN A 38 -8.62 8.06 -6.00
N CYS A 39 -8.38 6.86 -5.48
CA CYS A 39 -9.42 6.09 -4.81
C CYS A 39 -10.06 6.92 -3.70
N GLY A 40 -9.29 7.22 -2.66
CA GLY A 40 -9.80 8.00 -1.55
C GLY A 40 -8.83 9.07 -1.09
N VAL A 41 -8.46 9.02 0.18
CA VAL A 41 -7.53 9.98 0.76
C VAL A 41 -6.35 9.29 1.43
N VAL A 42 -5.14 9.73 1.10
CA VAL A 42 -3.93 9.14 1.67
C VAL A 42 -3.61 9.77 3.03
N LYS A 43 -3.36 8.92 4.01
CA LYS A 43 -3.03 9.38 5.36
C LYS A 43 -1.87 10.36 5.34
N MET A 44 -2.17 11.63 5.56
CA MET A 44 -1.15 12.67 5.57
C MET A 44 -0.82 13.10 7.00
N ASN A 45 0.45 12.99 7.37
CA ASN A 45 0.89 13.36 8.70
C ASN A 45 0.38 14.75 9.08
N LYS A 46 0.13 14.95 10.37
CA LYS A 46 -0.37 16.23 10.86
C LYS A 46 0.79 17.12 11.33
N ARG A 47 1.91 16.50 11.67
CA ARG A 47 3.08 17.23 12.14
C ARG A 47 4.02 17.54 10.98
N THR A 48 4.32 16.51 10.18
CA THR A 48 5.22 16.67 9.03
C THR A 48 4.45 17.09 7.79
N GLY A 49 3.16 16.78 7.76
CA GLY A 49 2.34 17.14 6.62
C GLY A 49 2.71 16.37 5.37
N GLN A 50 3.28 15.19 5.55
CA GLN A 50 3.69 14.35 4.44
C GLN A 50 2.89 13.06 4.39
N PRO A 51 2.74 12.48 3.20
CA PRO A 51 2.00 11.24 2.99
C PRO A 51 2.71 10.03 3.59
N MET A 52 1.94 9.06 4.07
CA MET A 52 2.49 7.85 4.67
C MET A 52 2.89 6.86 3.59
N ILE A 53 3.48 7.35 2.50
CA ILE A 53 3.91 6.51 1.41
C ILE A 53 5.39 6.18 1.51
N HIS A 54 5.75 4.92 1.28
CA HIS A 54 7.14 4.49 1.33
C HIS A 54 7.61 3.98 -0.03
N ILE A 55 8.85 4.28 -0.37
CA ILE A 55 9.42 3.85 -1.63
C ILE A 55 10.83 3.29 -1.44
N TYR A 56 10.91 1.97 -1.30
CA TYR A 56 12.19 1.30 -1.11
C TYR A 56 13.10 1.52 -2.31
N LEU A 57 14.28 2.09 -2.05
CA LEU A 57 15.25 2.36 -3.11
C LEU A 57 16.45 1.44 -2.99
N ASP A 58 16.87 0.89 -4.13
CA ASP A 58 18.01 -0.02 -4.16
C ASP A 58 19.25 0.63 -3.54
N LYS A 59 19.80 -0.01 -2.51
CA LYS A 59 20.97 0.51 -1.83
C LYS A 59 22.20 0.41 -2.72
N GLU A 60 22.02 -0.13 -3.91
CA GLU A 60 23.11 -0.28 -4.86
C GLU A 60 23.22 0.95 -5.77
N THR A 61 22.08 1.44 -6.22
CA THR A 61 22.03 2.61 -7.10
C THR A 61 21.28 3.76 -6.44
N GLY A 62 20.26 3.43 -5.67
CA GLY A 62 19.47 4.46 -5.00
C GLY A 62 18.15 4.72 -5.70
N LYS A 63 17.87 3.94 -6.73
CA LYS A 63 16.63 4.09 -7.48
C LYS A 63 15.52 3.22 -6.90
N PRO A 64 14.26 3.63 -7.10
CA PRO A 64 13.09 2.91 -6.62
C PRO A 64 12.87 1.59 -7.35
N LYS A 65 13.44 0.51 -6.83
CA LYS A 65 13.31 -0.80 -7.44
C LYS A 65 11.97 -0.93 -8.15
N GLY A 66 10.89 -0.65 -7.42
CA GLY A 66 9.56 -0.75 -7.99
C GLY A 66 8.50 -0.99 -6.94
N ASP A 67 8.92 -1.43 -5.76
CA ASP A 67 8.00 -1.70 -4.67
C ASP A 67 7.73 -0.44 -3.85
N ALA A 68 6.61 -0.41 -3.14
CA ALA A 68 6.24 0.72 -2.32
C ALA A 68 5.05 0.40 -1.43
N THR A 69 4.70 1.34 -0.55
CA THR A 69 3.58 1.14 0.36
C THR A 69 2.83 2.46 0.60
N VAL A 70 1.51 2.38 0.67
CA VAL A 70 0.68 3.56 0.88
C VAL A 70 -0.29 3.33 2.03
N SER A 71 -0.13 4.10 3.11
CA SER A 71 -1.00 3.98 4.28
C SER A 71 -2.20 4.93 4.16
N TYR A 72 -3.38 4.35 4.06
CA TYR A 72 -4.61 5.14 3.94
C TYR A 72 -5.17 5.49 5.32
N GLU A 73 -6.02 6.50 5.36
CA GLU A 73 -6.62 6.96 6.61
C GLU A 73 -7.30 5.79 7.32
N ASP A 74 -8.36 5.26 6.71
CA ASP A 74 -9.10 4.15 7.29
C ASP A 74 -9.02 2.91 6.40
N PRO A 75 -9.25 1.73 6.99
CA PRO A 75 -9.20 0.47 6.26
C PRO A 75 -10.17 0.43 5.08
N PRO A 76 -11.39 0.93 5.30
CA PRO A 76 -12.42 0.97 4.27
C PRO A 76 -11.92 1.57 2.97
N THR A 77 -10.92 2.45 3.07
CA THR A 77 -10.35 3.10 1.90
C THR A 77 -9.20 2.28 1.32
N ALA A 78 -8.36 1.75 2.21
CA ALA A 78 -7.22 0.94 1.78
C ALA A 78 -7.68 -0.28 1.00
N LYS A 79 -8.65 -1.01 1.53
CA LYS A 79 -9.18 -2.19 0.88
C LYS A 79 -9.75 -1.85 -0.50
N ALA A 80 -10.42 -0.70 -0.58
CA ALA A 80 -11.00 -0.26 -1.84
C ALA A 80 -9.93 0.21 -2.82
N ALA A 81 -8.86 0.78 -2.29
CA ALA A 81 -7.76 1.26 -3.10
C ALA A 81 -7.00 0.11 -3.75
N VAL A 82 -6.89 -1.01 -3.02
CA VAL A 82 -6.19 -2.18 -3.52
C VAL A 82 -6.77 -2.63 -4.86
N GLU A 83 -8.04 -3.01 -4.84
CA GLU A 83 -8.70 -3.48 -6.06
C GLU A 83 -8.85 -2.34 -7.06
N TRP A 84 -8.59 -1.12 -6.61
CA TRP A 84 -8.70 0.06 -7.47
C TRP A 84 -7.45 0.22 -8.33
N PHE A 85 -6.29 0.26 -7.68
CA PHE A 85 -5.03 0.42 -8.40
C PHE A 85 -4.47 -0.95 -8.82
N ASP A 86 -4.95 -1.99 -8.16
CA ASP A 86 -4.51 -3.35 -8.47
C ASP A 86 -4.62 -3.65 -9.96
N GLY A 87 -3.51 -3.47 -10.67
CA GLY A 87 -3.51 -3.72 -12.10
C GLY A 87 -3.52 -2.44 -12.91
N LYS A 88 -3.11 -1.34 -12.29
CA LYS A 88 -3.08 -0.05 -12.95
C LYS A 88 -1.87 0.05 -13.89
N ASP A 89 -1.84 1.11 -14.69
CA ASP A 89 -0.74 1.32 -15.63
C ASP A 89 0.05 2.57 -15.27
N PHE A 90 1.27 2.37 -14.79
CA PHE A 90 2.13 3.48 -14.40
C PHE A 90 3.34 3.58 -15.33
N GLN A 91 3.34 4.61 -16.17
CA GLN A 91 4.43 4.82 -17.12
C GLN A 91 4.55 3.65 -18.09
N GLY A 92 3.41 3.06 -18.43
CA GLY A 92 3.40 1.93 -19.35
C GLY A 92 3.55 0.60 -18.64
N SER A 93 3.99 0.65 -17.38
CA SER A 93 4.19 -0.56 -16.59
C SER A 93 2.94 -0.88 -15.78
N LYS A 94 2.86 -2.11 -15.29
CA LYS A 94 1.72 -2.54 -14.49
C LYS A 94 2.06 -2.53 -13.00
N LEU A 95 1.12 -2.07 -12.18
CA LEU A 95 1.33 -2.01 -10.74
C LEU A 95 0.51 -3.09 -10.04
N LYS A 96 1.06 -3.63 -8.96
CA LYS A 96 0.38 -4.66 -8.18
C LYS A 96 0.14 -4.21 -6.75
N VAL A 97 -1.12 -3.92 -6.42
CA VAL A 97 -1.49 -3.48 -5.09
C VAL A 97 -2.08 -4.61 -4.27
N SER A 98 -1.60 -4.77 -3.05
CA SER A 98 -2.07 -5.83 -2.16
C SER A 98 -1.92 -5.42 -0.71
N LEU A 99 -3.00 -5.55 0.06
CA LEU A 99 -3.00 -5.20 1.48
C LEU A 99 -1.70 -5.66 2.13
N ALA A 100 -0.87 -4.69 2.53
CA ALA A 100 0.40 -5.00 3.18
C ALA A 100 0.21 -6.00 4.31
N ARG A 101 1.32 -6.50 4.84
CA ARG A 101 1.28 -7.48 5.92
C ARG A 101 1.78 -6.86 7.23
N LYS A 102 0.84 -6.47 8.09
CA LYS A 102 1.18 -5.87 9.37
C LYS A 102 0.93 -6.86 10.51
N LYS A 103 1.99 -7.23 11.21
CA LYS A 103 1.89 -8.16 12.33
C LYS A 103 0.96 -7.62 13.41
N PRO A 104 0.03 -8.47 13.87
CA PRO A 104 -0.94 -8.09 14.90
C PRO A 104 -0.28 -7.91 16.27
N PRO A 105 -0.82 -6.96 17.06
CA PRO A 105 -0.30 -6.66 18.40
C PRO A 105 -0.57 -7.80 19.39
N MET A 106 -0.28 -7.54 20.66
CA MET A 106 -0.50 -8.53 21.71
C MET A 106 -1.35 -7.96 22.84
N ASN A 107 -2.66 -8.10 22.71
CA ASN A 107 -3.58 -7.59 23.72
C ASN A 107 -3.71 -8.57 24.88
N SER A 108 -2.59 -9.16 25.27
CA SER A 108 -2.58 -10.13 26.37
C SER A 108 -3.39 -11.37 26.01
N GLY A 109 -3.34 -11.76 24.74
CA GLY A 109 -4.07 -12.93 24.30
C GLY A 109 -3.28 -14.21 24.47
N PRO A 110 -2.22 -14.37 23.68
CA PRO A 110 -1.35 -15.55 23.72
C PRO A 110 -0.53 -15.62 25.01
N SER A 111 -0.73 -14.64 25.88
CA SER A 111 0.00 -14.58 27.15
C SER A 111 1.44 -14.16 26.92
N SER A 112 1.63 -13.07 26.20
CA SER A 112 2.96 -12.56 25.90
C SER A 112 3.51 -11.77 27.08
N GLY A 113 2.62 -11.10 27.81
CA GLY A 113 3.03 -10.31 28.95
C GLY A 113 2.18 -9.07 29.14
N GLY A 1 -21.20 -1.45 0.85
CA GLY A 1 -22.54 -1.06 1.25
C GLY A 1 -22.53 -0.01 2.35
N SER A 2 -23.59 0.02 3.14
CA SER A 2 -23.70 0.99 4.23
C SER A 2 -23.42 0.34 5.58
N SER A 3 -22.39 -0.50 5.63
CA SER A 3 -22.03 -1.20 6.85
C SER A 3 -20.72 -0.64 7.42
N GLY A 4 -20.62 -0.65 8.75
CA GLY A 4 -19.42 -0.14 9.40
C GLY A 4 -19.65 0.20 10.85
N SER A 5 -18.66 0.82 11.47
CA SER A 5 -18.76 1.20 12.88
C SER A 5 -18.05 2.53 13.14
N SER A 6 -18.77 3.46 13.76
CA SER A 6 -18.21 4.78 14.06
C SER A 6 -17.70 4.83 15.50
N GLY A 7 -16.46 4.39 15.70
CA GLY A 7 -15.87 4.40 17.03
C GLY A 7 -14.36 4.45 16.99
N ASP A 8 -13.77 5.44 17.65
CA ASP A 8 -12.33 5.58 17.70
C ASP A 8 -11.79 5.26 19.08
N PRO A 9 -11.65 3.96 19.37
CA PRO A 9 -11.15 3.48 20.66
C PRO A 9 -9.67 3.78 20.85
N ASP A 10 -9.08 4.45 19.87
CA ASP A 10 -7.66 4.79 19.92
C ASP A 10 -6.79 3.56 19.68
N GLU A 11 -7.11 2.82 18.62
CA GLU A 11 -6.36 1.62 18.27
C GLU A 11 -6.40 1.37 16.77
N ASP A 12 -5.24 1.47 16.13
CA ASP A 12 -5.14 1.25 14.69
C ASP A 12 -4.60 -0.14 14.38
N SER A 13 -5.18 -1.15 15.03
CA SER A 13 -4.76 -2.53 14.83
C SER A 13 -5.46 -3.15 13.63
N ASP A 14 -5.02 -2.78 12.44
CA ASP A 14 -5.61 -3.30 11.21
C ASP A 14 -4.70 -3.04 10.01
N ASN A 15 -5.14 -3.48 8.83
CA ASN A 15 -4.36 -3.28 7.61
C ASN A 15 -4.94 -2.16 6.77
N SER A 16 -4.58 -0.93 7.12
CA SER A 16 -5.06 0.25 6.39
C SER A 16 -4.05 0.70 5.35
N ALA A 17 -2.99 -0.09 5.17
CA ALA A 17 -1.95 0.23 4.21
C ALA A 17 -2.00 -0.72 3.01
N ILE A 18 -1.42 -0.28 1.90
CA ILE A 18 -1.40 -1.09 0.68
C ILE A 18 0.02 -1.27 0.17
N TYR A 19 0.31 -2.46 -0.35
CA TYR A 19 1.64 -2.75 -0.88
C TYR A 19 1.63 -2.72 -2.40
N VAL A 20 2.39 -1.79 -2.97
CA VAL A 20 2.48 -1.65 -4.43
C VAL A 20 3.77 -2.26 -4.96
N GLN A 21 3.68 -2.87 -6.14
CA GLN A 21 4.85 -3.48 -6.76
C GLN A 21 4.75 -3.42 -8.28
N GLY A 22 5.74 -2.77 -8.90
CA GLY A 22 5.75 -2.64 -10.34
C GLY A 22 5.97 -1.21 -10.80
N LEU A 23 6.52 -0.39 -9.91
CA LEU A 23 6.78 1.01 -10.23
C LEU A 23 8.06 1.16 -11.05
N ASN A 24 8.13 2.23 -11.82
CA ASN A 24 9.31 2.49 -12.65
C ASN A 24 10.47 3.04 -11.81
N ASP A 25 11.58 3.34 -12.47
CA ASP A 25 12.75 3.87 -11.79
C ASP A 25 12.70 5.40 -11.73
N SER A 26 11.61 5.97 -12.23
CA SER A 26 11.44 7.41 -12.24
C SER A 26 10.23 7.83 -11.43
N VAL A 27 9.74 6.91 -10.59
CA VAL A 27 8.58 7.18 -9.75
C VAL A 27 8.96 8.03 -8.54
N THR A 28 8.13 9.03 -8.25
CA THR A 28 8.38 9.91 -7.12
C THR A 28 7.23 9.89 -6.13
N LEU A 29 7.51 10.26 -4.89
CA LEU A 29 6.50 10.28 -3.84
C LEU A 29 5.29 11.10 -4.28
N ASP A 30 5.49 12.41 -4.44
CA ASP A 30 4.42 13.30 -4.85
C ASP A 30 3.63 12.70 -6.01
N ASP A 31 4.31 11.96 -6.87
CA ASP A 31 3.67 11.33 -8.01
C ASP A 31 2.80 10.15 -7.57
N LEU A 32 3.22 9.48 -6.50
CA LEU A 32 2.47 8.34 -5.99
C LEU A 32 1.33 8.80 -5.09
N ALA A 33 1.52 9.92 -4.42
CA ALA A 33 0.51 10.47 -3.53
C ALA A 33 -0.68 11.03 -4.32
N ASP A 34 -0.37 11.77 -5.39
CA ASP A 34 -1.40 12.36 -6.22
C ASP A 34 -2.08 11.29 -7.07
N PHE A 35 -1.43 10.15 -7.22
CA PHE A 35 -1.98 9.05 -8.01
C PHE A 35 -2.77 8.09 -7.12
N PHE A 36 -2.24 7.80 -5.94
CA PHE A 36 -2.89 6.90 -5.01
C PHE A 36 -4.10 7.57 -4.36
N LYS A 37 -4.09 8.90 -4.31
CA LYS A 37 -5.19 9.66 -3.73
C LYS A 37 -6.45 9.53 -4.56
N GLN A 38 -6.32 8.88 -5.72
CA GLN A 38 -7.46 8.69 -6.61
C GLN A 38 -8.60 7.98 -5.89
N CYS A 39 -8.32 6.77 -5.41
CA CYS A 39 -9.33 5.97 -4.71
C CYS A 39 -10.00 6.80 -3.62
N GLY A 40 -9.23 7.21 -2.62
CA GLY A 40 -9.77 8.02 -1.54
C GLY A 40 -8.80 9.06 -1.04
N VAL A 41 -8.48 9.01 0.25
CA VAL A 41 -7.56 9.95 0.86
C VAL A 41 -6.37 9.24 1.50
N VAL A 42 -5.17 9.57 1.05
CA VAL A 42 -3.95 8.97 1.57
C VAL A 42 -3.59 9.56 2.93
N LYS A 43 -3.38 8.69 3.92
CA LYS A 43 -3.02 9.13 5.25
C LYS A 43 -1.92 10.18 5.21
N MET A 44 -2.30 11.44 5.42
CA MET A 44 -1.34 12.54 5.40
C MET A 44 -1.02 13.00 6.83
N ASN A 45 0.27 13.04 7.14
CA ASN A 45 0.71 13.46 8.47
C ASN A 45 0.09 14.80 8.85
N LYS A 46 -0.20 14.97 10.14
CA LYS A 46 -0.79 16.20 10.64
C LYS A 46 0.28 17.16 11.14
N ARG A 47 1.45 16.61 11.47
CA ARG A 47 2.56 17.42 11.96
C ARG A 47 3.53 17.76 10.84
N THR A 48 3.87 16.76 10.02
CA THR A 48 4.78 16.97 8.91
C THR A 48 4.03 17.34 7.63
N GLY A 49 2.76 16.95 7.56
CA GLY A 49 1.96 17.25 6.39
C GLY A 49 2.42 16.49 5.16
N GLN A 50 2.99 15.32 5.36
CA GLN A 50 3.47 14.49 4.26
C GLN A 50 2.72 13.16 4.20
N PRO A 51 2.65 12.58 3.00
CA PRO A 51 1.96 11.30 2.78
C PRO A 51 2.70 10.13 3.41
N MET A 52 1.94 9.16 3.93
CA MET A 52 2.53 7.99 4.56
C MET A 52 2.93 6.95 3.51
N ILE A 53 3.49 7.42 2.41
CA ILE A 53 3.92 6.54 1.34
C ILE A 53 5.41 6.22 1.45
N HIS A 54 5.77 4.98 1.15
CA HIS A 54 7.16 4.55 1.22
C HIS A 54 7.63 4.01 -0.13
N ILE A 55 8.86 4.36 -0.50
CA ILE A 55 9.43 3.90 -1.76
C ILE A 55 10.83 3.35 -1.57
N TYR A 56 10.92 2.03 -1.41
CA TYR A 56 12.20 1.37 -1.22
C TYR A 56 13.12 1.59 -2.42
N LEU A 57 14.34 2.01 -2.16
CA LEU A 57 15.32 2.25 -3.21
C LEU A 57 16.48 1.27 -3.13
N ASP A 58 16.90 0.74 -4.27
CA ASP A 58 18.01 -0.20 -4.32
C ASP A 58 19.27 0.40 -3.70
N LYS A 59 19.84 -0.32 -2.74
CA LYS A 59 21.05 0.16 -2.07
C LYS A 59 22.27 0.03 -2.99
N GLU A 60 22.05 -0.50 -4.19
CA GLU A 60 23.12 -0.68 -5.15
C GLU A 60 23.25 0.55 -6.07
N THR A 61 22.11 1.13 -6.41
CA THR A 61 22.08 2.30 -7.28
C THR A 61 21.35 3.47 -6.61
N GLY A 62 20.35 3.15 -5.81
CA GLY A 62 19.60 4.19 -5.12
C GLY A 62 18.27 4.48 -5.79
N LYS A 63 18.00 3.79 -6.89
CA LYS A 63 16.75 3.97 -7.63
C LYS A 63 15.64 3.13 -7.03
N PRO A 64 14.39 3.59 -7.21
CA PRO A 64 13.20 2.89 -6.69
C PRO A 64 12.93 1.59 -7.44
N LYS A 65 13.48 0.49 -6.92
CA LYS A 65 13.30 -0.82 -7.53
C LYS A 65 11.94 -0.91 -8.22
N GLY A 66 10.88 -0.58 -7.47
CA GLY A 66 9.54 -0.63 -8.03
C GLY A 66 8.49 -0.89 -6.97
N ASP A 67 8.93 -1.35 -5.80
CA ASP A 67 8.01 -1.64 -4.70
C ASP A 67 7.77 -0.40 -3.85
N ALA A 68 6.60 -0.33 -3.23
CA ALA A 68 6.25 0.81 -2.38
C ALA A 68 5.05 0.48 -1.50
N THR A 69 4.75 1.37 -0.56
CA THR A 69 3.63 1.18 0.35
C THR A 69 2.88 2.49 0.57
N VAL A 70 1.56 2.39 0.66
CA VAL A 70 0.72 3.57 0.88
C VAL A 70 -0.24 3.35 2.04
N SER A 71 -0.04 4.11 3.12
CA SER A 71 -0.88 3.99 4.30
C SER A 71 -2.11 4.90 4.18
N TYR A 72 -3.29 4.28 4.22
CA TYR A 72 -4.53 5.03 4.11
C TYR A 72 -5.06 5.42 5.48
N GLU A 73 -5.92 6.43 5.53
CA GLU A 73 -6.49 6.90 6.78
C GLU A 73 -7.25 5.77 7.49
N ASP A 74 -8.27 5.25 6.83
CA ASP A 74 -9.07 4.17 7.39
C ASP A 74 -8.89 2.89 6.58
N PRO A 75 -9.16 1.73 7.22
CA PRO A 75 -9.03 0.42 6.59
C PRO A 75 -9.89 0.31 5.33
N PRO A 76 -11.13 0.81 5.40
CA PRO A 76 -12.08 0.78 4.28
C PRO A 76 -11.47 1.37 3.00
N THR A 77 -10.75 2.47 3.15
CA THR A 77 -10.12 3.14 2.02
C THR A 77 -9.02 2.28 1.43
N ALA A 78 -8.24 1.65 2.30
CA ALA A 78 -7.13 0.79 1.86
C ALA A 78 -7.65 -0.39 1.05
N LYS A 79 -8.65 -1.08 1.59
CA LYS A 79 -9.23 -2.24 0.91
C LYS A 79 -9.81 -1.84 -0.44
N ALA A 80 -10.38 -0.64 -0.51
CA ALA A 80 -10.97 -0.14 -1.74
C ALA A 80 -9.90 0.33 -2.72
N ALA A 81 -8.80 0.86 -2.17
CA ALA A 81 -7.70 1.34 -2.99
C ALA A 81 -6.92 0.18 -3.61
N VAL A 82 -6.84 -0.93 -2.88
CA VAL A 82 -6.12 -2.11 -3.36
C VAL A 82 -6.69 -2.58 -4.69
N GLU A 83 -7.96 -2.97 -4.69
CA GLU A 83 -8.61 -3.44 -5.90
C GLU A 83 -8.79 -2.32 -6.91
N TRP A 84 -8.55 -1.08 -6.46
CA TRP A 84 -8.67 0.08 -7.32
C TRP A 84 -7.46 0.24 -8.21
N PHE A 85 -6.28 0.29 -7.59
CA PHE A 85 -5.03 0.44 -8.32
C PHE A 85 -4.47 -0.91 -8.74
N ASP A 86 -4.93 -1.97 -8.07
CA ASP A 86 -4.49 -3.33 -8.37
C ASP A 86 -4.68 -3.64 -9.85
N GLY A 87 -3.67 -3.35 -10.66
CA GLY A 87 -3.75 -3.61 -12.08
C GLY A 87 -3.69 -2.34 -12.91
N LYS A 88 -3.29 -1.24 -12.28
CA LYS A 88 -3.18 0.05 -12.96
C LYS A 88 -1.89 0.12 -13.78
N ASP A 89 -1.73 1.22 -14.51
CA ASP A 89 -0.55 1.42 -15.34
C ASP A 89 0.19 2.68 -14.92
N PHE A 90 1.49 2.55 -14.65
CA PHE A 90 2.30 3.69 -14.24
C PHE A 90 3.53 3.82 -15.14
N GLN A 91 3.51 4.80 -16.03
CA GLN A 91 4.62 5.02 -16.95
C GLN A 91 4.82 3.83 -17.86
N GLY A 92 3.73 3.13 -18.18
CA GLY A 92 3.82 1.97 -19.05
C GLY A 92 4.20 0.71 -18.29
N SER A 93 4.03 0.74 -16.97
CA SER A 93 4.36 -0.41 -16.15
C SER A 93 3.20 -0.77 -15.23
N LYS A 94 2.79 -2.04 -15.28
CA LYS A 94 1.68 -2.52 -14.46
C LYS A 94 2.06 -2.53 -12.99
N LEU A 95 1.13 -2.09 -12.14
CA LEU A 95 1.36 -2.03 -10.70
C LEU A 95 0.55 -3.11 -9.98
N LYS A 96 1.10 -3.63 -8.89
CA LYS A 96 0.42 -4.66 -8.11
C LYS A 96 0.16 -4.18 -6.68
N VAL A 97 -1.10 -3.90 -6.36
CA VAL A 97 -1.47 -3.45 -5.04
C VAL A 97 -2.05 -4.58 -4.20
N SER A 98 -1.57 -4.71 -2.97
CA SER A 98 -2.03 -5.75 -2.07
C SER A 98 -1.90 -5.32 -0.61
N LEU A 99 -3.00 -5.43 0.13
CA LEU A 99 -3.01 -5.04 1.54
C LEU A 99 -1.79 -5.59 2.27
N ALA A 100 -0.92 -4.68 2.71
CA ALA A 100 0.29 -5.07 3.42
C ALA A 100 -0.05 -5.90 4.66
N ARG A 101 0.27 -7.19 4.60
CA ARG A 101 -0.01 -8.09 5.73
C ARG A 101 1.29 -8.54 6.39
N LYS A 102 2.19 -9.12 5.60
CA LYS A 102 3.47 -9.59 6.10
C LYS A 102 3.27 -10.60 7.24
N LYS A 103 2.17 -11.34 7.18
CA LYS A 103 1.87 -12.34 8.20
C LYS A 103 1.55 -13.69 7.56
N PRO A 104 2.12 -14.76 8.13
CA PRO A 104 1.91 -16.12 7.63
C PRO A 104 0.50 -16.62 7.90
N PRO A 105 -0.01 -17.48 7.00
CA PRO A 105 -1.35 -18.05 7.12
C PRO A 105 -1.46 -19.04 8.27
N MET A 106 -2.68 -19.53 8.50
CA MET A 106 -2.92 -20.48 9.59
C MET A 106 -3.06 -21.90 9.03
N ASN A 107 -3.35 -22.85 9.91
CA ASN A 107 -3.51 -24.25 9.51
C ASN A 107 -4.96 -24.68 9.62
N SER A 108 -5.60 -24.88 8.46
CA SER A 108 -6.99 -25.30 8.42
C SER A 108 -7.34 -25.90 7.07
N GLY A 109 -7.83 -27.14 7.09
CA GLY A 109 -8.19 -27.81 5.85
C GLY A 109 -9.64 -27.56 5.46
N PRO A 110 -9.91 -27.60 4.15
CA PRO A 110 -11.26 -27.37 3.62
C PRO A 110 -12.21 -28.52 3.95
N SER A 111 -11.66 -29.61 4.46
CA SER A 111 -12.46 -30.77 4.82
C SER A 111 -13.29 -30.49 6.07
N SER A 112 -14.24 -31.39 6.36
CA SER A 112 -15.11 -31.23 7.52
C SER A 112 -14.29 -31.12 8.80
N GLY A 113 -14.17 -29.90 9.32
CA GLY A 113 -13.41 -29.68 10.53
C GLY A 113 -12.67 -28.35 10.52
N GLY A 1 -25.36 0.85 3.58
CA GLY A 1 -26.49 -0.01 3.91
C GLY A 1 -26.60 -0.28 5.40
N SER A 2 -26.14 -1.44 5.83
CA SER A 2 -26.19 -1.81 7.24
C SER A 2 -25.96 -0.60 8.14
N SER A 3 -26.92 -0.33 9.01
CA SER A 3 -26.82 0.81 9.92
C SER A 3 -27.06 0.38 11.36
N GLY A 4 -25.98 0.33 12.14
CA GLY A 4 -26.08 -0.07 13.53
C GLY A 4 -24.90 -0.90 13.98
N SER A 5 -25.15 -1.84 14.89
CA SER A 5 -24.09 -2.71 15.41
C SER A 5 -24.25 -4.13 14.89
N SER A 6 -23.35 -4.53 14.01
CA SER A 6 -23.39 -5.88 13.42
C SER A 6 -23.48 -6.94 14.52
N GLY A 7 -22.52 -6.91 15.44
CA GLY A 7 -22.52 -7.88 16.54
C GLY A 7 -21.17 -7.97 17.21
N ASP A 8 -20.11 -8.15 16.41
CA ASP A 8 -18.76 -8.25 16.95
C ASP A 8 -17.93 -7.02 16.58
N PRO A 9 -18.12 -5.94 17.36
CA PRO A 9 -17.39 -4.68 17.13
C PRO A 9 -15.92 -4.80 17.47
N ASP A 10 -15.49 -5.99 17.87
CA ASP A 10 -14.10 -6.23 18.22
C ASP A 10 -13.22 -6.24 16.97
N GLU A 11 -12.64 -5.09 16.65
CA GLU A 11 -11.78 -4.97 15.47
C GLU A 11 -10.71 -6.07 15.47
N ASP A 12 -10.86 -7.02 14.56
CA ASP A 12 -9.92 -8.12 14.44
C ASP A 12 -8.94 -7.89 13.29
N SER A 13 -9.48 -7.44 12.16
CA SER A 13 -8.66 -7.18 10.98
C SER A 13 -8.50 -5.68 10.74
N ASP A 14 -7.46 -5.10 11.34
CA ASP A 14 -7.20 -3.67 11.20
C ASP A 14 -6.05 -3.43 10.23
N ASN A 15 -6.37 -2.99 9.02
CA ASN A 15 -5.36 -2.72 8.00
C ASN A 15 -5.76 -1.52 7.14
N SER A 16 -4.98 -0.44 7.23
CA SER A 16 -5.25 0.76 6.47
C SER A 16 -4.06 1.12 5.58
N ALA A 17 -3.50 0.13 4.92
CA ALA A 17 -2.36 0.33 4.03
C ALA A 17 -2.40 -0.63 2.85
N ILE A 18 -1.53 -0.39 1.88
CA ILE A 18 -1.46 -1.23 0.69
C ILE A 18 -0.03 -1.36 0.19
N TYR A 19 0.32 -2.55 -0.29
CA TYR A 19 1.67 -2.80 -0.81
C TYR A 19 1.69 -2.76 -2.33
N VAL A 20 2.36 -1.76 -2.88
CA VAL A 20 2.46 -1.61 -4.32
C VAL A 20 3.75 -2.22 -4.86
N GLN A 21 3.67 -2.81 -6.05
CA GLN A 21 4.84 -3.43 -6.67
C GLN A 21 4.73 -3.37 -8.19
N GLY A 22 5.72 -2.71 -8.81
CA GLY A 22 5.72 -2.59 -10.26
C GLY A 22 5.93 -1.16 -10.72
N LEU A 23 6.53 -0.35 -9.86
CA LEU A 23 6.79 1.05 -10.19
C LEU A 23 8.07 1.20 -11.00
N ASN A 24 8.14 2.24 -11.82
CA ASN A 24 9.31 2.50 -12.65
C ASN A 24 10.47 3.03 -11.80
N ASP A 25 11.59 3.28 -12.45
CA ASP A 25 12.78 3.80 -11.76
C ASP A 25 12.73 5.32 -11.67
N SER A 26 11.66 5.91 -12.19
CA SER A 26 11.50 7.35 -12.18
C SER A 26 10.27 7.75 -11.35
N VAL A 27 9.75 6.81 -10.59
CA VAL A 27 8.59 7.07 -9.75
C VAL A 27 8.95 7.90 -8.54
N THR A 28 8.14 8.93 -8.26
CA THR A 28 8.38 9.81 -7.12
C THR A 28 7.23 9.74 -6.12
N LEU A 29 7.48 10.22 -4.91
CA LEU A 29 6.46 10.22 -3.86
C LEU A 29 5.23 11.00 -4.31
N ASP A 30 5.41 12.29 -4.54
CA ASP A 30 4.30 13.15 -4.97
C ASP A 30 3.49 12.48 -6.08
N ASP A 31 4.19 11.79 -6.98
CA ASP A 31 3.53 11.11 -8.09
C ASP A 31 2.64 9.98 -7.58
N LEU A 32 3.04 9.37 -6.47
CA LEU A 32 2.27 8.28 -5.88
C LEU A 32 1.20 8.81 -4.93
N ALA A 33 1.48 9.96 -4.32
CA ALA A 33 0.53 10.58 -3.40
C ALA A 33 -0.64 11.19 -4.15
N ASP A 34 -0.37 11.70 -5.34
CA ASP A 34 -1.41 12.32 -6.16
C ASP A 34 -2.16 11.27 -6.97
N PHE A 35 -1.55 10.11 -7.13
CA PHE A 35 -2.16 9.02 -7.89
C PHE A 35 -2.96 8.10 -6.96
N PHE A 36 -2.32 7.66 -5.88
CA PHE A 36 -2.98 6.77 -4.92
C PHE A 36 -4.19 7.46 -4.30
N LYS A 37 -4.19 8.78 -4.30
CA LYS A 37 -5.29 9.55 -3.73
C LYS A 37 -6.51 9.47 -4.62
N GLN A 38 -6.36 8.88 -5.79
CA GLN A 38 -7.47 8.73 -6.73
C GLN A 38 -8.66 8.04 -6.07
N CYS A 39 -8.41 6.90 -5.46
CA CYS A 39 -9.46 6.14 -4.79
C CYS A 39 -10.06 6.95 -3.64
N GLY A 40 -9.24 7.21 -2.62
CA GLY A 40 -9.70 7.96 -1.47
C GLY A 40 -8.71 9.04 -1.05
N VAL A 41 -8.39 9.06 0.24
CA VAL A 41 -7.45 10.04 0.77
C VAL A 41 -6.26 9.36 1.45
N VAL A 42 -5.06 9.77 1.07
CA VAL A 42 -3.84 9.20 1.64
C VAL A 42 -3.52 9.83 2.99
N LYS A 43 -3.31 8.98 3.99
CA LYS A 43 -2.98 9.44 5.33
C LYS A 43 -1.82 10.43 5.31
N MET A 44 -2.14 11.71 5.49
CA MET A 44 -1.11 12.74 5.49
C MET A 44 -0.75 13.17 6.91
N ASN A 45 0.52 13.07 7.26
CA ASN A 45 0.98 13.43 8.60
C ASN A 45 0.47 14.82 8.99
N LYS A 46 0.22 15.01 10.27
CA LYS A 46 -0.28 16.29 10.78
C LYS A 46 0.88 17.16 11.28
N ARG A 47 2.02 16.53 11.54
CA ARG A 47 3.20 17.24 12.01
C ARG A 47 4.17 17.52 10.88
N THR A 48 4.39 16.51 10.03
CA THR A 48 5.31 16.64 8.91
C THR A 48 4.55 17.04 7.64
N GLY A 49 3.24 16.86 7.66
CA GLY A 49 2.43 17.21 6.50
C GLY A 49 2.81 16.43 5.26
N GLN A 50 3.37 15.24 5.47
CA GLN A 50 3.79 14.39 4.35
C GLN A 50 2.97 13.10 4.32
N PRO A 51 2.83 12.53 3.12
CA PRO A 51 2.08 11.29 2.91
C PRO A 51 2.77 10.08 3.52
N MET A 52 1.98 9.13 4.01
CA MET A 52 2.53 7.92 4.61
C MET A 52 2.92 6.90 3.55
N ILE A 53 3.52 7.39 2.47
CA ILE A 53 3.95 6.51 1.38
C ILE A 53 5.44 6.19 1.49
N HIS A 54 5.78 4.93 1.29
CA HIS A 54 7.17 4.49 1.36
C HIS A 54 7.65 3.98 0.01
N ILE A 55 8.87 4.36 -0.36
CA ILE A 55 9.44 3.95 -1.63
C ILE A 55 10.85 3.38 -1.45
N TYR A 56 10.92 2.06 -1.32
CA TYR A 56 12.21 1.39 -1.13
C TYR A 56 13.12 1.61 -2.33
N LEU A 57 14.30 2.15 -2.07
CA LEU A 57 15.28 2.42 -3.13
C LEU A 57 16.47 1.48 -3.03
N ASP A 58 16.89 0.94 -4.17
CA ASP A 58 18.03 0.03 -4.21
C ASP A 58 19.26 0.66 -3.58
N LYS A 59 19.82 -0.02 -2.59
CA LYS A 59 21.01 0.47 -1.89
C LYS A 59 22.25 0.35 -2.77
N GLU A 60 22.06 -0.20 -3.98
CA GLU A 60 23.16 -0.37 -4.92
C GLU A 60 23.24 0.80 -5.90
N THR A 61 22.08 1.33 -6.26
CA THR A 61 22.02 2.45 -7.20
C THR A 61 21.32 3.64 -6.56
N GLY A 62 20.30 3.37 -5.75
CA GLY A 62 19.57 4.43 -5.09
C GLY A 62 18.22 4.70 -5.74
N LYS A 63 17.97 4.04 -6.87
CA LYS A 63 16.72 4.20 -7.59
C LYS A 63 15.63 3.32 -6.99
N PRO A 64 14.36 3.76 -7.15
CA PRO A 64 13.21 3.02 -6.63
C PRO A 64 12.96 1.72 -7.39
N LYS A 65 13.51 0.63 -6.85
CA LYS A 65 13.34 -0.68 -7.48
C LYS A 65 11.99 -0.79 -8.18
N GLY A 66 10.93 -0.44 -7.46
CA GLY A 66 9.60 -0.50 -8.03
C GLY A 66 8.53 -0.78 -7.00
N ASP A 67 8.96 -1.23 -5.82
CA ASP A 67 8.04 -1.53 -4.73
C ASP A 67 7.77 -0.30 -3.88
N ALA A 68 6.61 -0.28 -3.22
CA ALA A 68 6.24 0.85 -2.36
C ALA A 68 5.03 0.51 -1.50
N THR A 69 4.72 1.40 -0.56
CA THR A 69 3.58 1.18 0.33
C THR A 69 2.80 2.47 0.54
N VAL A 70 1.48 2.36 0.62
CA VAL A 70 0.61 3.51 0.81
C VAL A 70 -0.33 3.29 1.98
N SER A 71 -0.17 4.10 3.02
CA SER A 71 -1.02 3.99 4.22
C SER A 71 -2.22 4.93 4.11
N TYR A 72 -3.41 4.34 4.04
CA TYR A 72 -4.64 5.12 3.94
C TYR A 72 -5.17 5.47 5.33
N GLU A 73 -6.09 6.44 5.37
CA GLU A 73 -6.68 6.87 6.63
C GLU A 73 -7.33 5.70 7.35
N ASP A 74 -8.38 5.15 6.75
CA ASP A 74 -9.10 4.02 7.32
C ASP A 74 -8.98 2.79 6.44
N PRO A 75 -9.16 1.61 7.05
CA PRO A 75 -9.07 0.33 6.34
C PRO A 75 -10.06 0.25 5.17
N PRO A 76 -11.29 0.71 5.41
CA PRO A 76 -12.35 0.70 4.39
C PRO A 76 -11.89 1.32 3.08
N THR A 77 -10.93 2.24 3.16
CA THR A 77 -10.40 2.91 1.98
C THR A 77 -9.25 2.13 1.37
N ALA A 78 -8.36 1.64 2.22
CA ALA A 78 -7.20 0.87 1.77
C ALA A 78 -7.64 -0.36 1.00
N LYS A 79 -8.58 -1.12 1.56
CA LYS A 79 -9.08 -2.32 0.91
C LYS A 79 -9.69 -2.00 -0.44
N ALA A 80 -10.38 -0.87 -0.53
CA ALA A 80 -11.02 -0.44 -1.77
C ALA A 80 -9.98 0.06 -2.77
N ALA A 81 -8.91 0.67 -2.25
CA ALA A 81 -7.86 1.20 -3.10
C ALA A 81 -7.04 0.07 -3.72
N VAL A 82 -6.92 -1.04 -3.00
CA VAL A 82 -6.16 -2.19 -3.49
C VAL A 82 -6.70 -2.67 -4.83
N GLU A 83 -7.97 -3.06 -4.86
CA GLU A 83 -8.60 -3.53 -6.08
C GLU A 83 -8.73 -2.41 -7.10
N TRP A 84 -8.53 -1.18 -6.64
CA TRP A 84 -8.62 -0.01 -7.51
C TRP A 84 -7.36 0.15 -8.34
N PHE A 85 -6.22 0.20 -7.68
CA PHE A 85 -4.93 0.35 -8.37
C PHE A 85 -4.36 -1.00 -8.76
N ASP A 86 -4.92 -2.06 -8.18
CA ASP A 86 -4.46 -3.41 -8.46
C ASP A 86 -4.58 -3.72 -9.95
N GLY A 87 -3.50 -3.50 -10.69
CA GLY A 87 -3.51 -3.77 -12.12
C GLY A 87 -3.51 -2.50 -12.94
N LYS A 88 -3.19 -1.37 -12.30
CA LYS A 88 -3.15 -0.09 -12.97
C LYS A 88 -1.92 0.03 -13.87
N ASP A 89 -1.89 1.07 -14.69
CA ASP A 89 -0.77 1.29 -15.60
C ASP A 89 0.02 2.52 -15.20
N PHE A 90 1.26 2.33 -14.75
CA PHE A 90 2.11 3.44 -14.33
C PHE A 90 3.33 3.55 -15.24
N GLN A 91 3.32 4.57 -16.10
CA GLN A 91 4.42 4.80 -17.03
C GLN A 91 4.59 3.62 -17.97
N GLY A 92 3.46 3.06 -18.41
CA GLY A 92 3.51 1.93 -19.32
C GLY A 92 3.67 0.60 -18.59
N SER A 93 4.05 0.67 -17.32
CA SER A 93 4.26 -0.53 -16.51
C SER A 93 3.00 -0.87 -15.73
N LYS A 94 2.99 -2.06 -15.14
CA LYS A 94 1.84 -2.52 -14.36
C LYS A 94 2.16 -2.49 -12.87
N LEU A 95 1.21 -1.99 -12.08
CA LEU A 95 1.39 -1.91 -10.64
C LEU A 95 0.62 -3.02 -9.92
N LYS A 96 1.19 -3.53 -8.83
CA LYS A 96 0.56 -4.59 -8.06
C LYS A 96 0.28 -4.14 -6.63
N VAL A 97 -0.98 -3.90 -6.33
CA VAL A 97 -1.37 -3.46 -4.99
C VAL A 97 -1.99 -4.61 -4.19
N SER A 98 -1.59 -4.73 -2.93
CA SER A 98 -2.09 -5.78 -2.06
C SER A 98 -1.95 -5.39 -0.60
N LEU A 99 -3.06 -5.46 0.14
CA LEU A 99 -3.05 -5.12 1.56
C LEU A 99 -1.74 -5.53 2.22
N ALA A 100 -1.07 -4.56 2.84
CA ALA A 100 0.20 -4.82 3.51
C ALA A 100 0.02 -5.82 4.65
N ARG A 101 0.86 -6.85 4.67
CA ARG A 101 0.79 -7.88 5.70
C ARG A 101 -0.56 -8.60 5.67
N LYS A 102 -1.03 -8.90 4.46
CA LYS A 102 -2.30 -9.60 4.29
C LYS A 102 -2.17 -11.08 4.62
N LYS A 103 -3.23 -11.67 5.13
CA LYS A 103 -3.24 -13.08 5.49
C LYS A 103 -3.16 -13.96 4.23
N PRO A 104 -2.32 -15.00 4.29
CA PRO A 104 -2.13 -15.93 3.18
C PRO A 104 -3.36 -16.81 2.95
N PRO A 105 -3.82 -16.87 1.68
CA PRO A 105 -4.98 -17.66 1.30
C PRO A 105 -4.71 -19.16 1.37
N MET A 106 -5.65 -19.95 0.86
CA MET A 106 -5.50 -21.40 0.85
C MET A 106 -5.37 -21.93 -0.57
N ASN A 107 -4.13 -22.15 -1.01
CA ASN A 107 -3.88 -22.65 -2.36
C ASN A 107 -4.59 -23.99 -2.58
N SER A 108 -5.74 -23.93 -3.23
CA SER A 108 -6.52 -25.14 -3.51
C SER A 108 -6.54 -25.44 -5.00
N GLY A 109 -6.54 -26.73 -5.34
CA GLY A 109 -6.56 -27.13 -6.74
C GLY A 109 -7.55 -28.25 -7.01
N PRO A 110 -7.05 -29.49 -6.98
CA PRO A 110 -7.88 -30.68 -7.22
C PRO A 110 -8.86 -30.95 -6.09
N SER A 111 -10.14 -30.71 -6.34
CA SER A 111 -11.18 -30.92 -5.33
C SER A 111 -11.82 -32.30 -5.49
N SER A 112 -11.71 -33.11 -4.45
CA SER A 112 -12.27 -34.46 -4.47
C SER A 112 -13.77 -34.43 -4.19
N GLY A 113 -14.56 -34.83 -5.18
CA GLY A 113 -16.00 -34.85 -5.02
C GLY A 113 -16.56 -33.46 -4.76
N GLY A 1 -28.41 12.44 10.29
CA GLY A 1 -29.62 12.05 9.59
C GLY A 1 -30.06 10.65 9.93
N SER A 2 -30.48 9.89 8.92
CA SER A 2 -30.95 8.53 9.12
C SER A 2 -30.43 7.61 8.02
N SER A 3 -29.94 6.43 8.42
CA SER A 3 -29.41 5.46 7.47
C SER A 3 -29.39 4.06 8.08
N GLY A 4 -29.27 3.05 7.21
CA GLY A 4 -29.24 1.68 7.68
C GLY A 4 -27.89 1.28 8.22
N SER A 5 -27.78 1.20 9.54
CA SER A 5 -26.53 0.83 10.19
C SER A 5 -26.80 0.10 11.50
N SER A 6 -26.58 -1.22 11.49
CA SER A 6 -26.80 -2.03 12.68
C SER A 6 -25.49 -2.22 13.45
N GLY A 7 -24.43 -2.55 12.74
CA GLY A 7 -23.14 -2.75 13.37
C GLY A 7 -22.32 -3.83 12.68
N ASP A 8 -21.39 -3.41 11.82
CA ASP A 8 -20.54 -4.36 11.11
C ASP A 8 -19.60 -5.07 12.06
N PRO A 9 -19.22 -6.32 11.71
CA PRO A 9 -18.32 -7.13 12.52
C PRO A 9 -16.89 -6.60 12.51
N ASP A 10 -16.25 -6.61 13.67
CA ASP A 10 -14.87 -6.13 13.79
C ASP A 10 -13.90 -7.08 13.10
N GLU A 11 -13.53 -6.75 11.87
CA GLU A 11 -12.60 -7.58 11.11
C GLU A 11 -11.38 -7.95 11.95
N ASP A 12 -10.71 -9.02 11.55
CA ASP A 12 -9.52 -9.49 12.26
C ASP A 12 -8.50 -8.37 12.40
N SER A 13 -8.13 -7.76 11.27
CA SER A 13 -7.16 -6.69 11.27
C SER A 13 -7.67 -5.48 10.49
N ASP A 14 -7.14 -4.31 10.80
CA ASP A 14 -7.55 -3.08 10.13
C ASP A 14 -6.41 -2.49 9.31
N ASN A 15 -5.70 -3.36 8.58
CA ASN A 15 -4.59 -2.92 7.75
C ASN A 15 -5.00 -1.77 6.85
N SER A 16 -4.65 -0.55 7.26
CA SER A 16 -4.99 0.65 6.49
C SER A 16 -3.83 1.04 5.58
N ALA A 17 -3.23 0.04 4.93
CA ALA A 17 -2.12 0.28 4.03
C ALA A 17 -2.13 -0.70 2.86
N ILE A 18 -1.51 -0.30 1.75
CA ILE A 18 -1.45 -1.15 0.56
C ILE A 18 -0.01 -1.31 0.07
N TYR A 19 0.32 -2.53 -0.36
CA TYR A 19 1.66 -2.81 -0.86
C TYR A 19 1.69 -2.78 -2.38
N VAL A 20 2.37 -1.77 -2.94
CA VAL A 20 2.48 -1.62 -4.38
C VAL A 20 3.77 -2.25 -4.90
N GLN A 21 3.68 -2.91 -6.05
CA GLN A 21 4.84 -3.56 -6.65
C GLN A 21 4.75 -3.53 -8.17
N GLY A 22 5.75 -2.94 -8.81
CA GLY A 22 5.77 -2.87 -10.26
C GLY A 22 6.10 -1.47 -10.76
N LEU A 23 6.44 -0.57 -9.84
CA LEU A 23 6.77 0.80 -10.18
C LEU A 23 8.12 0.87 -10.88
N ASN A 24 8.32 1.93 -11.66
CA ASN A 24 9.58 2.11 -12.38
C ASN A 24 10.63 2.77 -11.50
N ASP A 25 11.85 2.89 -12.02
CA ASP A 25 12.94 3.50 -11.27
C ASP A 25 12.89 5.03 -11.38
N SER A 26 11.83 5.54 -11.98
CA SER A 26 11.65 6.98 -12.15
C SER A 26 10.43 7.48 -11.39
N VAL A 27 9.79 6.57 -10.65
CA VAL A 27 8.60 6.93 -9.88
C VAL A 27 8.99 7.71 -8.62
N THR A 28 8.25 8.79 -8.36
CA THR A 28 8.51 9.62 -7.19
C THR A 28 7.36 9.55 -6.20
N LEU A 29 7.56 10.12 -5.01
CA LEU A 29 6.55 10.12 -3.98
C LEU A 29 5.33 10.96 -4.40
N ASP A 30 5.55 12.26 -4.54
CA ASP A 30 4.48 13.16 -4.95
C ASP A 30 3.70 12.59 -6.12
N ASP A 31 4.35 11.74 -6.90
CA ASP A 31 3.71 11.13 -8.06
C ASP A 31 2.72 10.05 -7.62
N LEU A 32 3.07 9.32 -6.55
CA LEU A 32 2.21 8.27 -6.04
C LEU A 32 1.20 8.83 -5.04
N ALA A 33 1.55 9.95 -4.42
CA ALA A 33 0.66 10.59 -3.45
C ALA A 33 -0.55 11.20 -4.12
N ASP A 34 -0.34 11.74 -5.33
CA ASP A 34 -1.42 12.36 -6.09
C ASP A 34 -2.13 11.33 -6.95
N PHE A 35 -1.50 10.17 -7.13
CA PHE A 35 -2.09 9.10 -7.94
C PHE A 35 -2.90 8.14 -7.07
N PHE A 36 -2.37 7.80 -5.91
CA PHE A 36 -3.03 6.89 -5.00
C PHE A 36 -4.22 7.57 -4.33
N LYS A 37 -4.21 8.90 -4.30
CA LYS A 37 -5.29 9.67 -3.70
C LYS A 37 -6.56 9.56 -4.53
N GLN A 38 -6.46 8.90 -5.68
CA GLN A 38 -7.61 8.72 -6.56
C GLN A 38 -8.76 8.06 -5.82
N CYS A 39 -8.53 6.85 -5.31
CA CYS A 39 -9.55 6.11 -4.59
C CYS A 39 -10.14 6.96 -3.46
N GLY A 40 -9.31 7.30 -2.49
CA GLY A 40 -9.75 8.11 -1.37
C GLY A 40 -8.75 9.17 -0.96
N VAL A 41 -8.34 9.14 0.30
CA VAL A 41 -7.37 10.09 0.81
C VAL A 41 -6.18 9.39 1.46
N VAL A 42 -4.98 9.82 1.09
CA VAL A 42 -3.77 9.22 1.62
C VAL A 42 -3.41 9.83 2.98
N LYS A 43 -3.31 8.97 3.99
CA LYS A 43 -2.98 9.42 5.34
C LYS A 43 -1.79 10.38 5.31
N MET A 44 -2.05 11.66 5.60
CA MET A 44 -1.00 12.66 5.61
C MET A 44 -0.68 13.10 7.04
N ASN A 45 0.60 13.07 7.39
CA ASN A 45 1.04 13.46 8.72
C ASN A 45 0.54 14.86 9.07
N LYS A 46 0.26 15.09 10.35
CA LYS A 46 -0.21 16.38 10.82
C LYS A 46 0.95 17.24 11.32
N ARG A 47 2.09 16.61 11.53
CA ARG A 47 3.28 17.32 12.00
C ARG A 47 4.25 17.60 10.85
N THR A 48 4.49 16.59 10.04
CA THR A 48 5.39 16.72 8.90
C THR A 48 4.64 17.13 7.65
N GLY A 49 3.33 16.90 7.65
CA GLY A 49 2.51 17.25 6.50
C GLY A 49 2.87 16.44 5.27
N GLN A 50 3.51 15.31 5.48
CA GLN A 50 3.91 14.43 4.38
C GLN A 50 3.06 13.18 4.34
N PRO A 51 2.90 12.59 3.14
CA PRO A 51 2.11 11.37 2.95
C PRO A 51 2.77 10.15 3.57
N MET A 52 1.95 9.22 4.05
CA MET A 52 2.46 8.00 4.66
C MET A 52 2.84 6.97 3.59
N ILE A 53 3.46 7.44 2.52
CA ILE A 53 3.87 6.57 1.43
C ILE A 53 5.34 6.20 1.55
N HIS A 54 5.66 4.92 1.34
CA HIS A 54 7.03 4.45 1.41
C HIS A 54 7.51 3.94 0.06
N ILE A 55 8.75 4.29 -0.29
CA ILE A 55 9.33 3.87 -1.56
C ILE A 55 10.75 3.33 -1.38
N TYR A 56 10.86 2.03 -1.22
CA TYR A 56 12.16 1.39 -1.03
C TYR A 56 13.07 1.67 -2.22
N LEU A 57 14.23 2.27 -1.94
CA LEU A 57 15.20 2.58 -2.99
C LEU A 57 16.40 1.64 -2.93
N ASP A 58 16.84 1.17 -4.09
CA ASP A 58 17.98 0.26 -4.16
C ASP A 58 19.20 0.88 -3.49
N LYS A 59 19.78 0.14 -2.55
CA LYS A 59 20.96 0.61 -1.84
C LYS A 59 22.20 0.57 -2.73
N GLU A 60 22.02 0.10 -3.96
CA GLU A 60 23.12 0.02 -4.91
C GLU A 60 23.14 1.23 -5.83
N THR A 61 21.96 1.72 -6.20
CA THR A 61 21.85 2.87 -7.07
C THR A 61 21.10 4.02 -6.38
N GLY A 62 20.13 3.66 -5.56
CA GLY A 62 19.35 4.67 -4.85
C GLY A 62 18.01 4.94 -5.51
N LYS A 63 17.75 4.26 -6.62
CA LYS A 63 16.50 4.43 -7.36
C LYS A 63 15.41 3.52 -6.80
N PRO A 64 14.15 3.90 -7.01
CA PRO A 64 12.99 3.13 -6.54
C PRO A 64 12.83 1.82 -7.29
N LYS A 65 13.43 0.76 -6.79
CA LYS A 65 13.34 -0.55 -7.42
C LYS A 65 12.00 -0.72 -8.13
N GLY A 66 10.92 -0.40 -7.43
CA GLY A 66 9.60 -0.53 -8.01
C GLY A 66 8.54 -0.86 -6.98
N ASP A 67 8.98 -1.19 -5.77
CA ASP A 67 8.06 -1.53 -4.70
C ASP A 67 7.78 -0.31 -3.82
N ALA A 68 6.62 -0.32 -3.16
CA ALA A 68 6.23 0.79 -2.29
C ALA A 68 5.02 0.43 -1.45
N THR A 69 4.69 1.29 -0.50
CA THR A 69 3.55 1.06 0.39
C THR A 69 2.81 2.36 0.69
N VAL A 70 1.49 2.35 0.48
CA VAL A 70 0.67 3.52 0.73
C VAL A 70 -0.27 3.29 1.91
N SER A 71 -0.10 4.11 2.95
CA SER A 71 -0.94 3.99 4.15
C SER A 71 -2.14 4.91 4.05
N TYR A 72 -3.33 4.32 4.02
CA TYR A 72 -4.57 5.08 3.92
C TYR A 72 -5.10 5.43 5.31
N GLU A 73 -5.96 6.45 5.38
CA GLU A 73 -6.54 6.88 6.65
C GLU A 73 -7.27 5.73 7.33
N ASP A 74 -8.32 5.24 6.69
CA ASP A 74 -9.12 4.14 7.24
C ASP A 74 -9.02 2.91 6.35
N PRO A 75 -9.26 1.74 6.95
CA PRO A 75 -9.22 0.45 6.22
C PRO A 75 -10.17 0.43 5.03
N PRO A 76 -11.39 0.94 5.24
CA PRO A 76 -12.41 0.99 4.19
C PRO A 76 -11.89 1.56 2.87
N THR A 77 -10.90 2.44 2.98
CA THR A 77 -10.30 3.06 1.80
C THR A 77 -9.15 2.22 1.27
N ALA A 78 -8.36 1.65 2.17
CA ALA A 78 -7.22 0.82 1.79
C ALA A 78 -7.68 -0.41 1.01
N LYS A 79 -8.65 -1.12 1.56
CA LYS A 79 -9.18 -2.31 0.91
C LYS A 79 -9.76 -1.98 -0.47
N ALA A 80 -10.42 -0.83 -0.56
CA ALA A 80 -11.01 -0.39 -1.82
C ALA A 80 -9.94 0.10 -2.78
N ALA A 81 -8.86 0.67 -2.24
CA ALA A 81 -7.77 1.18 -3.06
C ALA A 81 -7.00 0.04 -3.72
N VAL A 82 -6.90 -1.08 -3.01
CA VAL A 82 -6.18 -2.24 -3.52
C VAL A 82 -6.73 -2.68 -4.88
N GLU A 83 -7.99 -3.11 -4.88
CA GLU A 83 -8.64 -3.55 -6.11
C GLU A 83 -8.78 -2.39 -7.10
N TRP A 84 -8.56 -1.18 -6.61
CA TRP A 84 -8.67 0.01 -7.45
C TRP A 84 -7.41 0.20 -8.29
N PHE A 85 -6.26 0.24 -7.63
CA PHE A 85 -4.99 0.41 -8.31
C PHE A 85 -4.39 -0.93 -8.71
N ASP A 86 -4.94 -2.00 -8.14
CA ASP A 86 -4.46 -3.36 -8.43
C ASP A 86 -4.57 -3.64 -9.93
N GLY A 87 -3.45 -3.51 -10.63
CA GLY A 87 -3.43 -3.76 -12.06
C GLY A 87 -3.50 -2.49 -12.88
N LYS A 88 -3.10 -1.38 -12.28
CA LYS A 88 -3.13 -0.09 -12.96
C LYS A 88 -1.93 0.05 -13.89
N ASP A 89 -1.98 1.07 -14.75
CA ASP A 89 -0.90 1.31 -15.71
C ASP A 89 -0.13 2.58 -15.33
N PHE A 90 1.09 2.40 -14.85
CA PHE A 90 1.93 3.54 -14.46
C PHE A 90 3.17 3.62 -15.34
N GLN A 91 3.20 4.63 -16.22
CA GLN A 91 4.32 4.83 -17.13
C GLN A 91 4.50 3.62 -18.04
N GLY A 92 3.37 3.04 -18.46
CA GLY A 92 3.43 1.89 -19.34
C GLY A 92 3.83 0.61 -18.62
N SER A 93 3.65 0.61 -17.30
CA SER A 93 4.00 -0.54 -16.49
C SER A 93 2.85 -0.93 -15.55
N LYS A 94 2.48 -2.20 -15.56
CA LYS A 94 1.41 -2.70 -14.71
C LYS A 94 1.82 -2.69 -13.25
N LEU A 95 0.92 -2.23 -12.38
CA LEU A 95 1.19 -2.19 -10.95
C LEU A 95 0.45 -3.31 -10.22
N LYS A 96 0.95 -3.65 -9.04
CA LYS A 96 0.35 -4.71 -8.23
C LYS A 96 0.14 -4.24 -6.79
N VAL A 97 -1.12 -3.97 -6.45
CA VAL A 97 -1.45 -3.52 -5.10
C VAL A 97 -2.06 -4.64 -4.28
N SER A 98 -1.57 -4.81 -3.05
CA SER A 98 -2.08 -5.86 -2.16
C SER A 98 -1.97 -5.43 -0.71
N LEU A 99 -3.05 -5.62 0.05
CA LEU A 99 -3.08 -5.24 1.45
C LEU A 99 -1.80 -5.69 2.15
N ALA A 100 -1.03 -4.73 2.65
CA ALA A 100 0.21 -5.03 3.36
C ALA A 100 -0.01 -6.08 4.44
N ARG A 101 0.62 -7.24 4.27
CA ARG A 101 0.50 -8.32 5.23
C ARG A 101 1.86 -8.84 5.65
N LYS A 102 2.28 -8.51 6.86
CA LYS A 102 3.57 -8.95 7.38
C LYS A 102 3.42 -9.58 8.76
N LYS A 103 2.22 -10.10 9.04
CA LYS A 103 1.95 -10.74 10.32
C LYS A 103 1.84 -12.26 10.16
N PRO A 104 2.45 -13.00 11.09
CA PRO A 104 2.42 -14.46 11.08
C PRO A 104 1.04 -15.02 11.40
N PRO A 105 0.40 -15.62 10.38
CA PRO A 105 -0.93 -16.21 10.53
C PRO A 105 -0.92 -17.47 11.38
N MET A 106 0.25 -18.10 11.48
CA MET A 106 0.39 -19.32 12.26
C MET A 106 1.66 -19.25 13.13
N ASN A 107 1.52 -19.62 14.40
CA ASN A 107 2.64 -19.61 15.33
C ASN A 107 3.49 -20.88 15.18
N SER A 108 2.82 -22.03 15.17
CA SER A 108 3.51 -23.31 15.04
C SER A 108 2.92 -24.12 13.90
N GLY A 109 1.59 -24.13 13.80
CA GLY A 109 0.93 -24.88 12.74
C GLY A 109 -0.53 -24.50 12.60
N PRO A 110 -1.22 -25.14 11.65
CA PRO A 110 -2.64 -24.89 11.39
C PRO A 110 -3.53 -25.40 12.52
N SER A 111 -2.95 -26.12 13.46
CA SER A 111 -3.68 -26.67 14.58
C SER A 111 -4.22 -25.56 15.47
N SER A 112 -5.52 -25.61 15.77
CA SER A 112 -6.16 -24.60 16.60
C SER A 112 -6.74 -25.24 17.87
N GLY A 113 -6.28 -24.77 19.01
CA GLY A 113 -6.76 -25.30 20.28
C GLY A 113 -6.14 -26.65 20.62
N GLY A 1 -18.97 -3.74 -12.17
CA GLY A 1 -17.55 -3.71 -11.88
C GLY A 1 -17.09 -4.93 -11.12
N SER A 2 -15.99 -4.79 -10.39
CA SER A 2 -15.44 -5.90 -9.61
C SER A 2 -16.17 -6.06 -8.28
N SER A 3 -17.07 -7.03 -8.23
CA SER A 3 -17.84 -7.30 -7.02
C SER A 3 -17.37 -8.57 -6.33
N GLY A 4 -16.88 -8.43 -5.10
CA GLY A 4 -16.39 -9.57 -4.35
C GLY A 4 -16.41 -9.34 -2.86
N SER A 5 -17.58 -9.52 -2.24
CA SER A 5 -17.71 -9.32 -0.81
C SER A 5 -17.42 -10.61 -0.04
N SER A 6 -16.26 -10.65 0.60
CA SER A 6 -15.84 -11.82 1.36
C SER A 6 -15.96 -11.57 2.86
N GLY A 7 -15.69 -10.33 3.27
CA GLY A 7 -15.78 -9.98 4.67
C GLY A 7 -14.57 -10.44 5.46
N ASP A 8 -14.55 -10.13 6.75
CA ASP A 8 -13.44 -10.52 7.61
C ASP A 8 -13.89 -10.64 9.06
N PRO A 9 -13.74 -11.83 9.64
CA PRO A 9 -14.12 -12.11 11.02
C PRO A 9 -13.23 -11.40 12.03
N ASP A 10 -11.96 -11.21 11.65
CA ASP A 10 -11.00 -10.54 12.52
C ASP A 10 -10.93 -9.05 12.20
N GLU A 11 -11.17 -8.23 13.21
CA GLU A 11 -11.14 -6.77 13.05
C GLU A 11 -9.82 -6.20 13.55
N ASP A 12 -9.04 -7.04 14.23
CA ASP A 12 -7.75 -6.62 14.77
C ASP A 12 -6.72 -6.47 13.65
N SER A 13 -5.55 -5.93 13.99
CA SER A 13 -4.48 -5.73 13.02
C SER A 13 -4.93 -4.78 11.92
N ASP A 14 -5.58 -3.68 12.31
CA ASP A 14 -6.05 -2.70 11.35
C ASP A 14 -5.04 -2.51 10.22
N ASN A 15 -5.33 -3.11 9.07
CA ASN A 15 -4.45 -3.00 7.91
C ASN A 15 -4.90 -1.88 6.98
N SER A 16 -4.70 -0.64 7.41
CA SER A 16 -5.08 0.52 6.61
C SER A 16 -3.96 0.94 5.67
N ALA A 17 -3.27 -0.06 5.11
CA ALA A 17 -2.17 0.20 4.19
C ALA A 17 -2.18 -0.78 3.03
N ILE A 18 -1.58 -0.37 1.91
CA ILE A 18 -1.52 -1.23 0.73
C ILE A 18 -0.09 -1.33 0.20
N TYR A 19 0.26 -2.52 -0.29
CA TYR A 19 1.59 -2.74 -0.83
C TYR A 19 1.59 -2.69 -2.35
N VAL A 20 2.41 -1.80 -2.90
CA VAL A 20 2.50 -1.65 -4.35
C VAL A 20 3.81 -2.22 -4.88
N GLN A 21 3.73 -2.89 -6.03
CA GLN A 21 4.91 -3.50 -6.64
C GLN A 21 4.81 -3.45 -8.16
N GLY A 22 5.80 -2.84 -8.79
CA GLY A 22 5.81 -2.73 -10.25
C GLY A 22 6.03 -1.31 -10.72
N LEU A 23 6.41 -0.43 -9.80
CA LEU A 23 6.64 0.97 -10.13
C LEU A 23 7.92 1.12 -10.95
N ASN A 24 8.00 2.20 -11.72
CA ASN A 24 9.17 2.47 -12.55
C ASN A 24 10.32 3.02 -11.72
N ASP A 25 11.46 3.20 -12.36
CA ASP A 25 12.64 3.73 -11.68
C ASP A 25 12.64 5.25 -11.68
N SER A 26 11.48 5.83 -12.00
CA SER A 26 11.35 7.28 -12.05
C SER A 26 10.11 7.74 -11.29
N VAL A 27 9.61 6.86 -10.41
CA VAL A 27 8.42 7.17 -9.62
C VAL A 27 8.78 8.00 -8.39
N THR A 28 8.05 9.10 -8.19
CA THR A 28 8.29 9.98 -7.06
C THR A 28 7.15 9.90 -6.05
N LEU A 29 7.45 10.25 -4.80
CA LEU A 29 6.45 10.22 -3.74
C LEU A 29 5.22 11.04 -4.13
N ASP A 30 5.45 12.30 -4.49
CA ASP A 30 4.35 13.19 -4.89
C ASP A 30 3.54 12.57 -6.02
N ASP A 31 4.20 11.85 -6.90
CA ASP A 31 3.54 11.20 -8.03
C ASP A 31 2.66 10.05 -7.55
N LEU A 32 3.04 9.44 -6.43
CA LEU A 32 2.30 8.33 -5.87
C LEU A 32 1.22 8.82 -4.91
N ALA A 33 1.48 9.97 -4.28
CA ALA A 33 0.54 10.55 -3.33
C ALA A 33 -0.69 11.12 -4.06
N ASP A 34 -0.45 11.72 -5.22
CA ASP A 34 -1.53 12.30 -6.01
C ASP A 34 -2.22 11.24 -6.85
N PHE A 35 -1.56 10.11 -7.02
CA PHE A 35 -2.11 9.01 -7.81
C PHE A 35 -2.87 8.03 -6.92
N PHE A 36 -2.30 7.74 -5.75
CA PHE A 36 -2.93 6.81 -4.81
C PHE A 36 -4.16 7.45 -4.16
N LYS A 37 -4.25 8.77 -4.26
CA LYS A 37 -5.38 9.50 -3.69
C LYS A 37 -6.62 9.37 -4.56
N GLN A 38 -6.45 8.75 -5.73
CA GLN A 38 -7.56 8.57 -6.66
C GLN A 38 -8.71 7.83 -5.99
N CYS A 39 -8.40 6.72 -5.35
CA CYS A 39 -9.41 5.92 -4.67
C CYS A 39 -10.07 6.71 -3.54
N GLY A 40 -9.26 7.13 -2.57
CA GLY A 40 -9.78 7.89 -1.46
C GLY A 40 -8.82 8.97 -1.00
N VAL A 41 -8.50 8.98 0.29
CA VAL A 41 -7.59 9.96 0.86
C VAL A 41 -6.39 9.29 1.51
N VAL A 42 -5.20 9.74 1.15
CA VAL A 42 -3.96 9.18 1.71
C VAL A 42 -3.61 9.85 3.03
N LYS A 43 -3.34 9.04 4.04
CA LYS A 43 -2.98 9.55 5.36
C LYS A 43 -1.80 10.51 5.27
N MET A 44 -2.05 11.78 5.56
CA MET A 44 -1.00 12.79 5.51
C MET A 44 -0.64 13.26 6.92
N ASN A 45 0.64 13.15 7.27
CA ASN A 45 1.11 13.57 8.58
C ASN A 45 0.63 14.97 8.92
N LYS A 46 0.31 15.20 10.19
CA LYS A 46 -0.16 16.50 10.64
C LYS A 46 0.99 17.35 11.17
N ARG A 47 2.16 16.73 11.30
CA ARG A 47 3.34 17.43 11.80
C ARG A 47 4.27 17.81 10.65
N THR A 48 4.53 16.85 9.76
CA THR A 48 5.41 17.08 8.62
C THR A 48 4.60 17.41 7.38
N GLY A 49 3.31 17.11 7.41
CA GLY A 49 2.44 17.38 6.27
C GLY A 49 2.81 16.55 5.06
N GLN A 50 3.41 15.39 5.29
CA GLN A 50 3.82 14.50 4.20
C GLN A 50 2.98 13.22 4.20
N PRO A 51 2.83 12.61 3.02
CA PRO A 51 2.06 11.37 2.87
C PRO A 51 2.74 10.17 3.51
N MET A 52 1.95 9.22 3.98
CA MET A 52 2.48 8.02 4.63
C MET A 52 2.88 6.99 3.59
N ILE A 53 3.44 7.45 2.48
CA ILE A 53 3.88 6.56 1.40
C ILE A 53 5.36 6.23 1.51
N HIS A 54 5.70 4.99 1.23
CA HIS A 54 7.09 4.55 1.30
C HIS A 54 7.56 4.00 -0.05
N ILE A 55 8.78 4.37 -0.43
CA ILE A 55 9.34 3.92 -1.70
C ILE A 55 10.76 3.36 -1.51
N TYR A 56 10.84 2.04 -1.33
CA TYR A 56 12.12 1.39 -1.13
C TYR A 56 13.04 1.61 -2.33
N LEU A 57 14.24 2.15 -2.05
CA LEU A 57 15.20 2.43 -3.11
C LEU A 57 16.37 1.44 -3.04
N ASP A 58 16.79 0.95 -4.20
CA ASP A 58 17.90 0.01 -4.28
C ASP A 58 19.14 0.58 -3.61
N LYS A 59 19.67 -0.16 -2.63
CA LYS A 59 20.87 0.27 -1.91
C LYS A 59 22.10 0.18 -2.79
N GLU A 60 21.91 -0.28 -4.02
CA GLU A 60 23.01 -0.41 -4.97
C GLU A 60 23.10 0.81 -5.88
N THR A 61 21.94 1.32 -6.29
CA THR A 61 21.88 2.48 -7.16
C THR A 61 21.19 3.65 -6.48
N GLY A 62 20.18 3.35 -5.67
CA GLY A 62 19.44 4.38 -4.96
C GLY A 62 18.11 4.69 -5.63
N LYS A 63 17.84 4.03 -6.74
CA LYS A 63 16.59 4.24 -7.47
C LYS A 63 15.47 3.38 -6.91
N PRO A 64 14.22 3.82 -7.10
CA PRO A 64 13.04 3.09 -6.63
C PRO A 64 12.81 1.79 -7.38
N LYS A 65 13.38 0.70 -6.88
CA LYS A 65 13.24 -0.61 -7.51
C LYS A 65 11.88 -0.73 -8.20
N GLY A 66 10.82 -0.47 -7.45
CA GLY A 66 9.49 -0.56 -8.01
C GLY A 66 8.43 -0.84 -6.95
N ASP A 67 8.87 -1.27 -5.78
CA ASP A 67 7.95 -1.58 -4.69
C ASP A 67 7.70 -0.34 -3.83
N ALA A 68 6.58 -0.33 -3.13
CA ALA A 68 6.22 0.79 -2.28
C ALA A 68 5.03 0.44 -1.38
N THR A 69 4.69 1.36 -0.48
CA THR A 69 3.57 1.15 0.43
C THR A 69 2.81 2.44 0.68
N VAL A 70 1.48 2.37 0.59
CA VAL A 70 0.63 3.54 0.81
C VAL A 70 -0.31 3.32 1.99
N SER A 71 -0.10 4.10 3.05
CA SER A 71 -0.93 3.98 4.24
C SER A 71 -2.14 4.91 4.15
N TYR A 72 -3.33 4.33 4.14
CA TYR A 72 -4.57 5.10 4.04
C TYR A 72 -5.11 5.40 5.44
N GLU A 73 -6.04 6.36 5.51
CA GLU A 73 -6.65 6.75 6.77
C GLU A 73 -7.29 5.54 7.45
N ASP A 74 -8.35 5.03 6.84
CA ASP A 74 -9.06 3.87 7.38
C ASP A 74 -8.92 2.66 6.47
N PRO A 75 -9.09 1.47 7.04
CA PRO A 75 -8.99 0.20 6.30
C PRO A 75 -9.95 0.15 5.12
N PRO A 76 -11.20 0.59 5.34
CA PRO A 76 -12.24 0.60 4.31
C PRO A 76 -11.77 1.27 3.02
N THR A 77 -10.81 2.18 3.15
CA THR A 77 -10.27 2.89 1.99
C THR A 77 -9.11 2.11 1.36
N ALA A 78 -8.24 1.58 2.21
CA ALA A 78 -7.10 0.81 1.74
C ALA A 78 -7.54 -0.40 0.94
N LYS A 79 -8.58 -1.08 1.41
CA LYS A 79 -9.09 -2.26 0.75
C LYS A 79 -9.68 -1.90 -0.61
N ALA A 80 -10.35 -0.74 -0.69
CA ALA A 80 -10.95 -0.29 -1.93
C ALA A 80 -9.90 0.23 -2.89
N ALA A 81 -8.82 0.77 -2.35
CA ALA A 81 -7.73 1.30 -3.17
C ALA A 81 -6.94 0.18 -3.81
N VAL A 82 -6.87 -0.96 -3.14
CA VAL A 82 -6.15 -2.11 -3.65
C VAL A 82 -6.69 -2.55 -5.01
N GLU A 83 -7.95 -2.98 -5.02
CA GLU A 83 -8.60 -3.43 -6.25
C GLU A 83 -8.73 -2.28 -7.24
N TRP A 84 -8.50 -1.06 -6.76
CA TRP A 84 -8.59 0.12 -7.61
C TRP A 84 -7.33 0.30 -8.43
N PHE A 85 -6.18 0.34 -7.75
CA PHE A 85 -4.90 0.50 -8.43
C PHE A 85 -4.33 -0.85 -8.85
N ASP A 86 -4.89 -1.92 -8.31
CA ASP A 86 -4.45 -3.27 -8.63
C ASP A 86 -4.62 -3.56 -10.13
N GLY A 87 -3.56 -3.35 -10.89
CA GLY A 87 -3.61 -3.59 -12.32
C GLY A 87 -3.38 -2.34 -13.14
N LYS A 88 -3.54 -1.18 -12.50
CA LYS A 88 -3.34 0.10 -13.17
C LYS A 88 -2.03 0.10 -13.94
N ASP A 89 -1.77 1.19 -14.66
CA ASP A 89 -0.55 1.33 -15.44
C ASP A 89 0.21 2.59 -15.05
N PHE A 90 1.50 2.44 -14.79
CA PHE A 90 2.34 3.57 -14.41
C PHE A 90 3.61 3.62 -15.26
N GLN A 91 3.67 4.59 -16.17
CA GLN A 91 4.82 4.75 -17.04
C GLN A 91 5.01 3.51 -17.91
N GLY A 92 3.90 2.88 -18.28
CA GLY A 92 3.97 1.68 -19.11
C GLY A 92 4.30 0.44 -18.31
N SER A 93 4.09 0.50 -17.01
CA SER A 93 4.38 -0.63 -16.13
C SER A 93 3.16 -0.97 -15.26
N LYS A 94 2.78 -2.25 -15.26
CA LYS A 94 1.64 -2.69 -14.47
C LYS A 94 1.94 -2.62 -12.98
N LEU A 95 0.99 -2.09 -12.21
CA LEU A 95 1.16 -1.96 -10.77
C LEU A 95 0.41 -3.07 -10.04
N LYS A 96 1.00 -3.56 -8.96
CA LYS A 96 0.39 -4.62 -8.15
C LYS A 96 0.14 -4.15 -6.74
N VAL A 97 -1.12 -3.82 -6.45
CA VAL A 97 -1.50 -3.35 -5.11
C VAL A 97 -2.13 -4.48 -4.29
N SER A 98 -1.63 -4.66 -3.08
CA SER A 98 -2.14 -5.71 -2.20
C SER A 98 -1.91 -5.35 -0.73
N LEU A 99 -2.97 -5.42 0.06
CA LEU A 99 -2.89 -5.10 1.48
C LEU A 99 -1.60 -5.65 2.08
N ALA A 100 -0.90 -4.81 2.83
CA ALA A 100 0.34 -5.21 3.47
C ALA A 100 0.07 -6.08 4.70
N ARG A 101 0.41 -7.36 4.60
CA ARG A 101 0.20 -8.30 5.69
C ARG A 101 1.29 -9.37 5.71
N LYS A 102 2.17 -9.29 6.71
CA LYS A 102 3.26 -10.25 6.84
C LYS A 102 3.72 -10.36 8.28
N LYS A 103 3.46 -11.50 8.91
CA LYS A 103 3.86 -11.73 10.29
C LYS A 103 4.65 -13.02 10.42
N PRO A 104 5.56 -13.05 11.42
CA PRO A 104 6.40 -14.23 11.68
C PRO A 104 5.60 -15.41 12.23
N PRO A 105 6.23 -16.59 12.25
CA PRO A 105 5.60 -17.81 12.75
C PRO A 105 5.41 -17.79 14.26
N MET A 106 5.78 -16.67 14.88
CA MET A 106 5.63 -16.51 16.32
C MET A 106 4.40 -17.25 16.84
N ASN A 107 3.27 -17.04 16.16
CA ASN A 107 2.02 -17.68 16.55
C ASN A 107 1.68 -18.82 15.60
N SER A 108 1.22 -19.93 16.16
CA SER A 108 0.86 -21.10 15.37
C SER A 108 -0.45 -21.71 15.87
N GLY A 109 -1.38 -21.95 14.95
CA GLY A 109 -2.65 -22.53 15.32
C GLY A 109 -3.24 -23.39 14.21
N PRO A 110 -4.12 -22.79 13.39
CA PRO A 110 -4.76 -23.49 12.28
C PRO A 110 -3.78 -23.82 11.15
N SER A 111 -3.79 -25.08 10.73
CA SER A 111 -2.90 -25.53 9.67
C SER A 111 -3.70 -26.08 8.49
N SER A 112 -3.16 -25.91 7.29
CA SER A 112 -3.82 -26.39 6.08
C SER A 112 -2.89 -27.29 5.27
N GLY A 113 -1.64 -26.88 5.14
CA GLY A 113 -0.68 -27.66 4.39
C GLY A 113 0.13 -26.81 3.42
N GLY A 1 20.19 -10.09 1.45
CA GLY A 1 19.75 -11.48 1.49
C GLY A 1 18.52 -11.72 0.63
N SER A 2 17.46 -12.24 1.25
CA SER A 2 16.23 -12.52 0.54
C SER A 2 15.02 -12.34 1.45
N SER A 3 14.17 -11.37 1.09
CA SER A 3 12.97 -11.08 1.88
C SER A 3 12.13 -12.34 2.07
N GLY A 4 11.44 -12.43 3.20
CA GLY A 4 10.62 -13.58 3.48
C GLY A 4 9.85 -13.45 4.79
N SER A 5 9.36 -12.25 5.07
CA SER A 5 8.62 -11.99 6.29
C SER A 5 7.39 -12.90 6.38
N SER A 6 6.86 -13.04 7.60
CA SER A 6 5.70 -13.89 7.83
C SER A 6 4.53 -13.05 8.36
N GLY A 7 4.76 -12.37 9.46
CA GLY A 7 3.72 -11.54 10.06
C GLY A 7 2.77 -12.35 10.93
N ASP A 8 2.24 -11.70 11.97
CA ASP A 8 1.32 -12.36 12.88
C ASP A 8 -0.09 -11.79 12.74
N PRO A 9 -0.86 -12.32 11.78
CA PRO A 9 -2.23 -11.87 11.52
C PRO A 9 -3.19 -12.28 12.64
N ASP A 10 -4.29 -11.55 12.75
CA ASP A 10 -5.28 -11.83 13.78
C ASP A 10 -6.69 -11.56 13.25
N GLU A 11 -7.70 -12.10 13.95
CA GLU A 11 -9.09 -11.92 13.56
C GLU A 11 -9.35 -10.46 13.16
N ASP A 12 -10.16 -10.28 12.12
CA ASP A 12 -10.49 -8.94 11.63
C ASP A 12 -9.24 -8.11 11.45
N SER A 13 -8.19 -8.72 10.89
CA SER A 13 -6.93 -8.03 10.66
C SER A 13 -7.17 -6.65 10.07
N ASP A 14 -6.90 -5.61 10.86
CA ASP A 14 -7.09 -4.25 10.41
C ASP A 14 -5.80 -3.69 9.80
N ASN A 15 -5.83 -3.46 8.50
CA ASN A 15 -4.66 -2.94 7.79
C ASN A 15 -5.05 -1.78 6.87
N SER A 16 -4.77 -0.55 7.30
CA SER A 16 -5.10 0.63 6.53
C SER A 16 -3.94 1.02 5.60
N ALA A 17 -3.28 0.01 5.05
CA ALA A 17 -2.16 0.24 4.16
C ALA A 17 -2.21 -0.70 2.96
N ILE A 18 -1.43 -0.38 1.93
CA ILE A 18 -1.39 -1.20 0.72
C ILE A 18 0.03 -1.36 0.21
N TYR A 19 0.35 -2.55 -0.29
CA TYR A 19 1.68 -2.83 -0.81
C TYR A 19 1.69 -2.80 -2.34
N VAL A 20 2.43 -1.84 -2.89
CA VAL A 20 2.52 -1.70 -4.34
C VAL A 20 3.83 -2.28 -4.86
N GLN A 21 3.77 -2.91 -6.04
CA GLN A 21 4.95 -3.50 -6.65
C GLN A 21 4.83 -3.51 -8.17
N GLY A 22 5.80 -2.89 -8.82
CA GLY A 22 5.79 -2.82 -10.27
C GLY A 22 6.08 -1.43 -10.80
N LEU A 23 6.43 -0.52 -9.89
CA LEU A 23 6.72 0.87 -10.27
C LEU A 23 8.06 0.96 -10.99
N ASN A 24 8.23 2.01 -11.78
CA ASN A 24 9.46 2.21 -12.53
C ASN A 24 10.53 2.88 -11.65
N ASP A 25 11.70 3.11 -12.22
CA ASP A 25 12.79 3.74 -11.48
C ASP A 25 12.69 5.27 -11.57
N SER A 26 11.61 5.75 -12.16
CA SER A 26 11.40 7.19 -12.30
C SER A 26 10.20 7.65 -11.47
N VAL A 27 9.62 6.72 -10.71
CA VAL A 27 8.47 7.03 -9.87
C VAL A 27 8.89 7.79 -8.62
N THR A 28 8.10 8.80 -8.25
CA THR A 28 8.39 9.60 -7.08
C THR A 28 7.23 9.56 -6.08
N LEU A 29 7.44 10.16 -4.91
CA LEU A 29 6.43 10.19 -3.87
C LEU A 29 5.22 11.04 -4.31
N ASP A 30 5.47 12.32 -4.52
CA ASP A 30 4.42 13.25 -4.94
C ASP A 30 3.62 12.66 -6.10
N ASP A 31 4.27 11.82 -6.89
CA ASP A 31 3.62 11.19 -8.04
C ASP A 31 2.72 10.05 -7.59
N LEU A 32 3.12 9.38 -6.52
CA LEU A 32 2.35 8.26 -5.98
C LEU A 32 1.24 8.74 -5.05
N ALA A 33 1.48 9.89 -4.42
CA ALA A 33 0.51 10.47 -3.51
C ALA A 33 -0.67 11.07 -4.27
N ASP A 34 -0.39 11.67 -5.41
CA ASP A 34 -1.42 12.28 -6.24
C ASP A 34 -2.18 11.22 -7.03
N PHE A 35 -1.56 10.06 -7.19
CA PHE A 35 -2.18 8.96 -7.94
C PHE A 35 -2.95 8.03 -7.00
N PHE A 36 -2.27 7.58 -5.95
CA PHE A 36 -2.89 6.69 -4.98
C PHE A 36 -4.12 7.34 -4.33
N LYS A 37 -4.14 8.67 -4.33
CA LYS A 37 -5.25 9.42 -3.75
C LYS A 37 -6.50 9.29 -4.61
N GLN A 38 -6.32 8.83 -5.85
CA GLN A 38 -7.42 8.67 -6.79
C GLN A 38 -8.61 7.99 -6.09
N CYS A 39 -8.35 6.84 -5.49
CA CYS A 39 -9.40 6.10 -4.79
C CYS A 39 -10.03 6.94 -3.69
N GLY A 40 -9.25 7.19 -2.64
CA GLY A 40 -9.74 7.98 -1.52
C GLY A 40 -8.76 9.05 -1.09
N VAL A 41 -8.41 9.04 0.19
CA VAL A 41 -7.47 10.02 0.74
C VAL A 41 -6.29 9.33 1.42
N VAL A 42 -5.08 9.82 1.14
CA VAL A 42 -3.88 9.25 1.73
C VAL A 42 -3.56 9.90 3.07
N LYS A 43 -3.29 9.08 4.07
CA LYS A 43 -2.98 9.57 5.41
C LYS A 43 -1.79 10.54 5.36
N MET A 44 -2.07 11.81 5.64
CA MET A 44 -1.02 12.83 5.63
C MET A 44 -0.68 13.26 7.04
N ASN A 45 0.59 13.11 7.42
CA ASN A 45 1.05 13.49 8.75
C ASN A 45 0.57 14.88 9.12
N LYS A 46 0.32 15.09 10.41
CA LYS A 46 -0.14 16.39 10.90
C LYS A 46 1.03 17.25 11.37
N ARG A 47 2.16 16.59 11.65
CA ARG A 47 3.34 17.29 12.11
C ARG A 47 4.29 17.58 10.96
N THR A 48 4.54 16.57 10.13
CA THR A 48 5.43 16.71 8.98
C THR A 48 4.65 17.13 7.74
N GLY A 49 3.35 16.88 7.74
CA GLY A 49 2.52 17.23 6.60
C GLY A 49 2.87 16.45 5.36
N GLN A 50 3.41 15.25 5.54
CA GLN A 50 3.79 14.40 4.42
C GLN A 50 2.97 13.11 4.40
N PRO A 51 2.80 12.53 3.20
CA PRO A 51 2.04 11.29 3.02
C PRO A 51 2.75 10.08 3.62
N MET A 52 1.96 9.14 4.12
CA MET A 52 2.51 7.93 4.72
C MET A 52 2.89 6.91 3.65
N ILE A 53 3.48 7.40 2.56
CA ILE A 53 3.89 6.53 1.46
C ILE A 53 5.38 6.21 1.54
N HIS A 54 5.72 4.95 1.33
CA HIS A 54 7.11 4.51 1.37
C HIS A 54 7.57 4.02 0.00
N ILE A 55 8.81 4.34 -0.35
CA ILE A 55 9.37 3.93 -1.64
C ILE A 55 10.78 3.37 -1.47
N TYR A 56 10.86 2.05 -1.33
CA TYR A 56 12.15 1.39 -1.16
C TYR A 56 13.06 1.65 -2.36
N LEU A 57 14.24 2.23 -2.09
CA LEU A 57 15.19 2.54 -3.14
C LEU A 57 16.38 1.59 -3.09
N ASP A 58 16.81 1.10 -4.25
CA ASP A 58 17.94 0.19 -4.34
C ASP A 58 19.17 0.78 -3.67
N LYS A 59 19.85 -0.02 -2.86
CA LYS A 59 21.05 0.44 -2.16
C LYS A 59 22.26 0.38 -3.08
N GLU A 60 22.07 -0.16 -4.27
CA GLU A 60 23.15 -0.27 -5.24
C GLU A 60 23.09 0.87 -6.26
N THR A 61 21.90 1.45 -6.41
CA THR A 61 21.71 2.56 -7.34
C THR A 61 21.04 3.74 -6.66
N GLY A 62 20.12 3.46 -5.74
CA GLY A 62 19.43 4.50 -5.03
C GLY A 62 18.08 4.85 -5.67
N LYS A 63 17.75 4.15 -6.75
CA LYS A 63 16.50 4.38 -7.45
C LYS A 63 15.39 3.50 -6.90
N PRO A 64 14.13 3.92 -7.10
CA PRO A 64 12.96 3.18 -6.64
C PRO A 64 12.75 1.88 -7.41
N LYS A 65 13.36 0.80 -6.93
CA LYS A 65 13.24 -0.50 -7.58
C LYS A 65 11.88 -0.63 -8.27
N GLY A 66 10.82 -0.43 -7.52
CA GLY A 66 9.48 -0.53 -8.07
C GLY A 66 8.43 -0.82 -7.02
N ASP A 67 8.88 -1.24 -5.84
CA ASP A 67 7.98 -1.56 -4.74
C ASP A 67 7.74 -0.34 -3.87
N ALA A 68 6.59 -0.30 -3.20
CA ALA A 68 6.25 0.82 -2.33
C ALA A 68 5.05 0.49 -1.45
N THR A 69 4.71 1.39 -0.54
CA THR A 69 3.58 1.19 0.36
C THR A 69 2.83 2.49 0.60
N VAL A 70 1.50 2.39 0.71
CA VAL A 70 0.66 3.56 0.93
C VAL A 70 -0.30 3.32 2.09
N SER A 71 -0.19 4.16 3.12
CA SER A 71 -1.06 4.03 4.29
C SER A 71 -2.27 4.95 4.17
N TYR A 72 -3.45 4.36 4.06
CA TYR A 72 -4.69 5.13 3.94
C TYR A 72 -5.24 5.50 5.32
N GLU A 73 -6.14 6.48 5.34
CA GLU A 73 -6.74 6.92 6.59
C GLU A 73 -7.42 5.77 7.30
N ASP A 74 -8.47 5.23 6.68
CA ASP A 74 -9.21 4.12 7.27
C ASP A 74 -9.09 2.88 6.40
N PRO A 75 -9.31 1.70 7.02
CA PRO A 75 -9.23 0.42 6.31
C PRO A 75 -10.17 0.34 5.11
N PRO A 76 -11.41 0.83 5.30
CA PRO A 76 -12.43 0.84 4.25
C PRO A 76 -11.91 1.45 2.94
N THR A 77 -10.97 2.37 3.07
CA THR A 77 -10.39 3.03 1.90
C THR A 77 -9.23 2.22 1.33
N ALA A 78 -8.43 1.64 2.22
CA ALA A 78 -7.28 0.84 1.80
C ALA A 78 -7.73 -0.37 1.00
N LYS A 79 -8.63 -1.16 1.58
CA LYS A 79 -9.15 -2.36 0.93
C LYS A 79 -9.75 -2.01 -0.43
N ALA A 80 -10.36 -0.84 -0.53
CA ALA A 80 -10.97 -0.39 -1.77
C ALA A 80 -9.92 0.10 -2.76
N ALA A 81 -8.84 0.67 -2.23
CA ALA A 81 -7.76 1.19 -3.06
C ALA A 81 -6.96 0.05 -3.69
N VAL A 82 -6.83 -1.05 -2.95
CA VAL A 82 -6.09 -2.21 -3.43
C VAL A 82 -6.63 -2.70 -4.77
N GLU A 83 -7.90 -3.10 -4.78
CA GLU A 83 -8.53 -3.58 -6.01
C GLU A 83 -8.67 -2.45 -7.03
N TRP A 84 -8.46 -1.22 -6.58
CA TRP A 84 -8.56 -0.05 -7.46
C TRP A 84 -7.29 0.11 -8.28
N PHE A 85 -6.15 0.16 -7.61
CA PHE A 85 -4.87 0.33 -8.29
C PHE A 85 -4.29 -1.03 -8.67
N ASP A 86 -4.78 -2.09 -8.03
CA ASP A 86 -4.31 -3.44 -8.31
C ASP A 86 -4.37 -3.74 -9.79
N GLY A 87 -3.24 -3.59 -10.48
CA GLY A 87 -3.19 -3.86 -11.90
C GLY A 87 -3.23 -2.59 -12.73
N LYS A 88 -2.84 -1.48 -12.13
CA LYS A 88 -2.84 -0.20 -12.82
C LYS A 88 -1.66 -0.09 -13.78
N ASP A 89 -1.60 1.01 -14.53
CA ASP A 89 -0.52 1.22 -15.49
C ASP A 89 0.17 2.56 -15.23
N PHE A 90 1.42 2.50 -14.79
CA PHE A 90 2.19 3.70 -14.52
C PHE A 90 3.27 3.91 -15.57
N GLN A 91 2.98 4.79 -16.54
CA GLN A 91 3.92 5.08 -17.61
C GLN A 91 4.24 3.83 -18.41
N GLY A 92 3.23 2.97 -18.58
CA GLY A 92 3.43 1.74 -19.33
C GLY A 92 3.73 0.56 -18.44
N SER A 93 4.21 0.84 -17.23
CA SER A 93 4.55 -0.22 -16.28
C SER A 93 3.31 -0.70 -15.54
N LYS A 94 3.34 -1.95 -15.09
CA LYS A 94 2.21 -2.54 -14.37
C LYS A 94 2.46 -2.51 -12.87
N LEU A 95 1.48 -2.04 -12.11
CA LEU A 95 1.60 -1.97 -10.66
C LEU A 95 0.75 -3.04 -9.99
N LYS A 96 1.25 -3.58 -8.88
CA LYS A 96 0.53 -4.62 -8.15
C LYS A 96 0.29 -4.18 -6.71
N VAL A 97 -0.97 -3.87 -6.39
CA VAL A 97 -1.34 -3.45 -5.05
C VAL A 97 -1.97 -4.58 -4.26
N SER A 98 -1.55 -4.73 -3.01
CA SER A 98 -2.07 -5.80 -2.16
C SER A 98 -1.92 -5.43 -0.68
N LEU A 99 -3.00 -5.58 0.07
CA LEU A 99 -3.00 -5.25 1.49
C LEU A 99 -1.73 -5.80 2.16
N ALA A 100 -0.86 -4.89 2.59
CA ALA A 100 0.39 -5.28 3.25
C ALA A 100 0.18 -6.51 4.12
N ARG A 101 -0.63 -6.37 5.16
CA ARG A 101 -0.90 -7.47 6.08
C ARG A 101 -1.58 -8.63 5.34
N LYS A 102 -0.88 -9.75 5.24
CA LYS A 102 -1.40 -10.94 4.57
C LYS A 102 -2.24 -11.78 5.52
N LYS A 103 -3.49 -12.02 5.15
CA LYS A 103 -4.39 -12.82 5.98
C LYS A 103 -4.61 -14.20 5.36
N PRO A 104 -4.53 -15.24 6.20
CA PRO A 104 -4.72 -16.63 5.76
C PRO A 104 -6.17 -16.92 5.38
N PRO A 105 -6.38 -18.05 4.68
CA PRO A 105 -7.71 -18.47 4.24
C PRO A 105 -8.59 -18.91 5.40
N MET A 106 -8.01 -18.99 6.59
CA MET A 106 -8.74 -19.39 7.79
C MET A 106 -10.07 -18.64 7.88
N ASN A 107 -11.14 -19.31 7.48
CA ASN A 107 -12.48 -18.70 7.53
C ASN A 107 -13.55 -19.76 7.73
N SER A 108 -14.58 -19.42 8.50
CA SER A 108 -15.67 -20.35 8.77
C SER A 108 -16.90 -19.61 9.27
N GLY A 109 -18.08 -20.19 9.04
CA GLY A 109 -19.32 -19.57 9.47
C GLY A 109 -20.46 -20.54 9.51
N PRO A 110 -21.25 -20.58 8.42
CA PRO A 110 -22.41 -21.47 8.30
C PRO A 110 -22.01 -22.94 8.18
N SER A 111 -22.23 -23.69 9.25
CA SER A 111 -21.89 -25.12 9.26
C SER A 111 -23.05 -25.96 8.73
N SER A 112 -24.25 -25.68 9.22
CA SER A 112 -25.43 -26.42 8.80
C SER A 112 -25.63 -26.31 7.29
N GLY A 113 -25.47 -27.44 6.60
CA GLY A 113 -25.63 -27.46 5.16
C GLY A 113 -27.07 -27.27 4.74
N GLY A 1 -15.24 -4.60 -10.46
CA GLY A 1 -14.03 -4.17 -11.14
C GLY A 1 -13.16 -3.27 -10.28
N SER A 2 -13.81 -2.36 -9.55
CA SER A 2 -13.09 -1.43 -8.70
C SER A 2 -13.62 -1.48 -7.27
N SER A 3 -14.91 -1.21 -7.11
CA SER A 3 -15.54 -1.22 -5.80
C SER A 3 -16.28 -2.53 -5.57
N GLY A 4 -16.32 -2.98 -4.31
CA GLY A 4 -16.99 -4.23 -3.99
C GLY A 4 -17.40 -4.29 -2.53
N SER A 5 -18.67 -4.57 -2.28
CA SER A 5 -19.19 -4.66 -0.92
C SER A 5 -18.75 -5.95 -0.25
N SER A 6 -18.68 -5.93 1.08
CA SER A 6 -18.26 -7.09 1.84
C SER A 6 -19.22 -7.35 3.00
N GLY A 7 -19.22 -8.59 3.50
CA GLY A 7 -20.08 -8.95 4.60
C GLY A 7 -19.31 -9.51 5.79
N ASP A 8 -18.31 -10.34 5.50
CA ASP A 8 -17.51 -10.95 6.55
C ASP A 8 -16.87 -9.88 7.43
N PRO A 9 -16.98 -10.06 8.76
CA PRO A 9 -16.43 -9.12 9.74
C PRO A 9 -14.91 -9.14 9.77
N ASP A 10 -14.33 -8.19 10.48
CA ASP A 10 -12.87 -8.10 10.60
C ASP A 10 -12.38 -8.79 11.86
N GLU A 11 -11.49 -9.78 11.70
CA GLU A 11 -10.95 -10.51 12.83
C GLU A 11 -9.59 -9.96 13.23
N ASP A 12 -9.60 -8.93 14.08
CA ASP A 12 -8.36 -8.32 14.55
C ASP A 12 -7.40 -8.09 13.39
N SER A 13 -7.94 -7.64 12.26
CA SER A 13 -7.13 -7.38 11.07
C SER A 13 -7.15 -5.90 10.70
N ASP A 14 -6.21 -5.13 11.24
CA ASP A 14 -6.12 -3.71 10.97
C ASP A 14 -5.03 -3.41 9.95
N ASN A 15 -5.39 -3.45 8.66
CA ASN A 15 -4.43 -3.18 7.61
C ASN A 15 -4.92 -2.07 6.68
N SER A 16 -4.78 -0.83 7.13
CA SER A 16 -5.21 0.33 6.35
C SER A 16 -4.12 0.78 5.40
N ALA A 17 -3.22 -0.14 5.05
CA ALA A 17 -2.13 0.16 4.13
C ALA A 17 -2.14 -0.77 2.93
N ILE A 18 -1.54 -0.33 1.83
CA ILE A 18 -1.48 -1.13 0.62
C ILE A 18 -0.04 -1.28 0.13
N TYR A 19 0.27 -2.46 -0.40
CA TYR A 19 1.61 -2.75 -0.90
C TYR A 19 1.63 -2.72 -2.43
N VAL A 20 2.30 -1.72 -2.98
CA VAL A 20 2.41 -1.60 -4.44
C VAL A 20 3.70 -2.21 -4.96
N GLN A 21 3.62 -2.87 -6.10
CA GLN A 21 4.78 -3.50 -6.71
C GLN A 21 4.71 -3.43 -8.23
N GLY A 22 5.71 -2.81 -8.83
CA GLY A 22 5.75 -2.67 -10.28
C GLY A 22 5.97 -1.25 -10.73
N LEU A 23 6.50 -0.42 -9.84
CA LEU A 23 6.76 0.98 -10.15
C LEU A 23 8.04 1.13 -10.96
N ASN A 24 8.10 2.17 -11.79
CA ASN A 24 9.27 2.43 -12.62
C ASN A 24 10.43 2.97 -11.78
N ASP A 25 11.52 3.31 -12.45
CA ASP A 25 12.70 3.84 -11.77
C ASP A 25 12.66 5.36 -11.72
N SER A 26 11.56 5.93 -12.20
CA SER A 26 11.40 7.38 -12.22
C SER A 26 10.17 7.80 -11.40
N VAL A 27 9.70 6.90 -10.55
CA VAL A 27 8.54 7.18 -9.71
C VAL A 27 8.93 8.00 -8.49
N THR A 28 8.12 9.00 -8.17
CA THR A 28 8.38 9.86 -7.02
C THR A 28 7.22 9.82 -6.03
N LEU A 29 7.48 10.26 -4.80
CA LEU A 29 6.46 10.28 -3.76
C LEU A 29 5.25 11.09 -4.20
N ASP A 30 5.44 12.39 -4.36
CA ASP A 30 4.37 13.29 -4.79
C ASP A 30 3.59 12.69 -5.95
N ASP A 31 4.29 11.90 -6.77
CA ASP A 31 3.66 11.27 -7.92
C ASP A 31 2.74 10.13 -7.49
N LEU A 32 3.12 9.45 -6.42
CA LEU A 32 2.33 8.33 -5.90
C LEU A 32 1.24 8.83 -4.96
N ALA A 33 1.50 9.96 -4.30
CA ALA A 33 0.54 10.54 -3.37
C ALA A 33 -0.62 11.19 -4.12
N ASP A 34 -0.35 11.66 -5.33
CA ASP A 34 -1.36 12.30 -6.16
C ASP A 34 -2.17 11.27 -6.94
N PHE A 35 -1.58 10.09 -7.12
CA PHE A 35 -2.24 9.02 -7.86
C PHE A 35 -2.99 8.09 -6.91
N PHE A 36 -2.32 7.68 -5.84
CA PHE A 36 -2.92 6.80 -4.85
C PHE A 36 -4.12 7.46 -4.18
N LYS A 37 -4.16 8.79 -4.24
CA LYS A 37 -5.25 9.55 -3.63
C LYS A 37 -6.49 9.51 -4.52
N GLN A 38 -6.36 8.89 -5.69
CA GLN A 38 -7.47 8.78 -6.62
C GLN A 38 -8.68 8.11 -5.96
N CYS A 39 -8.48 6.90 -5.46
CA CYS A 39 -9.54 6.15 -4.80
C CYS A 39 -10.13 6.95 -3.64
N GLY A 40 -9.31 7.19 -2.63
CA GLY A 40 -9.76 7.94 -1.47
C GLY A 40 -8.78 9.02 -1.05
N VAL A 41 -8.40 9.00 0.22
CA VAL A 41 -7.46 9.98 0.75
C VAL A 41 -6.28 9.30 1.44
N VAL A 42 -5.07 9.73 1.09
CA VAL A 42 -3.86 9.17 1.68
C VAL A 42 -3.53 9.83 3.01
N LYS A 43 -3.32 9.01 4.04
CA LYS A 43 -2.99 9.52 5.36
C LYS A 43 -1.84 10.51 5.30
N MET A 44 -2.16 11.79 5.44
CA MET A 44 -1.14 12.84 5.41
C MET A 44 -0.79 13.31 6.81
N ASN A 45 0.48 13.21 7.17
CA ASN A 45 0.94 13.63 8.50
C ASN A 45 0.37 15.00 8.85
N LYS A 46 0.09 15.20 10.14
CA LYS A 46 -0.45 16.46 10.61
C LYS A 46 0.66 17.37 11.12
N ARG A 47 1.80 16.78 11.46
CA ARG A 47 2.94 17.54 11.95
C ARG A 47 3.93 17.84 10.82
N THR A 48 4.24 16.81 10.03
CA THR A 48 5.17 16.96 8.92
C THR A 48 4.44 17.38 7.64
N GLY A 49 3.17 17.01 7.56
CA GLY A 49 2.38 17.35 6.38
C GLY A 49 2.79 16.57 5.16
N GLN A 50 3.26 15.34 5.37
CA GLN A 50 3.69 14.49 4.27
C GLN A 50 2.89 13.19 4.22
N PRO A 51 2.79 12.60 3.03
CA PRO A 51 2.04 11.35 2.83
C PRO A 51 2.74 10.16 3.47
N MET A 52 1.94 9.22 3.97
CA MET A 52 2.49 8.02 4.61
C MET A 52 2.88 6.98 3.57
N ILE A 53 3.48 7.43 2.48
CA ILE A 53 3.90 6.54 1.41
C ILE A 53 5.38 6.20 1.52
N HIS A 54 5.72 4.95 1.21
CA HIS A 54 7.11 4.50 1.28
C HIS A 54 7.59 4.01 -0.09
N ILE A 55 8.84 4.32 -0.42
CA ILE A 55 9.41 3.91 -1.69
C ILE A 55 10.82 3.34 -1.50
N TYR A 56 10.90 2.02 -1.38
CA TYR A 56 12.19 1.35 -1.19
C TYR A 56 13.11 1.58 -2.39
N LEU A 57 14.32 2.06 -2.12
CA LEU A 57 15.28 2.32 -3.19
C LEU A 57 16.46 1.35 -3.10
N ASP A 58 16.86 0.80 -4.25
CA ASP A 58 17.97 -0.14 -4.30
C ASP A 58 19.23 0.46 -3.70
N LYS A 59 19.74 -0.18 -2.65
CA LYS A 59 20.95 0.30 -1.98
C LYS A 59 22.17 0.15 -2.88
N GLU A 60 21.96 -0.40 -4.07
CA GLU A 60 23.04 -0.61 -5.02
C GLU A 60 23.23 0.62 -5.91
N THR A 61 22.11 1.23 -6.31
CA THR A 61 22.14 2.41 -7.16
C THR A 61 21.43 3.59 -6.49
N GLY A 62 20.36 3.29 -5.77
CA GLY A 62 19.61 4.33 -5.10
C GLY A 62 18.28 4.61 -5.77
N LYS A 63 18.00 3.89 -6.85
CA LYS A 63 16.75 4.07 -7.58
C LYS A 63 15.64 3.20 -6.99
N PRO A 64 14.39 3.65 -7.15
CA PRO A 64 13.22 2.93 -6.65
C PRO A 64 12.96 1.63 -7.40
N LYS A 65 13.48 0.53 -6.88
CA LYS A 65 13.31 -0.78 -7.51
C LYS A 65 11.95 -0.87 -8.20
N GLY A 66 10.89 -0.55 -7.47
CA GLY A 66 9.56 -0.60 -8.03
C GLY A 66 8.49 -0.88 -6.99
N ASP A 67 8.92 -1.32 -5.82
CA ASP A 67 8.01 -1.64 -4.73
C ASP A 67 7.76 -0.40 -3.86
N ALA A 68 6.57 -0.32 -3.29
CA ALA A 68 6.21 0.81 -2.43
C ALA A 68 4.99 0.48 -1.56
N THR A 69 4.70 1.35 -0.60
CA THR A 69 3.58 1.15 0.30
C THR A 69 2.83 2.45 0.55
N VAL A 70 1.51 2.37 0.65
CA VAL A 70 0.68 3.54 0.90
C VAL A 70 -0.26 3.32 2.08
N SER A 71 -0.11 4.13 3.12
CA SER A 71 -0.95 4.02 4.30
C SER A 71 -2.17 4.93 4.20
N TYR A 72 -3.34 4.34 4.12
CA TYR A 72 -4.58 5.10 4.01
C TYR A 72 -5.11 5.48 5.39
N GLU A 73 -6.06 6.42 5.42
CA GLU A 73 -6.65 6.86 6.67
C GLU A 73 -7.35 5.71 7.39
N ASP A 74 -8.40 5.19 6.77
CA ASP A 74 -9.15 4.08 7.35
C ASP A 74 -8.97 2.81 6.51
N PRO A 75 -9.19 1.65 7.15
CA PRO A 75 -9.06 0.34 6.50
C PRO A 75 -9.96 0.22 5.27
N PRO A 76 -11.21 0.69 5.40
CA PRO A 76 -12.19 0.64 4.32
C PRO A 76 -11.65 1.23 3.01
N THR A 77 -10.95 2.35 3.13
CA THR A 77 -10.37 3.01 1.96
C THR A 77 -9.25 2.18 1.35
N ALA A 78 -8.40 1.63 2.21
CA ALA A 78 -7.28 0.81 1.77
C ALA A 78 -7.77 -0.37 0.93
N LYS A 79 -8.64 -1.19 1.52
CA LYS A 79 -9.19 -2.36 0.83
C LYS A 79 -9.76 -1.96 -0.53
N ALA A 80 -10.38 -0.79 -0.58
CA ALA A 80 -10.97 -0.29 -1.82
C ALA A 80 -9.91 0.17 -2.80
N ALA A 81 -8.83 0.74 -2.26
CA ALA A 81 -7.73 1.23 -3.09
C ALA A 81 -6.97 0.06 -3.72
N VAL A 82 -6.94 -1.07 -3.03
CA VAL A 82 -6.24 -2.24 -3.53
C VAL A 82 -6.80 -2.69 -4.88
N GLU A 83 -8.08 -3.06 -4.89
CA GLU A 83 -8.74 -3.50 -6.12
C GLU A 83 -8.88 -2.35 -7.10
N TRP A 84 -8.58 -1.14 -6.65
CA TRP A 84 -8.67 0.04 -7.49
C TRP A 84 -7.41 0.20 -8.33
N PHE A 85 -6.26 0.22 -7.68
CA PHE A 85 -4.99 0.36 -8.39
C PHE A 85 -4.43 -1.00 -8.80
N ASP A 86 -4.91 -2.05 -8.13
CA ASP A 86 -4.46 -3.41 -8.43
C ASP A 86 -4.54 -3.70 -9.93
N GLY A 87 -3.43 -3.50 -10.62
CA GLY A 87 -3.40 -3.74 -12.05
C GLY A 87 -3.40 -2.45 -12.86
N LYS A 88 -3.01 -1.36 -12.22
CA LYS A 88 -2.97 -0.05 -12.87
C LYS A 88 -1.72 0.07 -13.76
N ASP A 89 -1.75 1.02 -14.69
CA ASP A 89 -0.63 1.24 -15.59
C ASP A 89 0.12 2.51 -15.23
N PHE A 90 1.31 2.35 -14.64
CA PHE A 90 2.11 3.49 -14.24
C PHE A 90 3.32 3.65 -15.17
N GLN A 91 3.30 4.70 -15.97
CA GLN A 91 4.39 4.97 -16.92
C GLN A 91 4.59 3.80 -17.87
N GLY A 92 3.49 3.16 -18.24
CA GLY A 92 3.56 2.03 -19.14
C GLY A 92 3.73 0.71 -18.41
N SER A 93 4.17 0.78 -17.16
CA SER A 93 4.38 -0.42 -16.35
C SER A 93 3.12 -0.78 -15.57
N LYS A 94 3.08 -2.01 -15.07
CA LYS A 94 1.94 -2.48 -14.30
C LYS A 94 2.22 -2.40 -12.80
N LEU A 95 1.20 -2.00 -12.03
CA LEU A 95 1.34 -1.89 -10.58
C LEU A 95 0.56 -3.00 -9.88
N LYS A 96 1.16 -3.55 -8.82
CA LYS A 96 0.54 -4.62 -8.06
C LYS A 96 0.24 -4.16 -6.63
N VAL A 97 -1.02 -3.87 -6.36
CA VAL A 97 -1.44 -3.42 -5.03
C VAL A 97 -2.03 -4.58 -4.23
N SER A 98 -1.59 -4.72 -2.99
CA SER A 98 -2.08 -5.78 -2.12
C SER A 98 -2.00 -5.36 -0.65
N LEU A 99 -3.09 -5.58 0.08
CA LEU A 99 -3.14 -5.23 1.50
C LEU A 99 -1.92 -5.75 2.23
N ALA A 100 -0.99 -4.85 2.56
CA ALA A 100 0.23 -5.21 3.27
C ALA A 100 -0.07 -6.24 4.36
N ARG A 101 0.74 -7.30 4.41
CA ARG A 101 0.56 -8.36 5.40
C ARG A 101 1.74 -8.39 6.37
N LYS A 102 1.71 -7.50 7.36
CA LYS A 102 2.78 -7.44 8.35
C LYS A 102 2.63 -8.55 9.38
N LYS A 103 3.64 -8.68 10.26
CA LYS A 103 3.63 -9.71 11.29
C LYS A 103 4.68 -9.42 12.35
N PRO A 104 4.39 -9.83 13.60
CA PRO A 104 5.30 -9.63 14.72
C PRO A 104 6.56 -10.49 14.62
N PRO A 105 7.72 -9.87 14.89
CA PRO A 105 9.01 -10.56 14.82
C PRO A 105 9.18 -11.57 15.95
N MET A 106 10.18 -12.44 15.80
CA MET A 106 10.45 -13.46 16.81
C MET A 106 11.77 -14.17 16.53
N ASN A 107 12.78 -13.85 17.33
CA ASN A 107 14.10 -14.45 17.17
C ASN A 107 14.93 -14.30 18.44
N SER A 108 15.90 -15.19 18.62
CA SER A 108 16.76 -15.16 19.80
C SER A 108 18.16 -14.68 19.43
N GLY A 109 18.46 -13.42 19.76
CA GLY A 109 19.77 -12.87 19.45
C GLY A 109 20.62 -12.70 20.69
N PRO A 110 21.91 -13.06 20.58
CA PRO A 110 22.86 -12.95 21.69
C PRO A 110 23.19 -11.50 22.02
N SER A 111 23.03 -10.61 21.05
CA SER A 111 23.32 -9.20 21.24
C SER A 111 22.73 -8.70 22.56
N SER A 112 23.48 -7.84 23.24
CA SER A 112 23.04 -7.29 24.52
C SER A 112 22.24 -6.01 24.31
N GLY A 113 21.64 -5.51 25.39
CA GLY A 113 20.85 -4.29 25.30
C GLY A 113 19.71 -4.42 24.30
N GLY A 1 -5.34 -19.91 -24.24
CA GLY A 1 -5.52 -19.40 -22.90
C GLY A 1 -5.44 -17.89 -22.83
N SER A 2 -6.31 -17.28 -22.04
CA SER A 2 -6.33 -15.83 -21.90
C SER A 2 -6.12 -15.43 -20.44
N SER A 3 -7.07 -15.79 -19.60
CA SER A 3 -6.99 -15.46 -18.17
C SER A 3 -6.02 -16.39 -17.46
N GLY A 4 -4.99 -15.80 -16.84
CA GLY A 4 -4.00 -16.58 -16.14
C GLY A 4 -4.53 -17.13 -14.83
N SER A 5 -4.30 -16.39 -13.74
CA SER A 5 -4.75 -16.81 -12.42
C SER A 5 -5.12 -15.61 -11.57
N SER A 6 -6.42 -15.46 -11.32
CA SER A 6 -6.92 -14.34 -10.51
C SER A 6 -7.02 -14.73 -9.04
N GLY A 7 -7.07 -13.73 -8.17
CA GLY A 7 -7.16 -14.00 -6.74
C GLY A 7 -8.49 -13.54 -6.17
N ASP A 8 -8.57 -13.53 -4.84
CA ASP A 8 -9.79 -13.11 -4.16
C ASP A 8 -9.47 -12.32 -2.89
N PRO A 9 -10.27 -11.29 -2.63
CA PRO A 9 -10.10 -10.42 -1.45
C PRO A 9 -10.43 -11.14 -0.15
N ASP A 10 -10.15 -10.50 0.97
CA ASP A 10 -10.42 -11.08 2.28
C ASP A 10 -10.51 -9.99 3.35
N GLU A 11 -11.32 -10.24 4.37
CA GLU A 11 -11.50 -9.28 5.46
C GLU A 11 -11.07 -9.87 6.79
N ASP A 12 -9.96 -10.61 6.77
CA ASP A 12 -9.44 -11.23 7.98
C ASP A 12 -8.09 -10.64 8.36
N SER A 13 -7.98 -9.32 8.24
CA SER A 13 -6.74 -8.63 8.58
C SER A 13 -6.97 -7.12 8.67
N ASP A 14 -6.45 -6.50 9.72
CA ASP A 14 -6.60 -5.07 9.93
C ASP A 14 -5.36 -4.32 9.44
N ASN A 15 -5.44 -3.78 8.23
CA ASN A 15 -4.33 -3.04 7.65
C ASN A 15 -4.83 -1.88 6.80
N SER A 16 -4.58 -0.66 7.27
CA SER A 16 -5.01 0.54 6.56
C SER A 16 -3.97 0.96 5.54
N ALA A 17 -3.17 0.00 5.08
CA ALA A 17 -2.13 0.28 4.09
C ALA A 17 -2.19 -0.72 2.94
N ILE A 18 -1.49 -0.41 1.85
CA ILE A 18 -1.46 -1.28 0.69
C ILE A 18 -0.04 -1.45 0.16
N TYR A 19 0.27 -2.67 -0.30
CA TYR A 19 1.59 -2.97 -0.82
C TYR A 19 1.60 -2.92 -2.34
N VAL A 20 2.35 -1.96 -2.90
CA VAL A 20 2.44 -1.81 -4.35
C VAL A 20 3.76 -2.37 -4.88
N GLN A 21 3.70 -3.00 -6.04
CA GLN A 21 4.89 -3.57 -6.65
C GLN A 21 4.79 -3.54 -8.18
N GLY A 22 5.79 -2.93 -8.82
CA GLY A 22 5.79 -2.84 -10.27
C GLY A 22 6.07 -1.44 -10.76
N LEU A 23 6.50 -0.57 -9.86
CA LEU A 23 6.79 0.82 -10.20
C LEU A 23 8.13 0.93 -10.91
N ASN A 24 8.30 2.00 -11.70
CA ASN A 24 9.54 2.22 -12.43
C ASN A 24 10.59 2.86 -11.53
N ASP A 25 11.76 3.12 -12.10
CA ASP A 25 12.86 3.73 -11.36
C ASP A 25 12.76 5.25 -11.38
N SER A 26 11.75 5.75 -12.09
CA SER A 26 11.54 7.20 -12.19
C SER A 26 10.35 7.64 -11.34
N VAL A 27 9.76 6.69 -10.62
CA VAL A 27 8.62 6.98 -9.76
C VAL A 27 9.03 7.82 -8.56
N THR A 28 8.14 8.72 -8.15
CA THR A 28 8.40 9.59 -7.01
C THR A 28 7.27 9.52 -5.99
N LEU A 29 7.50 10.12 -4.83
CA LEU A 29 6.49 10.14 -3.76
C LEU A 29 5.29 10.98 -4.16
N ASP A 30 5.56 12.19 -4.62
CA ASP A 30 4.49 13.11 -5.04
C ASP A 30 3.67 12.50 -6.16
N ASP A 31 4.33 11.74 -7.03
CA ASP A 31 3.66 11.10 -8.16
C ASP A 31 2.75 9.98 -7.68
N LEU A 32 3.14 9.33 -6.58
CA LEU A 32 2.36 8.23 -6.02
C LEU A 32 1.31 8.76 -5.05
N ALA A 33 1.60 9.89 -4.42
CA ALA A 33 0.68 10.50 -3.47
C ALA A 33 -0.53 11.11 -4.18
N ASP A 34 -0.30 11.67 -5.36
CA ASP A 34 -1.37 12.27 -6.14
C ASP A 34 -2.09 11.23 -6.99
N PHE A 35 -1.45 10.08 -7.18
CA PHE A 35 -2.03 9.00 -7.97
C PHE A 35 -2.81 8.03 -7.07
N PHE A 36 -2.22 7.69 -5.94
CA PHE A 36 -2.85 6.77 -5.00
C PHE A 36 -4.06 7.42 -4.33
N LYS A 37 -4.09 8.75 -4.33
CA LYS A 37 -5.18 9.50 -3.73
C LYS A 37 -6.44 9.41 -4.59
N GLN A 38 -6.29 8.86 -5.79
CA GLN A 38 -7.41 8.72 -6.70
C GLN A 38 -8.60 8.07 -6.01
N CYS A 39 -8.36 6.90 -5.43
CA CYS A 39 -9.42 6.17 -4.73
C CYS A 39 -10.00 7.01 -3.60
N GLY A 40 -9.19 7.29 -2.59
CA GLY A 40 -9.64 8.08 -1.45
C GLY A 40 -8.63 9.13 -1.04
N VAL A 41 -8.27 9.13 0.23
CA VAL A 41 -7.31 10.10 0.75
C VAL A 41 -6.13 9.40 1.42
N VAL A 42 -4.92 9.82 1.07
CA VAL A 42 -3.71 9.23 1.63
C VAL A 42 -3.39 9.86 2.99
N LYS A 43 -3.23 9.02 4.00
CA LYS A 43 -2.91 9.49 5.35
C LYS A 43 -1.74 10.47 5.32
N MET A 44 -2.05 11.74 5.53
CA MET A 44 -1.02 12.78 5.54
C MET A 44 -0.70 13.23 6.96
N ASN A 45 0.56 13.10 7.34
CA ASN A 45 1.00 13.49 8.68
C ASN A 45 0.52 14.91 9.02
N LYS A 46 0.23 15.14 10.29
CA LYS A 46 -0.23 16.45 10.74
C LYS A 46 0.93 17.29 11.26
N ARG A 47 2.04 16.63 11.57
CA ARG A 47 3.23 17.31 12.08
C ARG A 47 4.20 17.61 10.94
N THR A 48 4.47 16.60 10.11
CA THR A 48 5.38 16.77 8.98
C THR A 48 4.64 17.20 7.73
N GLY A 49 3.36 16.85 7.65
CA GLY A 49 2.56 17.22 6.50
C GLY A 49 2.91 16.41 5.26
N GLN A 50 3.54 15.25 5.48
CA GLN A 50 3.92 14.38 4.38
C GLN A 50 3.07 13.13 4.34
N PRO A 51 2.91 12.54 3.14
CA PRO A 51 2.11 11.33 2.95
C PRO A 51 2.76 10.11 3.57
N MET A 52 1.94 9.17 4.04
CA MET A 52 2.45 7.95 4.65
C MET A 52 2.82 6.92 3.59
N ILE A 53 3.44 7.39 2.51
CA ILE A 53 3.85 6.51 1.43
C ILE A 53 5.33 6.15 1.54
N HIS A 54 5.64 4.88 1.32
CA HIS A 54 7.02 4.40 1.40
C HIS A 54 7.50 3.90 0.04
N ILE A 55 8.72 4.28 -0.32
CA ILE A 55 9.29 3.87 -1.60
C ILE A 55 10.71 3.34 -1.41
N TYR A 56 10.83 2.03 -1.27
CA TYR A 56 12.13 1.40 -1.08
C TYR A 56 13.05 1.68 -2.27
N LEU A 57 14.22 2.24 -1.98
CA LEU A 57 15.20 2.57 -3.02
C LEU A 57 16.40 1.63 -2.95
N ASP A 58 16.83 1.15 -4.12
CA ASP A 58 17.97 0.24 -4.18
C ASP A 58 19.20 0.87 -3.54
N LYS A 59 19.82 0.14 -2.62
CA LYS A 59 21.00 0.62 -1.93
C LYS A 59 22.23 0.56 -2.84
N GLU A 60 22.03 0.09 -4.06
CA GLU A 60 23.11 -0.01 -5.03
C GLU A 60 23.17 1.23 -5.91
N THR A 61 22.01 1.83 -6.16
CA THR A 61 21.92 3.02 -6.99
C THR A 61 21.15 4.13 -6.29
N GLY A 62 20.14 3.74 -5.53
CA GLY A 62 19.33 4.72 -4.81
C GLY A 62 18.02 5.03 -5.51
N LYS A 63 17.70 4.24 -6.52
CA LYS A 63 16.47 4.43 -7.28
C LYS A 63 15.37 3.53 -6.75
N PRO A 64 14.10 3.93 -6.98
CA PRO A 64 12.93 3.16 -6.54
C PRO A 64 12.76 1.86 -7.32
N LYS A 65 13.39 0.80 -6.83
CA LYS A 65 13.31 -0.50 -7.48
C LYS A 65 11.96 -0.68 -8.18
N GLY A 66 10.87 -0.47 -7.44
CA GLY A 66 9.55 -0.60 -8.00
C GLY A 66 8.50 -0.91 -6.95
N ASP A 67 8.94 -1.31 -5.77
CA ASP A 67 8.03 -1.63 -4.68
C ASP A 67 7.74 -0.40 -3.82
N ALA A 68 6.60 -0.41 -3.15
CA ALA A 68 6.21 0.71 -2.30
C ALA A 68 5.01 0.34 -1.44
N THR A 69 4.70 1.20 -0.47
CA THR A 69 3.57 0.96 0.43
C THR A 69 2.84 2.26 0.74
N VAL A 70 1.53 2.29 0.48
CA VAL A 70 0.73 3.47 0.74
C VAL A 70 -0.22 3.25 1.91
N SER A 71 -0.09 4.08 2.93
CA SER A 71 -0.94 3.96 4.12
C SER A 71 -2.13 4.91 4.03
N TYR A 72 -3.32 4.34 3.94
CA TYR A 72 -4.55 5.13 3.85
C TYR A 72 -5.08 5.48 5.23
N GLU A 73 -5.96 6.48 5.28
CA GLU A 73 -6.54 6.92 6.55
C GLU A 73 -7.24 5.76 7.26
N ASP A 74 -8.33 5.29 6.66
CA ASP A 74 -9.10 4.18 7.24
C ASP A 74 -8.98 2.93 6.37
N PRO A 75 -9.22 1.77 6.99
CA PRO A 75 -9.14 0.48 6.30
C PRO A 75 -10.07 0.41 5.09
N PRO A 76 -11.29 0.91 5.26
CA PRO A 76 -12.31 0.93 4.18
C PRO A 76 -11.76 1.51 2.89
N THR A 77 -10.83 2.46 3.01
CA THR A 77 -10.23 3.10 1.85
C THR A 77 -9.07 2.28 1.30
N ALA A 78 -8.30 1.68 2.20
CA ALA A 78 -7.17 0.85 1.79
C ALA A 78 -7.62 -0.38 1.02
N LYS A 79 -8.63 -1.06 1.54
CA LYS A 79 -9.16 -2.27 0.89
C LYS A 79 -9.76 -1.92 -0.47
N ALA A 80 -10.38 -0.75 -0.56
CA ALA A 80 -10.98 -0.31 -1.81
C ALA A 80 -9.92 0.18 -2.79
N ALA A 81 -8.84 0.73 -2.26
CA ALA A 81 -7.74 1.23 -3.09
C ALA A 81 -6.98 0.09 -3.75
N VAL A 82 -6.92 -1.05 -3.06
CA VAL A 82 -6.22 -2.22 -3.58
C VAL A 82 -6.79 -2.64 -4.93
N GLU A 83 -8.06 -3.05 -4.94
CA GLU A 83 -8.71 -3.48 -6.16
C GLU A 83 -8.83 -2.33 -7.15
N TRP A 84 -8.54 -1.12 -6.67
CA TRP A 84 -8.61 0.06 -7.52
C TRP A 84 -7.35 0.21 -8.36
N PHE A 85 -6.20 0.21 -7.69
CA PHE A 85 -4.92 0.34 -8.38
C PHE A 85 -4.36 -1.03 -8.77
N ASP A 86 -4.95 -2.07 -8.20
CA ASP A 86 -4.52 -3.44 -8.49
C ASP A 86 -4.66 -3.75 -9.97
N GLY A 87 -3.57 -3.58 -10.72
CA GLY A 87 -3.60 -3.85 -12.14
C GLY A 87 -3.53 -2.59 -12.98
N LYS A 88 -3.46 -1.44 -12.30
CA LYS A 88 -3.40 -0.16 -12.99
C LYS A 88 -2.15 -0.07 -13.86
N ASP A 89 -2.04 1.01 -14.63
CA ASP A 89 -0.90 1.21 -15.50
C ASP A 89 -0.18 2.51 -15.16
N PHE A 90 1.10 2.40 -14.81
CA PHE A 90 1.89 3.58 -14.46
C PHE A 90 3.07 3.74 -15.43
N GLN A 91 2.94 4.72 -16.33
CA GLN A 91 3.99 4.99 -17.31
C GLN A 91 4.19 3.79 -18.23
N GLY A 92 3.14 2.98 -18.39
CA GLY A 92 3.22 1.82 -19.24
C GLY A 92 3.50 0.54 -18.46
N SER A 93 3.96 0.71 -17.22
CA SER A 93 4.28 -0.43 -16.37
C SER A 93 3.12 -0.76 -15.43
N LYS A 94 2.68 -2.01 -15.46
CA LYS A 94 1.58 -2.45 -14.61
C LYS A 94 2.00 -2.50 -13.15
N LEU A 95 1.10 -2.08 -12.27
CA LEU A 95 1.37 -2.07 -10.83
C LEU A 95 0.56 -3.15 -10.12
N LYS A 96 1.11 -3.66 -9.01
CA LYS A 96 0.42 -4.69 -8.23
C LYS A 96 0.20 -4.23 -6.79
N VAL A 97 -1.04 -3.94 -6.45
CA VAL A 97 -1.38 -3.50 -5.11
C VAL A 97 -2.05 -4.61 -4.31
N SER A 98 -1.63 -4.78 -3.06
CA SER A 98 -2.18 -5.80 -2.20
C SER A 98 -2.03 -5.43 -0.72
N LEU A 99 -3.14 -5.47 0.01
CA LEU A 99 -3.13 -5.13 1.43
C LEU A 99 -1.89 -5.69 2.12
N ALA A 100 -1.12 -4.81 2.74
CA ALA A 100 0.10 -5.21 3.44
C ALA A 100 -0.21 -6.25 4.51
N ARG A 101 0.50 -7.38 4.46
CA ARG A 101 0.29 -8.44 5.43
C ARG A 101 1.35 -8.39 6.52
N LYS A 102 1.02 -7.75 7.63
CA LYS A 102 1.95 -7.63 8.75
C LYS A 102 1.62 -8.65 9.84
N LYS A 103 1.05 -9.78 9.44
CA LYS A 103 0.69 -10.83 10.38
C LYS A 103 1.38 -12.14 10.03
N PRO A 104 1.94 -12.82 11.05
CA PRO A 104 2.63 -14.09 10.87
C PRO A 104 1.68 -15.23 10.51
N PRO A 105 2.21 -16.23 9.79
CA PRO A 105 1.42 -17.40 9.36
C PRO A 105 1.05 -18.30 10.53
N MET A 106 1.62 -18.01 11.70
CA MET A 106 1.35 -18.81 12.89
C MET A 106 0.24 -18.16 13.74
N ASN A 107 -0.82 -18.91 14.00
CA ASN A 107 -1.93 -18.41 14.78
C ASN A 107 -2.13 -19.23 16.05
N SER A 108 -2.33 -20.54 15.87
CA SER A 108 -2.52 -21.44 16.99
C SER A 108 -1.19 -22.01 17.48
N GLY A 109 -0.78 -21.59 18.66
CA GLY A 109 0.48 -22.07 19.21
C GLY A 109 0.31 -22.73 20.57
N PRO A 110 0.51 -21.96 21.64
CA PRO A 110 0.37 -22.45 23.02
C PRO A 110 -1.07 -22.76 23.38
N SER A 111 -1.56 -23.92 22.96
CA SER A 111 -2.93 -24.32 23.25
C SER A 111 -2.97 -25.73 23.85
N SER A 112 -3.39 -25.80 25.11
CA SER A 112 -3.48 -27.08 25.81
C SER A 112 -2.14 -27.83 25.73
N GLY A 113 -1.06 -27.13 26.02
CA GLY A 113 0.26 -27.74 25.97
C GLY A 113 1.12 -27.37 27.17
N GLY A 1 -1.72 -17.60 31.64
CA GLY A 1 -1.35 -16.23 31.95
C GLY A 1 -0.27 -15.70 31.02
N SER A 2 0.92 -16.26 31.12
CA SER A 2 2.04 -15.83 30.28
C SER A 2 2.60 -16.99 29.49
N SER A 3 3.02 -18.05 30.19
CA SER A 3 3.58 -19.23 29.54
C SER A 3 2.55 -19.90 28.65
N GLY A 4 2.95 -20.27 27.44
CA GLY A 4 2.04 -20.92 26.52
C GLY A 4 2.60 -20.98 25.11
N SER A 5 1.98 -20.25 24.19
CA SER A 5 2.41 -20.22 22.80
C SER A 5 3.05 -18.89 22.45
N SER A 6 3.65 -18.81 21.27
CA SER A 6 4.30 -17.60 20.81
C SER A 6 3.49 -16.36 21.20
N GLY A 7 2.27 -16.29 20.69
CA GLY A 7 1.40 -15.16 20.99
C GLY A 7 1.55 -14.03 19.99
N ASP A 8 1.61 -12.81 20.50
CA ASP A 8 1.76 -11.63 19.64
C ASP A 8 0.75 -11.67 18.50
N PRO A 9 -0.54 -11.80 18.85
CA PRO A 9 -1.63 -11.86 17.87
C PRO A 9 -1.86 -10.52 17.18
N ASP A 10 -2.95 -10.42 16.43
CA ASP A 10 -3.28 -9.18 15.72
C ASP A 10 -4.29 -8.36 16.51
N GLU A 11 -4.09 -8.29 17.83
CA GLU A 11 -4.98 -7.53 18.70
C GLU A 11 -4.93 -6.05 18.37
N ASP A 12 -6.06 -5.37 18.52
CA ASP A 12 -6.15 -3.94 18.24
C ASP A 12 -5.26 -3.57 17.05
N SER A 13 -5.26 -4.42 16.03
CA SER A 13 -4.46 -4.18 14.84
C SER A 13 -5.34 -4.05 13.60
N ASP A 14 -4.98 -3.12 12.72
CA ASP A 14 -5.73 -2.89 11.50
C ASP A 14 -4.81 -2.80 10.29
N ASN A 15 -5.32 -3.16 9.12
CA ASN A 15 -4.54 -3.11 7.89
C ASN A 15 -5.08 -2.06 6.93
N SER A 16 -4.71 -0.80 7.16
CA SER A 16 -5.16 0.30 6.33
C SER A 16 -4.08 0.70 5.32
N ALA A 17 -3.13 -0.20 5.10
CA ALA A 17 -2.04 0.06 4.16
C ALA A 17 -2.08 -0.91 2.99
N ILE A 18 -1.44 -0.52 1.89
CA ILE A 18 -1.40 -1.37 0.69
C ILE A 18 0.02 -1.50 0.16
N TYR A 19 0.36 -2.68 -0.33
CA TYR A 19 1.69 -2.93 -0.87
C TYR A 19 1.68 -2.83 -2.40
N VAL A 20 2.44 -1.87 -2.93
CA VAL A 20 2.52 -1.68 -4.37
C VAL A 20 3.80 -2.25 -4.93
N GLN A 21 3.72 -2.84 -6.12
CA GLN A 21 4.89 -3.43 -6.77
C GLN A 21 4.77 -3.34 -8.29
N GLY A 22 5.76 -2.71 -8.91
CA GLY A 22 5.74 -2.56 -10.36
C GLY A 22 5.97 -1.14 -10.80
N LEU A 23 6.51 -0.31 -9.90
CA LEU A 23 6.78 1.09 -10.21
C LEU A 23 8.08 1.24 -11.00
N ASN A 24 8.18 2.32 -11.77
CA ASN A 24 9.37 2.58 -12.57
C ASN A 24 10.47 3.21 -11.72
N ASP A 25 11.65 3.32 -12.30
CA ASP A 25 12.79 3.91 -11.60
C ASP A 25 12.71 5.44 -11.62
N SER A 26 11.60 5.96 -12.13
CA SER A 26 11.41 7.40 -12.22
C SER A 26 10.18 7.84 -11.42
N VAL A 27 9.69 6.94 -10.58
CA VAL A 27 8.52 7.22 -9.75
C VAL A 27 8.91 8.07 -8.54
N THR A 28 8.07 9.06 -8.23
CA THR A 28 8.32 9.94 -7.11
C THR A 28 7.17 9.88 -6.10
N LEU A 29 7.46 10.24 -4.85
CA LEU A 29 6.46 10.22 -3.80
C LEU A 29 5.22 11.03 -4.20
N ASP A 30 5.42 12.32 -4.46
CA ASP A 30 4.32 13.19 -4.87
C ASP A 30 3.56 12.59 -6.04
N ASP A 31 4.27 11.89 -6.91
CA ASP A 31 3.66 11.26 -8.08
C ASP A 31 2.73 10.11 -7.65
N LEU A 32 3.06 9.47 -6.54
CA LEU A 32 2.27 8.36 -6.03
C LEU A 32 1.17 8.86 -5.09
N ALA A 33 1.44 9.97 -4.41
CA ALA A 33 0.48 10.55 -3.49
C ALA A 33 -0.70 11.16 -4.24
N ASP A 34 -0.44 11.71 -5.41
CA ASP A 34 -1.48 12.33 -6.22
C ASP A 34 -2.26 11.27 -6.99
N PHE A 35 -1.67 10.09 -7.13
CA PHE A 35 -2.30 9.00 -7.85
C PHE A 35 -3.09 8.11 -6.90
N PHE A 36 -2.43 7.64 -5.85
CA PHE A 36 -3.07 6.78 -4.85
C PHE A 36 -4.26 7.48 -4.21
N LYS A 37 -4.26 8.80 -4.28
CA LYS A 37 -5.36 9.59 -3.71
C LYS A 37 -6.60 9.53 -4.59
N GLN A 38 -6.46 8.89 -5.75
CA GLN A 38 -7.58 8.75 -6.67
C GLN A 38 -8.75 8.03 -6.01
N CYS A 39 -8.49 6.82 -5.51
CA CYS A 39 -9.52 6.03 -4.85
C CYS A 39 -10.14 6.80 -3.68
N GLY A 40 -9.31 7.10 -2.68
CA GLY A 40 -9.79 7.83 -1.51
C GLY A 40 -8.84 8.91 -1.09
N VAL A 41 -8.46 8.90 0.19
CA VAL A 41 -7.54 9.90 0.73
C VAL A 41 -6.33 9.25 1.39
N VAL A 42 -5.15 9.76 1.07
CA VAL A 42 -3.91 9.23 1.64
C VAL A 42 -3.59 9.88 2.98
N LYS A 43 -3.31 9.05 3.99
CA LYS A 43 -2.99 9.54 5.31
C LYS A 43 -1.81 10.50 5.26
N MET A 44 -2.08 11.79 5.44
CA MET A 44 -1.04 12.80 5.42
C MET A 44 -0.70 13.27 6.84
N ASN A 45 0.57 13.20 7.19
CA ASN A 45 1.03 13.61 8.52
C ASN A 45 0.51 15.00 8.86
N LYS A 46 0.27 15.25 10.14
CA LYS A 46 -0.22 16.55 10.60
C LYS A 46 0.94 17.44 11.04
N ARG A 47 2.08 16.83 11.30
CA ARG A 47 3.27 17.57 11.74
C ARG A 47 4.20 17.85 10.57
N THR A 48 4.48 16.81 9.78
CA THR A 48 5.35 16.95 8.61
C THR A 48 4.56 17.30 7.36
N GLY A 49 3.25 17.07 7.41
CA GLY A 49 2.40 17.37 6.27
C GLY A 49 2.77 16.56 5.04
N GLN A 50 3.34 15.39 5.27
CA GLN A 50 3.74 14.52 4.17
C GLN A 50 2.93 13.23 4.16
N PRO A 51 2.78 12.62 2.97
CA PRO A 51 2.03 11.38 2.80
C PRO A 51 2.73 10.18 3.43
N MET A 52 1.95 9.24 3.95
CA MET A 52 2.49 8.05 4.58
C MET A 52 2.88 7.01 3.52
N ILE A 53 3.48 7.47 2.43
CA ILE A 53 3.90 6.58 1.35
C ILE A 53 5.39 6.26 1.46
N HIS A 54 5.72 5.00 1.27
CA HIS A 54 7.11 4.55 1.33
C HIS A 54 7.58 4.04 -0.03
N ILE A 55 8.84 4.33 -0.36
CA ILE A 55 9.41 3.90 -1.63
C ILE A 55 10.81 3.32 -1.43
N TYR A 56 10.88 2.01 -1.29
CA TYR A 56 12.16 1.33 -1.09
C TYR A 56 13.09 1.58 -2.27
N LEU A 57 14.29 2.09 -1.98
CA LEU A 57 15.28 2.37 -3.01
C LEU A 57 16.44 1.39 -2.94
N ASP A 58 16.86 0.90 -4.10
CA ASP A 58 17.98 -0.04 -4.18
C ASP A 58 19.21 0.51 -3.48
N LYS A 59 19.83 -0.31 -2.64
CA LYS A 59 21.03 0.10 -1.92
C LYS A 59 22.27 0.01 -2.80
N GLU A 60 22.08 -0.53 -4.01
CA GLU A 60 23.18 -0.68 -4.95
C GLU A 60 23.20 0.48 -5.96
N THR A 61 22.04 1.11 -6.15
CA THR A 61 21.92 2.22 -7.09
C THR A 61 21.27 3.42 -6.41
N GLY A 62 20.31 3.15 -5.53
CA GLY A 62 19.62 4.23 -4.83
C GLY A 62 18.30 4.59 -5.49
N LYS A 63 18.01 3.95 -6.62
CA LYS A 63 16.77 4.21 -7.35
C LYS A 63 15.64 3.34 -6.80
N PRO A 64 14.39 3.80 -7.01
CA PRO A 64 13.19 3.08 -6.54
C PRO A 64 12.96 1.80 -7.33
N LYS A 65 13.50 0.69 -6.83
CA LYS A 65 13.35 -0.59 -7.48
C LYS A 65 12.00 -0.69 -8.19
N GLY A 66 10.93 -0.39 -7.46
CA GLY A 66 9.61 -0.44 -8.05
C GLY A 66 8.54 -0.75 -7.02
N ASP A 67 8.96 -1.16 -5.83
CA ASP A 67 8.03 -1.49 -4.76
C ASP A 67 7.80 -0.28 -3.85
N ALA A 68 6.63 -0.24 -3.22
CA ALA A 68 6.29 0.86 -2.33
C ALA A 68 5.07 0.51 -1.47
N THR A 69 4.74 1.38 -0.52
CA THR A 69 3.61 1.16 0.36
C THR A 69 2.84 2.46 0.59
N VAL A 70 1.51 2.35 0.63
CA VAL A 70 0.65 3.51 0.84
C VAL A 70 -0.27 3.30 2.03
N SER A 71 -0.12 4.13 3.05
CA SER A 71 -0.94 4.03 4.26
C SER A 71 -2.16 4.95 4.16
N TYR A 72 -3.34 4.34 4.05
CA TYR A 72 -4.58 5.09 3.95
C TYR A 72 -5.11 5.45 5.33
N GLU A 73 -6.00 6.44 5.38
CA GLU A 73 -6.60 6.87 6.64
C GLU A 73 -7.25 5.70 7.36
N ASP A 74 -8.32 5.16 6.78
CA ASP A 74 -9.03 4.03 7.37
C ASP A 74 -8.91 2.80 6.48
N PRO A 75 -9.09 1.62 7.09
CA PRO A 75 -9.01 0.34 6.38
C PRO A 75 -10.00 0.26 5.23
N PRO A 76 -11.23 0.72 5.47
CA PRO A 76 -12.30 0.71 4.46
C PRO A 76 -11.85 1.32 3.14
N THR A 77 -10.87 2.23 3.21
CA THR A 77 -10.36 2.88 2.02
C THR A 77 -9.21 2.10 1.41
N ALA A 78 -8.34 1.57 2.27
CA ALA A 78 -7.19 0.79 1.81
C ALA A 78 -7.65 -0.44 1.03
N LYS A 79 -8.62 -1.17 1.59
CA LYS A 79 -9.13 -2.37 0.95
C LYS A 79 -9.75 -2.04 -0.41
N ALA A 80 -10.41 -0.88 -0.50
CA ALA A 80 -11.04 -0.45 -1.74
C ALA A 80 -10.00 0.04 -2.74
N ALA A 81 -8.94 0.66 -2.22
CA ALA A 81 -7.88 1.19 -3.07
C ALA A 81 -7.09 0.05 -3.70
N VAL A 82 -6.96 -1.06 -2.98
CA VAL A 82 -6.22 -2.22 -3.46
C VAL A 82 -6.78 -2.69 -4.81
N GLU A 83 -8.06 -3.06 -4.83
CA GLU A 83 -8.70 -3.53 -6.05
C GLU A 83 -8.83 -2.39 -7.06
N TRP A 84 -8.63 -1.16 -6.60
CA TRP A 84 -8.72 0.01 -7.47
C TRP A 84 -7.45 0.16 -8.31
N PHE A 85 -6.31 0.22 -7.64
CA PHE A 85 -5.03 0.37 -8.32
C PHE A 85 -4.46 -0.98 -8.73
N ASP A 86 -5.02 -2.04 -8.15
CA ASP A 86 -4.57 -3.40 -8.45
C ASP A 86 -4.64 -3.68 -9.94
N GLY A 87 -3.53 -3.44 -10.64
CA GLY A 87 -3.48 -3.67 -12.07
C GLY A 87 -3.51 -2.38 -12.87
N LYS A 88 -3.12 -1.28 -12.23
CA LYS A 88 -3.09 0.02 -12.88
C LYS A 88 -1.87 0.14 -13.79
N ASP A 89 -1.79 1.27 -14.49
CA ASP A 89 -0.67 1.51 -15.40
C ASP A 89 0.06 2.81 -15.03
N PHE A 90 1.36 2.70 -14.80
CA PHE A 90 2.17 3.85 -14.44
C PHE A 90 3.39 3.97 -15.35
N GLN A 91 3.30 4.86 -16.34
CA GLN A 91 4.39 5.08 -17.28
C GLN A 91 4.67 3.81 -18.09
N GLY A 92 3.61 3.06 -18.38
CA GLY A 92 3.76 1.84 -19.14
C GLY A 92 4.17 0.66 -18.29
N SER A 93 3.95 0.78 -16.98
CA SER A 93 4.32 -0.28 -16.05
C SER A 93 3.12 -0.68 -15.19
N LYS A 94 2.86 -1.98 -15.12
CA LYS A 94 1.74 -2.51 -14.34
C LYS A 94 2.07 -2.47 -12.85
N LEU A 95 1.14 -1.95 -12.05
CA LEU A 95 1.32 -1.86 -10.61
C LEU A 95 0.47 -2.90 -9.89
N LYS A 96 1.09 -3.60 -8.93
CA LYS A 96 0.38 -4.62 -8.18
C LYS A 96 0.11 -4.15 -6.75
N VAL A 97 -1.16 -3.96 -6.42
CA VAL A 97 -1.55 -3.51 -5.08
C VAL A 97 -2.19 -4.63 -4.29
N SER A 98 -1.73 -4.83 -3.05
CA SER A 98 -2.26 -5.88 -2.19
C SER A 98 -2.01 -5.54 -0.72
N LEU A 99 -3.05 -5.66 0.09
CA LEU A 99 -2.95 -5.37 1.51
C LEU A 99 -1.63 -5.89 2.07
N ALA A 100 -0.96 -5.06 2.87
CA ALA A 100 0.31 -5.43 3.47
C ALA A 100 0.10 -6.43 4.60
N ARG A 101 1.04 -7.37 4.73
CA ARG A 101 0.96 -8.38 5.77
C ARG A 101 -0.30 -9.23 5.62
N LYS A 102 -0.71 -9.46 4.38
CA LYS A 102 -1.91 -10.24 4.10
C LYS A 102 -1.70 -11.12 2.87
N LYS A 103 -1.91 -12.42 3.04
CA LYS A 103 -1.75 -13.37 1.95
C LYS A 103 -2.39 -14.72 2.29
N PRO A 104 -3.13 -15.29 1.33
CA PRO A 104 -3.80 -16.58 1.51
C PRO A 104 -2.82 -17.74 1.58
N PRO A 105 -2.86 -18.50 2.68
CA PRO A 105 -1.99 -19.66 2.90
C PRO A 105 -2.32 -20.81 1.96
N MET A 106 -3.52 -20.78 1.39
CA MET A 106 -3.95 -21.82 0.47
C MET A 106 -4.46 -21.23 -0.84
N ASN A 107 -4.30 -21.98 -1.93
CA ASN A 107 -4.73 -21.52 -3.24
C ASN A 107 -4.61 -22.64 -4.27
N SER A 108 -5.37 -22.52 -5.35
CA SER A 108 -5.34 -23.52 -6.41
C SER A 108 -3.92 -23.82 -6.85
N GLY A 109 -3.14 -22.76 -7.05
CA GLY A 109 -1.76 -22.93 -7.46
C GLY A 109 -1.02 -21.60 -7.57
N PRO A 110 0.05 -21.59 -8.38
CA PRO A 110 0.86 -20.38 -8.58
C PRO A 110 0.12 -19.31 -9.39
N SER A 111 -0.29 -18.25 -8.70
CA SER A 111 -1.02 -17.16 -9.35
C SER A 111 -0.49 -16.93 -10.77
N SER A 112 0.77 -16.52 -10.86
CA SER A 112 1.39 -16.26 -12.15
C SER A 112 1.98 -17.53 -12.74
N GLY A 113 2.07 -17.57 -14.06
CA GLY A 113 2.61 -18.74 -14.73
C GLY A 113 2.35 -18.74 -16.23
#